data_4HJ5
# 
_entry.id   4HJ5 
# 
_audit_conform.dict_name       mmcif_pdbx.dic 
_audit_conform.dict_version    5.379 
_audit_conform.dict_location   http://mmcif.pdb.org/dictionaries/ascii/mmcif_pdbx.dic 
# 
loop_
_database_2.database_id 
_database_2.database_code 
_database_2.pdbx_database_accession 
_database_2.pdbx_DOI 
PDB   4HJ5         pdb_00004hj5 10.2210/pdb4hj5/pdb 
NDB   NA2079       ?            ?                   
RCSB  RCSB075530   ?            ?                   
WWPDB D_1000075530 ?            ?                   
# 
loop_
_pdbx_database_related.db_name 
_pdbx_database_related.db_id 
_pdbx_database_related.details 
_pdbx_database_related.content_type 
PDB 4HIO 'The same protein bound to a different ssDNA sequence' unspecified 
PDB 4HIM 'The same protein bound to a different ssDNA sequence' unspecified 
PDB 4HIK 'The same protein bound to a different ssDNA sequence' unspecified 
PDB 4HID 'The same protein bound to a different ssDNA sequence' unspecified 
PDB 4HJ7 'The same protein bound to a different ssDNA sequence' unspecified 
PDB 4HJ8 'The same protein bound to a different ssDNA sequence' unspecified 
PDB 4HJ9 'The same protein bound to a different ssDNA sequence' unspecified 
PDB 4HJA 'The same protein bound to a different ssDNA sequence' unspecified 
# 
_pdbx_database_status.entry_id                        4HJ5 
_pdbx_database_status.status_code                     REL 
_pdbx_database_status.deposit_site                    RCSB 
_pdbx_database_status.process_site                    RCSB 
_pdbx_database_status.recvd_initial_deposition_date   2012-10-12 
_pdbx_database_status.status_code_sf                  REL 
_pdbx_database_status.status_code_mr                  ? 
_pdbx_database_status.SG_entry                        ? 
_pdbx_database_status.status_code_cs                  ? 
_pdbx_database_status.methods_development_category    ? 
_pdbx_database_status.pdb_format_compatible           Y 
_pdbx_database_status.status_code_nmr_data            ? 
# 
loop_
_audit_author.name 
_audit_author.pdbx_ordinal 
'Dickey, T.H.' 1 
'Wuttke, D.S.' 2 
# 
_citation.id                        primary 
_citation.title                     'Nonspecific Recognition Is Achieved in Pot1pC through the Use of Multiple Binding Modes.' 
_citation.journal_abbrev            Structure 
_citation.journal_volume            21 
_citation.page_first                121 
_citation.page_last                 132 
_citation.year                      2013 
_citation.journal_id_ASTM           STRUE6 
_citation.country                   UK 
_citation.journal_id_ISSN           0969-2126 
_citation.journal_id_CSD            2005 
_citation.book_publisher            ? 
_citation.pdbx_database_id_PubMed   23201273 
_citation.pdbx_database_id_DOI      10.1016/j.str.2012.10.015 
# 
loop_
_citation_author.citation_id 
_citation_author.name 
_citation_author.ordinal 
_citation_author.identifier_ORCID 
primary 'Dickey, T.H.'    1 ? 
primary 'McKercher, M.A.' 2 ? 
primary 'Wuttke, D.S.'    3 ? 
# 
_cell.length_a           40.873 
_cell.length_b           59.244 
_cell.length_c           65.763 
_cell.angle_alpha        90.000 
_cell.angle_beta         90.000 
_cell.angle_gamma        90.000 
_cell.entry_id           4HJ5 
_cell.pdbx_unique_axis   ? 
_cell.Z_PDB              4 
_cell.length_a_esd       ? 
_cell.length_b_esd       ? 
_cell.length_c_esd       ? 
_cell.angle_alpha_esd    ? 
_cell.angle_beta_esd     ? 
_cell.angle_gamma_esd    ? 
# 
_symmetry.space_group_name_H-M             'P 21 21 21' 
_symmetry.entry_id                         4HJ5 
_symmetry.Int_Tables_number                19 
_symmetry.pdbx_full_space_group_name_H-M   ? 
_symmetry.cell_setting                     ? 
_symmetry.space_group_name_Hall            ? 
# 
loop_
_entity.id 
_entity.type 
_entity.src_method 
_entity.pdbx_description 
_entity.formula_weight 
_entity.pdbx_number_of_molecules 
_entity.pdbx_ec 
_entity.pdbx_mutation 
_entity.pdbx_fragment 
_entity.details 
1 polymer man 'Protection of telomeres protein 1'         17182.414 1  ? V199D 
'Pot1pC, partial DNA binding domain, residues 198-339' ?                                            
2 polymer syn 
;DNA (5'-D(*GP*GP*TP*TP*TP*CP*GP*GP*T)-3')
;
2777.819  1  ? ?     ?                                                      'telomeric single-stranded DNA, A5T variant' 
3 water   nat water                                       18.015    93 ? ?     ? ?                                            
# 
loop_
_entity_poly.entity_id 
_entity_poly.type 
_entity_poly.nstd_linkage 
_entity_poly.nstd_monomer 
_entity_poly.pdbx_seq_one_letter_code 
_entity_poly.pdbx_seq_one_letter_code_can 
_entity_poly.pdbx_strand_id 
_entity_poly.pdbx_target_identifier 
1 'polypeptide(L)'        no no 
;MSDSFSLLSQITPHQRCSFYAQVIKTWYSDKNFTLYVTDYTENELFFPMSPYTSSSRWRGPFGRFSIRCILWDEHDFYCR
NYIKEGDYVVMKNVRTKIDHLGYLECILHGDSAKRYNMSIEKVDSEEPELNEIKSRKRLYVQN
;
;MSDSFSLLSQITPHQRCSFYAQVIKTWYSDKNFTLYVTDYTENELFFPMSPYTSSSRWRGPFGRFSIRCILWDEHDFYCR
NYIKEGDYVVMKNVRTKIDHLGYLECILHGDSAKRYNMSIEKVDSEEPELNEIKSRKRLYVQN
;
A ? 
2 polydeoxyribonucleotide no no '(DG)(DG)(DT)(DT)(DT)(DC)(DG)(DG)(DT)' GGTTTCGGT B ? 
# 
loop_
_entity_poly_seq.entity_id 
_entity_poly_seq.num 
_entity_poly_seq.mon_id 
_entity_poly_seq.hetero 
1 1   MET n 
1 2   SER n 
1 3   ASP n 
1 4   SER n 
1 5   PHE n 
1 6   SER n 
1 7   LEU n 
1 8   LEU n 
1 9   SER n 
1 10  GLN n 
1 11  ILE n 
1 12  THR n 
1 13  PRO n 
1 14  HIS n 
1 15  GLN n 
1 16  ARG n 
1 17  CYS n 
1 18  SER n 
1 19  PHE n 
1 20  TYR n 
1 21  ALA n 
1 22  GLN n 
1 23  VAL n 
1 24  ILE n 
1 25  LYS n 
1 26  THR n 
1 27  TRP n 
1 28  TYR n 
1 29  SER n 
1 30  ASP n 
1 31  LYS n 
1 32  ASN n 
1 33  PHE n 
1 34  THR n 
1 35  LEU n 
1 36  TYR n 
1 37  VAL n 
1 38  THR n 
1 39  ASP n 
1 40  TYR n 
1 41  THR n 
1 42  GLU n 
1 43  ASN n 
1 44  GLU n 
1 45  LEU n 
1 46  PHE n 
1 47  PHE n 
1 48  PRO n 
1 49  MET n 
1 50  SER n 
1 51  PRO n 
1 52  TYR n 
1 53  THR n 
1 54  SER n 
1 55  SER n 
1 56  SER n 
1 57  ARG n 
1 58  TRP n 
1 59  ARG n 
1 60  GLY n 
1 61  PRO n 
1 62  PHE n 
1 63  GLY n 
1 64  ARG n 
1 65  PHE n 
1 66  SER n 
1 67  ILE n 
1 68  ARG n 
1 69  CYS n 
1 70  ILE n 
1 71  LEU n 
1 72  TRP n 
1 73  ASP n 
1 74  GLU n 
1 75  HIS n 
1 76  ASP n 
1 77  PHE n 
1 78  TYR n 
1 79  CYS n 
1 80  ARG n 
1 81  ASN n 
1 82  TYR n 
1 83  ILE n 
1 84  LYS n 
1 85  GLU n 
1 86  GLY n 
1 87  ASP n 
1 88  TYR n 
1 89  VAL n 
1 90  VAL n 
1 91  MET n 
1 92  LYS n 
1 93  ASN n 
1 94  VAL n 
1 95  ARG n 
1 96  THR n 
1 97  LYS n 
1 98  ILE n 
1 99  ASP n 
1 100 HIS n 
1 101 LEU n 
1 102 GLY n 
1 103 TYR n 
1 104 LEU n 
1 105 GLU n 
1 106 CYS n 
1 107 ILE n 
1 108 LEU n 
1 109 HIS n 
1 110 GLY n 
1 111 ASP n 
1 112 SER n 
1 113 ALA n 
1 114 LYS n 
1 115 ARG n 
1 116 TYR n 
1 117 ASN n 
1 118 MET n 
1 119 SER n 
1 120 ILE n 
1 121 GLU n 
1 122 LYS n 
1 123 VAL n 
1 124 ASP n 
1 125 SER n 
1 126 GLU n 
1 127 GLU n 
1 128 PRO n 
1 129 GLU n 
1 130 LEU n 
1 131 ASN n 
1 132 GLU n 
1 133 ILE n 
1 134 LYS n 
1 135 SER n 
1 136 ARG n 
1 137 LYS n 
1 138 ARG n 
1 139 LEU n 
1 140 TYR n 
1 141 VAL n 
1 142 GLN n 
1 143 ASN n 
2 1   DG  n 
2 2   DG  n 
2 3   DT  n 
2 4   DT  n 
2 5   DT  n 
2 6   DC  n 
2 7   DG  n 
2 8   DG  n 
2 9   DT  n 
# 
_entity_src_gen.entity_id                          1 
_entity_src_gen.pdbx_src_id                        1 
_entity_src_gen.pdbx_alt_source_flag               sample 
_entity_src_gen.pdbx_seq_type                      ? 
_entity_src_gen.pdbx_beg_seq_num                   ? 
_entity_src_gen.pdbx_end_seq_num                   ? 
_entity_src_gen.gene_src_common_name               'Fission yeast' 
_entity_src_gen.gene_src_genus                     ? 
_entity_src_gen.pdbx_gene_src_gene                 'pot1, SPAC26H5.06' 
_entity_src_gen.gene_src_species                   ? 
_entity_src_gen.gene_src_strain                    972h- 
_entity_src_gen.gene_src_tissue                    ? 
_entity_src_gen.gene_src_tissue_fraction           ? 
_entity_src_gen.gene_src_details                   ? 
_entity_src_gen.pdbx_gene_src_fragment             ? 
_entity_src_gen.pdbx_gene_src_scientific_name      'Schizosaccharomyces pombe' 
_entity_src_gen.pdbx_gene_src_ncbi_taxonomy_id     284812 
_entity_src_gen.pdbx_gene_src_variant              ? 
_entity_src_gen.pdbx_gene_src_cell_line            ? 
_entity_src_gen.pdbx_gene_src_atcc                 ? 
_entity_src_gen.pdbx_gene_src_organ                ? 
_entity_src_gen.pdbx_gene_src_organelle            ? 
_entity_src_gen.pdbx_gene_src_cell                 ? 
_entity_src_gen.pdbx_gene_src_cellular_location    ? 
_entity_src_gen.host_org_common_name               ? 
_entity_src_gen.pdbx_host_org_scientific_name      'Escherichia coli' 
_entity_src_gen.pdbx_host_org_ncbi_taxonomy_id     469008 
_entity_src_gen.host_org_genus                     ? 
_entity_src_gen.pdbx_host_org_gene                 ? 
_entity_src_gen.pdbx_host_org_organ                ? 
_entity_src_gen.host_org_species                   ? 
_entity_src_gen.pdbx_host_org_tissue               ? 
_entity_src_gen.pdbx_host_org_tissue_fraction      ? 
_entity_src_gen.pdbx_host_org_strain               'BL21 (DE3)' 
_entity_src_gen.pdbx_host_org_variant              ? 
_entity_src_gen.pdbx_host_org_cell_line            ? 
_entity_src_gen.pdbx_host_org_atcc                 ? 
_entity_src_gen.pdbx_host_org_culture_collection   ? 
_entity_src_gen.pdbx_host_org_cell                 ? 
_entity_src_gen.pdbx_host_org_organelle            ? 
_entity_src_gen.pdbx_host_org_cellular_location    ? 
_entity_src_gen.pdbx_host_org_vector_type          plasmid 
_entity_src_gen.pdbx_host_org_vector               ? 
_entity_src_gen.host_org_details                   ? 
_entity_src_gen.expression_system_id               ? 
_entity_src_gen.plasmid_name                       pTXB1 
_entity_src_gen.plasmid_details                    ? 
_entity_src_gen.pdbx_description                   ? 
# 
_pdbx_entity_src_syn.entity_id              2 
_pdbx_entity_src_syn.pdbx_src_id            1 
_pdbx_entity_src_syn.pdbx_alt_source_flag   sample 
_pdbx_entity_src_syn.pdbx_beg_seq_num       ? 
_pdbx_entity_src_syn.pdbx_end_seq_num       ? 
_pdbx_entity_src_syn.organism_scientific    'Schizosaccharomyces pombe' 
_pdbx_entity_src_syn.organism_common_name   ? 
_pdbx_entity_src_syn.ncbi_taxonomy_id       284812 
_pdbx_entity_src_syn.details                'variation of S. pombe telomeric sequence' 
# 
loop_
_struct_ref.id 
_struct_ref.db_name 
_struct_ref.db_code 
_struct_ref.pdbx_db_accession 
_struct_ref.entity_id 
_struct_ref.pdbx_seq_one_letter_code 
_struct_ref.pdbx_align_begin 
_struct_ref.pdbx_db_isoform 
1 UNP POT1_SCHPO O13988 1 
;SVSFSLLSQITPHQRCSFYAQVIKTWYSDKNFTLYVTDYTENELFFPMSPYTSSSRWRGPFGRFSIRCILWDEHDFYCRN
YIKEGDYVVMKNVRTKIDHLGYLECILHGDSAKRYNMSIEKVDSEEPELNEIKSRKRLYVQN
;
198 ? 
2 PDB 4HJ5       4HJ5   2 ? ?   ? 
# 
loop_
_struct_ref_seq.align_id 
_struct_ref_seq.ref_id 
_struct_ref_seq.pdbx_PDB_id_code 
_struct_ref_seq.pdbx_strand_id 
_struct_ref_seq.seq_align_beg 
_struct_ref_seq.pdbx_seq_align_beg_ins_code 
_struct_ref_seq.seq_align_end 
_struct_ref_seq.pdbx_seq_align_end_ins_code 
_struct_ref_seq.pdbx_db_accession 
_struct_ref_seq.db_align_beg 
_struct_ref_seq.pdbx_db_align_beg_ins_code 
_struct_ref_seq.db_align_end 
_struct_ref_seq.pdbx_db_align_end_ins_code 
_struct_ref_seq.pdbx_auth_seq_align_beg 
_struct_ref_seq.pdbx_auth_seq_align_end 
1 1 4HJ5 A 2 ? 143 ? O13988 198 ? 339 ? 2 143 
2 2 4HJ5 B 1 ? 9   ? 4HJ5   1   ? 9   ? 1 9   
# 
loop_
_struct_ref_seq_dif.align_id 
_struct_ref_seq_dif.pdbx_pdb_id_code 
_struct_ref_seq_dif.mon_id 
_struct_ref_seq_dif.pdbx_pdb_strand_id 
_struct_ref_seq_dif.seq_num 
_struct_ref_seq_dif.pdbx_pdb_ins_code 
_struct_ref_seq_dif.pdbx_seq_db_name 
_struct_ref_seq_dif.pdbx_seq_db_accession_code 
_struct_ref_seq_dif.db_mon_id 
_struct_ref_seq_dif.pdbx_seq_db_seq_num 
_struct_ref_seq_dif.details 
_struct_ref_seq_dif.pdbx_auth_seq_num 
_struct_ref_seq_dif.pdbx_ordinal 
1 4HJ5 MET A 1 ? UNP O13988 ?   ?   'expression tag'      1 1 
1 4HJ5 ASP A 3 ? UNP O13988 VAL 199 'engineered mutation' 3 2 
# 
loop_
_chem_comp.id 
_chem_comp.type 
_chem_comp.mon_nstd_flag 
_chem_comp.name 
_chem_comp.pdbx_synonyms 
_chem_comp.formula 
_chem_comp.formula_weight 
ALA 'L-peptide linking' y ALANINE                              ? 'C3 H7 N O2'      89.093  
ARG 'L-peptide linking' y ARGININE                             ? 'C6 H15 N4 O2 1'  175.209 
ASN 'L-peptide linking' y ASPARAGINE                           ? 'C4 H8 N2 O3'     132.118 
ASP 'L-peptide linking' y 'ASPARTIC ACID'                      ? 'C4 H7 N O4'      133.103 
CYS 'L-peptide linking' y CYSTEINE                             ? 'C3 H7 N O2 S'    121.158 
DC  'DNA linking'       y "2'-DEOXYCYTIDINE-5'-MONOPHOSPHATE"  ? 'C9 H14 N3 O7 P'  307.197 
DG  'DNA linking'       y "2'-DEOXYGUANOSINE-5'-MONOPHOSPHATE" ? 'C10 H14 N5 O7 P' 347.221 
DT  'DNA linking'       y "THYMIDINE-5'-MONOPHOSPHATE"         ? 'C10 H15 N2 O8 P' 322.208 
GLN 'L-peptide linking' y GLUTAMINE                            ? 'C5 H10 N2 O3'    146.144 
GLU 'L-peptide linking' y 'GLUTAMIC ACID'                      ? 'C5 H9 N O4'      147.129 
GLY 'peptide linking'   y GLYCINE                              ? 'C2 H5 N O2'      75.067  
HIS 'L-peptide linking' y HISTIDINE                            ? 'C6 H10 N3 O2 1'  156.162 
HOH non-polymer         . WATER                                ? 'H2 O'            18.015  
ILE 'L-peptide linking' y ISOLEUCINE                           ? 'C6 H13 N O2'     131.173 
LEU 'L-peptide linking' y LEUCINE                              ? 'C6 H13 N O2'     131.173 
LYS 'L-peptide linking' y LYSINE                               ? 'C6 H15 N2 O2 1'  147.195 
MET 'L-peptide linking' y METHIONINE                           ? 'C5 H11 N O2 S'   149.211 
PHE 'L-peptide linking' y PHENYLALANINE                        ? 'C9 H11 N O2'     165.189 
PRO 'L-peptide linking' y PROLINE                              ? 'C5 H9 N O2'      115.130 
SER 'L-peptide linking' y SERINE                               ? 'C3 H7 N O3'      105.093 
THR 'L-peptide linking' y THREONINE                            ? 'C4 H9 N O3'      119.119 
TRP 'L-peptide linking' y TRYPTOPHAN                           ? 'C11 H12 N2 O2'   204.225 
TYR 'L-peptide linking' y TYROSINE                             ? 'C9 H11 N O3'     181.189 
VAL 'L-peptide linking' y VALINE                               ? 'C5 H11 N O2'     117.146 
# 
_exptl.crystals_number   1 
_exptl.entry_id          4HJ5 
_exptl.method            'X-RAY DIFFRACTION' 
# 
_exptl_crystal.id                    1 
_exptl_crystal.density_Matthews      1.99 
_exptl_crystal.density_meas          ? 
_exptl_crystal.density_percent_sol   38.33 
_exptl_crystal.description           ? 
_exptl_crystal.F_000                 ? 
_exptl_crystal.preparation           ? 
# 
_exptl_crystal_grow.crystal_id      1 
_exptl_crystal_grow.method          'VAPOR DIFFUSION, HANGING DROP' 
_exptl_crystal_grow.pH              7 
_exptl_crystal_grow.temp            290 
_exptl_crystal_grow.pdbx_details    '35% PEG 6000, 0.2M sodium formate, pH 7, VAPOR DIFFUSION, HANGING DROP, temperature 290K' 
_exptl_crystal_grow.temp_details    ? 
_exptl_crystal_grow.pdbx_pH_range   ? 
# 
_diffrn.id                     1 
_diffrn.ambient_temp           100 
_diffrn.ambient_temp_details   ? 
_diffrn.crystal_id             1 
# 
_diffrn_detector.diffrn_id              1 
_diffrn_detector.detector               'IMAGE PLATE' 
_diffrn_detector.type                   'RIGAKU RAXIS IV++' 
_diffrn_detector.pdbx_collection_date   2012-02-07 
_diffrn_detector.details                ? 
# 
_diffrn_radiation.diffrn_id                        1 
_diffrn_radiation.pdbx_diffrn_protocol             'SINGLE WAVELENGTH' 
_diffrn_radiation.monochromator                    'osmic mirrors' 
_diffrn_radiation.wavelength_id                    1 
_diffrn_radiation.pdbx_monochromatic_or_laue_m_l   M 
_diffrn_radiation.pdbx_scattering_type             x-ray 
# 
_diffrn_radiation_wavelength.id           1 
_diffrn_radiation_wavelength.wavelength   1.54 
_diffrn_radiation_wavelength.wt           1.0 
# 
_diffrn_source.diffrn_id                   1 
_diffrn_source.source                      'ROTATING ANODE' 
_diffrn_source.type                        'RIGAKU RUH2R' 
_diffrn_source.pdbx_wavelength_list        1.54 
_diffrn_source.pdbx_wavelength             ? 
_diffrn_source.pdbx_synchrotron_site       ? 
_diffrn_source.pdbx_synchrotron_beamline   ? 
# 
_reflns.entry_id                     4HJ5 
_reflns.d_resolution_high            2.0400 
_reflns.d_resolution_low             50.000 
_reflns.number_obs                   9855 
_reflns.pdbx_Rmerge_I_obs            0.077 
_reflns.pdbx_netI_over_sigmaI        10.600 
_reflns.pdbx_chi_squared             1.880 
_reflns.pdbx_redundancy              2.400 
_reflns.percent_possible_obs         93.000 
_reflns.observed_criterion_sigma_F   -3 
_reflns.observed_criterion_sigma_I   -3 
_reflns.number_all                   10598 
_reflns.pdbx_Rsym_value              ? 
_reflns.B_iso_Wilson_estimate        ? 
_reflns.R_free_details               ? 
_reflns.limit_h_max                  ? 
_reflns.limit_h_min                  ? 
_reflns.limit_k_max                  ? 
_reflns.limit_k_min                  ? 
_reflns.limit_l_max                  ? 
_reflns.limit_l_min                  ? 
_reflns.observed_criterion_F_max     ? 
_reflns.observed_criterion_F_min     ? 
_reflns.pdbx_scaling_rejects         ? 
_reflns.pdbx_ordinal                 1 
_reflns.pdbx_diffrn_id               1 
# 
loop_
_reflns_shell.d_res_high 
_reflns_shell.d_res_low 
_reflns_shell.number_measured_obs 
_reflns_shell.number_measured_all 
_reflns_shell.number_unique_obs 
_reflns_shell.Rmerge_I_obs 
_reflns_shell.meanI_over_sigI_obs 
_reflns_shell.pdbx_Rsym_value 
_reflns_shell.pdbx_chi_squared 
_reflns_shell.pdbx_redundancy 
_reflns_shell.percent_possible_obs 
_reflns_shell.number_unique_all 
_reflns_shell.percent_possible_all 
_reflns_shell.pdbx_ordinal 
_reflns_shell.pdbx_diffrn_id 
2.050 2.120  ? ? ? 0.411 ? ? 0.808 2.500 ? 978  95.000 1  1 
2.120 2.210  ? ? ? 0.357 ? ? 0.879 2.400 ? 982  95.900 2  1 
2.210 2.310  ? ? ? 0.261 ? ? 0.985 2.400 ? 987  95.600 3  1 
2.310 2.430  ? ? ? 0.214 ? ? 1.176 2.500 ? 998  94.700 4  1 
2.430 2.580  ? ? ? 0.160 ? ? 1.307 2.500 ? 977  94.000 5  1 
2.580 2.780  ? ? ? 0.138 ? ? 1.829 2.500 ? 998  95.000 6  1 
2.780 3.060  ? ? ? 0.099 ? ? 2.181 2.500 ? 975  92.800 7  1 
3.060 3.510  ? ? ? 0.075 ? ? 3.202 2.400 ? 961  90.200 8  1 
3.510 4.420  ? ? ? 0.056 ? ? 3.472 2.300 ? 965  88.600 9  1 
4.420 50.000 ? ? ? 0.045 ? ? 3.441 2.200 ? 1034 89.100 10 1 
# 
_refine.entry_id                                 4HJ5 
_refine.ls_d_res_high                            2.0400 
_refine.ls_d_res_low                             29.9510 
_refine.pdbx_ls_sigma_F                          0.000 
_refine.pdbx_data_cutoff_high_absF               ? 
_refine.pdbx_data_cutoff_low_absF                ? 
_refine.ls_percent_reflns_obs                    89.3800 
_refine.ls_number_reflns_obs                     9514 
_refine.ls_number_reflns_all                     9833 
_refine.pdbx_ls_cross_valid_method               ? 
_refine.pdbx_R_Free_selection_details            random 
_refine.details                                  ? 
_refine.ls_R_factor_all                          .2295 
_refine.ls_R_factor_obs                          0.2295 
_refine.ls_R_factor_R_work                       0.2260 
_refine.ls_wR_factor_R_work                      ? 
_refine.ls_R_factor_R_free                       0.2609 
_refine.ls_wR_factor_R_free                      ? 
_refine.ls_percent_reflns_R_free                 10.0000 
_refine.ls_number_reflns_R_free                  951 
_refine.ls_R_factor_R_free_error                 ? 
_refine.B_iso_mean                               38.5819 
_refine.solvent_model_param_bsol                 28.9440 
_refine.solvent_model_param_ksol                 0.3160 
_refine.pdbx_isotropic_thermal_model             ? 
_refine.aniso_B[1][1]                            5.9957 
_refine.aniso_B[2][2]                            -1.4473 
_refine.aniso_B[3][3]                            -5.2647 
_refine.aniso_B[1][2]                            -0.0000 
_refine.aniso_B[1][3]                            -0.0000 
_refine.aniso_B[2][3]                            0.0000 
_refine.correlation_coeff_Fo_to_Fc               ? 
_refine.correlation_coeff_Fo_to_Fc_free          ? 
_refine.overall_SU_R_Cruickshank_DPI             ? 
_refine.overall_SU_R_free                        ? 
_refine.pdbx_overall_ESU_R                       ? 
_refine.pdbx_overall_ESU_R_Free                  ? 
_refine.overall_SU_ML                            0.3100 
_refine.overall_SU_B                             ? 
_refine.solvent_model_details                    'FLAT BULK SOLVENT MODEL' 
_refine.pdbx_solvent_vdw_probe_radii             1.1100 
_refine.pdbx_solvent_ion_probe_radii             ? 
_refine.pdbx_solvent_shrinkage_radii             0.9000 
_refine.ls_number_parameters                     ? 
_refine.ls_number_restraints                     ? 
_refine.pdbx_starting_model                      4HIK 
_refine.pdbx_method_to_determine_struct          'MOLECULAR REPLACEMENT' 
_refine.pdbx_stereochemistry_target_values       'Engh & Huber' 
_refine.pdbx_stereochem_target_val_spec_case     ? 
_refine.overall_FOM_work_R_set                   ? 
_refine.B_iso_max                                75.550 
_refine.B_iso_min                                18.280 
_refine.pdbx_overall_phase_error                 25.8300 
_refine.occupancy_max                            1.000 
_refine.occupancy_min                            0.000 
_refine.pdbx_ls_sigma_I                          ? 
_refine.ls_redundancy_reflns_obs                 ? 
_refine.ls_R_factor_R_free_error_details         ? 
_refine.pdbx_data_cutoff_high_rms_absF           ? 
_refine.overall_FOM_free_R_set                   ? 
_refine.pdbx_diffrn_id                           1 
_refine.pdbx_refine_id                           'X-RAY DIFFRACTION' 
_refine.pdbx_TLS_residual_ADP_flag               ? 
_refine.pdbx_overall_SU_R_free_Cruickshank_DPI   ? 
_refine.pdbx_overall_SU_R_Blow_DPI               ? 
_refine.pdbx_overall_SU_R_free_Blow_DPI          ? 
# 
_refine_hist.pdbx_refine_id                   'X-RAY DIFFRACTION' 
_refine_hist.cycle_id                         LAST 
_refine_hist.pdbx_number_atoms_protein        1164 
_refine_hist.pdbx_number_atoms_nucleic_acid   184 
_refine_hist.pdbx_number_atoms_ligand         0 
_refine_hist.number_atoms_solvent             93 
_refine_hist.number_atoms_total               1441 
_refine_hist.d_res_high                       2.0400 
_refine_hist.d_res_low                        29.9510 
# 
loop_
_refine_ls_restr.type 
_refine_ls_restr.number 
_refine_ls_restr.dev_ideal 
_refine_ls_restr.dev_ideal_target 
_refine_ls_restr.weight 
_refine_ls_restr.pdbx_restraint_function 
_refine_ls_restr.pdbx_refine_id 
f_bond_d           1406 0.008  ? ? ? 'X-RAY DIFFRACTION' 
f_angle_d          1941 1.097  ? ? ? 'X-RAY DIFFRACTION' 
f_chiral_restr     202  0.076  ? ? ? 'X-RAY DIFFRACTION' 
f_plane_restr      215  0.004  ? ? ? 'X-RAY DIFFRACTION' 
f_dihedral_angle_d 531  16.845 ? ? ? 'X-RAY DIFFRACTION' 
# 
loop_
_refine_ls_shell.d_res_high 
_refine_ls_shell.d_res_low 
_refine_ls_shell.pdbx_total_number_of_bins_used 
_refine_ls_shell.percent_reflns_obs 
_refine_ls_shell.number_reflns_R_work 
_refine_ls_shell.R_factor_all 
_refine_ls_shell.R_factor_R_work 
_refine_ls_shell.R_factor_R_free 
_refine_ls_shell.percent_reflns_R_free 
_refine_ls_shell.number_reflns_R_free 
_refine_ls_shell.R_factor_R_free_error 
_refine_ls_shell.number_reflns_all 
_refine_ls_shell.number_reflns_obs 
_refine_ls_shell.redundancy_reflns_obs 
_refine_ls_shell.pdbx_refine_id 
2.0397 2.1472  7 81.0000 1082 . 0.3077 0.3506 . 121 . 1203 . . 'X-RAY DIFFRACTION' 
2.1472 2.2817  7 90.0000 1207 . 0.2821 0.2967 . 134 . 1341 . . 'X-RAY DIFFRACTION' 
2.2817 2.4578  7 91.0000 1217 . 0.2492 0.3241 . 136 . 1353 . . 'X-RAY DIFFRACTION' 
2.4578 2.7050  7 93.0000 1251 . 0.2584 0.3031 . 136 . 1387 . . 'X-RAY DIFFRACTION' 
2.7050 3.0961  7 92.0000 1264 . 0.2430 0.2999 . 140 . 1404 . . 'X-RAY DIFFRACTION' 
3.0961 3.8994  7 90.0000 1245 . 0.2024 0.2562 . 139 . 1384 . . 'X-RAY DIFFRACTION' 
3.8994 29.9545 7 89.0000 1297 . 0.2018 0.2109 . 145 . 1442 . . 'X-RAY DIFFRACTION' 
# 
_struct.entry_id                  4HJ5 
_struct.title                     'Crystal Structure of Schizosaccharomyces pombe Pot1pC bound to ssDNA (GGTTTCGGT)' 
_struct.pdbx_model_details        ? 
_struct.pdbx_CASP_flag            ? 
_struct.pdbx_model_type_details   ? 
# 
_struct_keywords.entry_id        4HJ5 
_struct_keywords.text            
'specificity, plasticity, promiscuity, OB-fold, ssDNA-binding, single-stranded telomeric DNA, DNA BINDING PROTEIN' 
_struct_keywords.pdbx_keywords   'DNA BINDING PROTEIN' 
# 
loop_
_struct_asym.id 
_struct_asym.pdbx_blank_PDB_chainid_flag 
_struct_asym.pdbx_modified 
_struct_asym.entity_id 
_struct_asym.details 
A N N 1 ? 
B N N 2 ? 
C N N 3 ? 
D N N 3 ? 
# 
_struct_biol.id        1 
_struct_biol.details   ? 
# 
loop_
_struct_conf.conf_type_id 
_struct_conf.id 
_struct_conf.pdbx_PDB_helix_id 
_struct_conf.beg_label_comp_id 
_struct_conf.beg_label_asym_id 
_struct_conf.beg_label_seq_id 
_struct_conf.pdbx_beg_PDB_ins_code 
_struct_conf.end_label_comp_id 
_struct_conf.end_label_asym_id 
_struct_conf.end_label_seq_id 
_struct_conf.pdbx_end_PDB_ins_code 
_struct_conf.beg_auth_comp_id 
_struct_conf.beg_auth_asym_id 
_struct_conf.beg_auth_seq_id 
_struct_conf.end_auth_comp_id 
_struct_conf.end_auth_asym_id 
_struct_conf.end_auth_seq_id 
_struct_conf.pdbx_PDB_helix_class 
_struct_conf.details 
_struct_conf.pdbx_PDB_helix_length 
HELX_P HELX_P1 1 LEU A 7   ? ILE A 11  ? LEU A 7   ILE A 11  5 ? 5 
HELX_P HELX_P2 2 TRP A 72  ? ARG A 80  ? TRP A 72  ARG A 80  1 ? 9 
HELX_P HELX_P3 3 ALA A 113 ? ASN A 117 ? ALA A 113 ASN A 117 5 ? 5 
HELX_P HELX_P4 4 GLU A 127 ? GLU A 129 ? GLU A 127 GLU A 129 5 ? 3 
HELX_P HELX_P5 5 LEU A 130 ? ARG A 138 ? LEU A 130 ARG A 138 1 ? 9 
# 
_struct_conf_type.id          HELX_P 
_struct_conf_type.criteria    ? 
_struct_conf_type.reference   ? 
# 
_struct_mon_prot_cis.pdbx_id                1 
_struct_mon_prot_cis.label_comp_id          GLY 
_struct_mon_prot_cis.label_seq_id           110 
_struct_mon_prot_cis.label_asym_id          A 
_struct_mon_prot_cis.label_alt_id           . 
_struct_mon_prot_cis.pdbx_PDB_ins_code      ? 
_struct_mon_prot_cis.auth_comp_id           GLY 
_struct_mon_prot_cis.auth_seq_id            110 
_struct_mon_prot_cis.auth_asym_id           A 
_struct_mon_prot_cis.pdbx_label_comp_id_2   ASP 
_struct_mon_prot_cis.pdbx_label_seq_id_2    111 
_struct_mon_prot_cis.pdbx_label_asym_id_2   A 
_struct_mon_prot_cis.pdbx_PDB_ins_code_2    ? 
_struct_mon_prot_cis.pdbx_auth_comp_id_2    ASP 
_struct_mon_prot_cis.pdbx_auth_seq_id_2     111 
_struct_mon_prot_cis.pdbx_auth_asym_id_2    A 
_struct_mon_prot_cis.pdbx_PDB_model_num     1 
_struct_mon_prot_cis.pdbx_omega_angle       -18.86 
# 
_struct_sheet.id               A 
_struct_sheet.type             ? 
_struct_sheet.number_strands   7 
_struct_sheet.details          ? 
# 
loop_
_struct_sheet_order.sheet_id 
_struct_sheet_order.range_id_1 
_struct_sheet_order.range_id_2 
_struct_sheet_order.offset 
_struct_sheet_order.sense 
A 1 2 ? anti-parallel 
A 2 3 ? anti-parallel 
A 3 4 ? parallel      
A 4 5 ? anti-parallel 
A 5 6 ? anti-parallel 
A 6 7 ? anti-parallel 
# 
loop_
_struct_sheet_range.sheet_id 
_struct_sheet_range.id 
_struct_sheet_range.beg_label_comp_id 
_struct_sheet_range.beg_label_asym_id 
_struct_sheet_range.beg_label_seq_id 
_struct_sheet_range.pdbx_beg_PDB_ins_code 
_struct_sheet_range.end_label_comp_id 
_struct_sheet_range.end_label_asym_id 
_struct_sheet_range.end_label_seq_id 
_struct_sheet_range.pdbx_end_PDB_ins_code 
_struct_sheet_range.beg_auth_comp_id 
_struct_sheet_range.beg_auth_asym_id 
_struct_sheet_range.beg_auth_seq_id 
_struct_sheet_range.end_auth_comp_id 
_struct_sheet_range.end_auth_asym_id 
_struct_sheet_range.end_auth_seq_id 
A 1 SER A 119 ? VAL A 123 ? SER A 119 VAL A 123 
A 2 TYR A 88  ? ILE A 98  ? TYR A 88  ILE A 98  
A 3 LEU A 104 ? LEU A 108 ? LEU A 104 LEU A 108 
A 4 ILE A 67  ? LEU A 71  ? ILE A 67  LEU A 71  
A 5 PHE A 33  ? THR A 38  ? PHE A 33  THR A 38  
A 6 ARG A 16  ? TYR A 28  ? ARG A 16  TYR A 28  
A 7 TYR A 88  ? ILE A 98  ? TYR A 88  ILE A 98  
# 
loop_
_pdbx_struct_sheet_hbond.sheet_id 
_pdbx_struct_sheet_hbond.range_id_1 
_pdbx_struct_sheet_hbond.range_id_2 
_pdbx_struct_sheet_hbond.range_1_label_atom_id 
_pdbx_struct_sheet_hbond.range_1_label_comp_id 
_pdbx_struct_sheet_hbond.range_1_label_asym_id 
_pdbx_struct_sheet_hbond.range_1_label_seq_id 
_pdbx_struct_sheet_hbond.range_1_PDB_ins_code 
_pdbx_struct_sheet_hbond.range_1_auth_atom_id 
_pdbx_struct_sheet_hbond.range_1_auth_comp_id 
_pdbx_struct_sheet_hbond.range_1_auth_asym_id 
_pdbx_struct_sheet_hbond.range_1_auth_seq_id 
_pdbx_struct_sheet_hbond.range_2_label_atom_id 
_pdbx_struct_sheet_hbond.range_2_label_comp_id 
_pdbx_struct_sheet_hbond.range_2_label_asym_id 
_pdbx_struct_sheet_hbond.range_2_label_seq_id 
_pdbx_struct_sheet_hbond.range_2_PDB_ins_code 
_pdbx_struct_sheet_hbond.range_2_auth_atom_id 
_pdbx_struct_sheet_hbond.range_2_auth_comp_id 
_pdbx_struct_sheet_hbond.range_2_auth_asym_id 
_pdbx_struct_sheet_hbond.range_2_auth_seq_id 
A 1 2 O VAL A 123 ? O VAL A 123 N TYR A 88  ? N TYR A 88  
A 2 3 N LYS A 97  ? N LYS A 97  O GLU A 105 ? O GLU A 105 
A 3 4 O CYS A 106 ? O CYS A 106 N ILE A 70  ? N ILE A 70  
A 4 5 O CYS A 69  ? O CYS A 69  N LEU A 35  ? N LEU A 35  
A 5 6 O THR A 38  ? O THR A 38  N GLN A 22  ? N GLN A 22  
A 6 7 N ALA A 21  ? N ALA A 21  O VAL A 89  ? O VAL A 89  
# 
_atom_sites.entry_id                    4HJ5 
_atom_sites.fract_transf_matrix[1][1]   -0.01658162 
_atom_sites.fract_transf_matrix[1][2]   0.01705666 
_atom_sites.fract_transf_matrix[1][3]   0.00571886 
_atom_sites.fract_transf_matrix[2][1]   0.00195425 
_atom_sites.fract_transf_matrix[2][2]   -0.00359096 
_atom_sites.fract_transf_matrix[2][3]   0.01637640 
_atom_sites.fract_transf_matrix[3][1]   0.01104150 
_atom_sites.fract_transf_matrix[3][2]   0.01041039 
_atom_sites.fract_transf_matrix[3][3]   0.00096513 
_atom_sites.fract_transf_vector[1]      0.232475 
_atom_sites.fract_transf_vector[2]      0.425157 
_atom_sites.fract_transf_vector[3]      0.226132 
# 
loop_
_atom_type.symbol 
C 
N 
O 
P 
S 
# 
loop_
_atom_site.group_PDB 
_atom_site.id 
_atom_site.type_symbol 
_atom_site.label_atom_id 
_atom_site.label_alt_id 
_atom_site.label_comp_id 
_atom_site.label_asym_id 
_atom_site.label_entity_id 
_atom_site.label_seq_id 
_atom_site.pdbx_PDB_ins_code 
_atom_site.Cartn_x 
_atom_site.Cartn_y 
_atom_site.Cartn_z 
_atom_site.occupancy 
_atom_site.B_iso_or_equiv 
_atom_site.pdbx_formal_charge 
_atom_site.auth_seq_id 
_atom_site.auth_comp_id 
_atom_site.auth_asym_id 
_atom_site.auth_atom_id 
_atom_site.pdbx_PDB_model_num 
ATOM   1    N N     . SER A 1 4   ? -1.248  -0.830  -17.114 1.00 51.59 ? 4   SER A N     1 
ATOM   2    C CA    . SER A 1 4   ? -0.152  -1.681  -16.665 1.00 42.87 ? 4   SER A CA    1 
ATOM   3    C C     . SER A 1 4   ? 0.269   -1.305  -15.241 1.00 41.66 ? 4   SER A C     1 
ATOM   4    O O     . SER A 1 4   ? -0.265  -0.366  -14.650 1.00 35.79 ? 4   SER A O     1 
ATOM   5    C CB    . SER A 1 4   ? 1.038   -1.574  -17.622 1.00 46.40 ? 4   SER A CB    1 
ATOM   6    O OG    . SER A 1 4   ? 1.845   -2.743  -17.586 1.00 52.33 ? 4   SER A OG    1 
ATOM   7    N N     . PHE A 1 5   ? 1.226   -2.050  -14.697 1.00 40.19 ? 5   PHE A N     1 
ATOM   8    C CA    . PHE A 1 5   ? 1.722   -1.801  -13.353 1.00 38.68 ? 5   PHE A CA    1 
ATOM   9    C C     . PHE A 1 5   ? 2.671   -0.600  -13.343 1.00 45.18 ? 5   PHE A C     1 
ATOM   10   O O     . PHE A 1 5   ? 3.200   -0.217  -14.389 1.00 43.99 ? 5   PHE A O     1 
ATOM   11   C CB    . PHE A 1 5   ? 2.406   -3.060  -12.800 1.00 38.93 ? 5   PHE A CB    1 
ATOM   12   C CG    . PHE A 1 5   ? 1.471   -4.241  -12.647 1.00 41.81 ? 5   PHE A CG    1 
ATOM   13   C CD1   . PHE A 1 5   ? 1.374   -5.205  -13.643 1.00 46.69 ? 5   PHE A CD1   1 
ATOM   14   C CD2   . PHE A 1 5   ? 0.687   -4.383  -11.510 1.00 41.89 ? 5   PHE A CD2   1 
ATOM   15   C CE1   . PHE A 1 5   ? 0.517   -6.278  -13.511 1.00 44.48 ? 5   PHE A CE1   1 
ATOM   16   C CE2   . PHE A 1 5   ? -0.171  -5.458  -11.367 1.00 42.56 ? 5   PHE A CE2   1 
ATOM   17   C CZ    . PHE A 1 5   ? -0.260  -6.407  -12.373 1.00 43.03 ? 5   PHE A CZ    1 
ATOM   18   N N     . SER A 1 6   ? 2.863   0.005   -12.167 1.00 37.80 ? 6   SER A N     1 
ATOM   19   C CA    . SER A 1 6   ? 3.856   1.069   -11.991 1.00 38.61 ? 6   SER A CA    1 
ATOM   20   C C     . SER A 1 6   ? 4.610   0.783   -10.706 1.00 39.93 ? 6   SER A C     1 
ATOM   21   O O     . SER A 1 6   ? 4.063   0.135   -9.812  1.00 34.50 ? 6   SER A O     1 
ATOM   22   C CB    . SER A 1 6   ? 3.179   2.435   -11.850 1.00 34.11 ? 6   SER A CB    1 
ATOM   23   O OG    . SER A 1 6   ? 2.194   2.639   -12.838 1.00 34.05 ? 6   SER A OG    1 
ATOM   24   N N     . LEU A 1 7   ? 5.848   1.265   -10.599 1.00 33.27 ? 7   LEU A N     1 
ATOM   25   C CA    . LEU A 1 7   ? 6.539   1.267   -9.309  1.00 36.03 ? 7   LEU A CA    1 
ATOM   26   C C     . LEU A 1 7   ? 5.909   2.369   -8.448  1.00 36.12 ? 7   LEU A C     1 
ATOM   27   O O     . LEU A 1 7   ? 5.325   3.316   -8.984  1.00 35.83 ? 7   LEU A O     1 
ATOM   28   C CB    . LEU A 1 7   ? 8.044   1.495   -9.483  1.00 33.50 ? 7   LEU A CB    1 
ATOM   29   C CG    . LEU A 1 7   ? 8.788   0.414   -10.274 1.00 38.74 ? 7   LEU A CG    1 
ATOM   30   C CD1   . LEU A 1 7   ? 10.285  0.695   -10.324 1.00 41.18 ? 7   LEU A CD1   1 
ATOM   31   C CD2   . LEU A 1 7   ? 8.538   -0.964  -9.684  1.00 39.70 ? 7   LEU A CD2   1 
ATOM   32   N N     . LEU A 1 8   ? 5.992   2.239   -7.128  1.00 30.80 ? 8   LEU A N     1 
ATOM   33   C CA    . LEU A 1 8   ? 5.315   3.202   -6.262  1.00 35.23 ? 8   LEU A CA    1 
ATOM   34   C C     . LEU A 1 8   ? 5.872   4.615   -6.419  1.00 33.38 ? 8   LEU A C     1 
ATOM   35   O O     . LEU A 1 8   ? 5.144   5.591   -6.262  1.00 32.36 ? 8   LEU A O     1 
ATOM   36   C CB    . LEU A 1 8   ? 5.325   2.744   -4.804  1.00 27.11 ? 8   LEU A CB    1 
ATOM   37   C CG    . LEU A 1 8   ? 4.237   1.697   -4.559  1.00 31.27 ? 8   LEU A CG    1 
ATOM   38   C CD1   . LEU A 1 8   ? 4.302   1.077   -3.161  1.00 26.98 ? 8   LEU A CD1   1 
ATOM   39   C CD2   . LEU A 1 8   ? 2.860   2.320   -4.808  1.00 32.00 ? 8   LEU A CD2   1 
ATOM   40   N N     . SER A 1 9   ? 7.157   4.704   -6.754  1.00 31.50 ? 9   SER A N     1 
ATOM   41   C CA    . SER A 1 9   ? 7.828   5.976   -7.016  1.00 30.41 ? 9   SER A CA    1 
ATOM   42   C C     . SER A 1 9   ? 7.240   6.659   -8.241  1.00 34.43 ? 9   SER A C     1 
ATOM   43   O O     . SER A 1 9   ? 7.368   7.874   -8.409  1.00 33.01 ? 9   SER A O     1 
ATOM   44   C CB    . SER A 1 9   ? 9.304   5.710   -7.288  1.00 34.54 ? 9   SER A CB    1 
ATOM   45   O OG    . SER A 1 9   ? 9.436   4.899   -8.441  1.00 37.59 ? 9   SER A OG    1 
ATOM   46   N N     . GLN A 1 10  ? 6.601   5.866   -9.104  1.00 38.14 ? 10  GLN A N     1 
ATOM   47   C CA    . GLN A 1 10  ? 6.088   6.378   -10.376 1.00 39.36 ? 10  GLN A CA    1 
ATOM   48   C C     . GLN A 1 10  ? 4.631   6.852   -10.305 1.00 38.84 ? 10  GLN A C     1 
ATOM   49   O O     . GLN A 1 10  ? 4.155   7.509   -11.224 1.00 38.38 ? 10  GLN A O     1 
ATOM   50   C CB    . GLN A 1 10  ? 6.212   5.321   -11.482 1.00 34.05 ? 10  GLN A CB    1 
ATOM   51   C CG    . GLN A 1 10  ? 7.625   4.883   -11.818 1.00 38.95 ? 10  GLN A CG    1 
ATOM   52   C CD    . GLN A 1 10  ? 7.642   3.696   -12.777 1.00 51.17 ? 10  GLN A CD    1 
ATOM   53   O OE1   . GLN A 1 10  ? 6.610   3.062   -13.012 1.00 49.41 ? 10  GLN A OE1   1 
ATOM   54   N NE2   . GLN A 1 10  ? 8.816   3.393   -13.338 1.00 49.69 ? 10  GLN A NE2   1 
ATOM   55   N N     . ILE A 1 11  ? 3.913   6.504   -9.238  1.00 39.97 ? 11  ILE A N     1 
ATOM   56   C CA    . ILE A 1 11  ? 2.510   6.904   -9.151  1.00 38.77 ? 11  ILE A CA    1 
ATOM   57   C C     . ILE A 1 11  ? 2.362   8.368   -8.768  1.00 40.06 ? 11  ILE A C     1 
ATOM   58   O O     . ILE A 1 11  ? 3.245   8.951   -8.146  1.00 37.63 ? 11  ILE A O     1 
ATOM   59   C CB    . ILE A 1 11  ? 1.695   6.041   -8.166  1.00 42.78 ? 11  ILE A CB    1 
ATOM   60   C CG1   . ILE A 1 11  ? 2.223   6.199   -6.742  1.00 45.13 ? 11  ILE A CG1   1 
ATOM   61   C CG2   . ILE A 1 11  ? 1.675   4.580   -8.616  1.00 37.86 ? 11  ILE A CG2   1 
ATOM   62   C CD1   . ILE A 1 11  ? 1.154   6.053   -5.670  1.00 43.98 ? 11  ILE A CD1   1 
ATOM   63   N N     . THR A 1 12  ? 1.239   8.962   -9.144  1.00 42.46 ? 12  THR A N     1 
ATOM   64   C CA    . THR A 1 12  ? 0.968   10.350  -8.798  1.00 38.85 ? 12  THR A CA    1 
ATOM   65   C C     . THR A 1 12  ? -0.491  10.477  -8.372  1.00 38.73 ? 12  THR A C     1 
ATOM   66   O O     . THR A 1 12  ? -1.275  9.539   -8.542  1.00 41.24 ? 12  THR A O     1 
ATOM   67   C CB    . THR A 1 12  ? 1.237   11.299  -9.991  1.00 43.28 ? 12  THR A CB    1 
ATOM   68   O OG1   . THR A 1 12  ? 0.288   11.030  -11.025 1.00 44.71 ? 12  THR A OG1   1 
ATOM   69   C CG2   . THR A 1 12  ? 2.657   11.114  -10.552 1.00 39.83 ? 12  THR A CG2   1 
ATOM   70   N N     . PRO A 1 13  ? -0.862  11.641  -7.808  1.00 39.51 ? 13  PRO A N     1 
ATOM   71   C CA    . PRO A 1 13  ? -2.236  11.841  -7.331  1.00 34.75 ? 13  PRO A CA    1 
ATOM   72   C C     . PRO A 1 13  ? -3.247  11.815  -8.464  1.00 36.47 ? 13  PRO A C     1 
ATOM   73   O O     . PRO A 1 13  ? -2.910  12.117  -9.608  1.00 36.41 ? 13  PRO A O     1 
ATOM   74   C CB    . PRO A 1 13  ? -2.200  13.250  -6.718  1.00 37.61 ? 13  PRO A CB    1 
ATOM   75   C CG    . PRO A 1 13  ? -0.769  13.544  -6.475  1.00 41.35 ? 13  PRO A CG    1 
ATOM   76   C CD    . PRO A 1 13  ? -0.014  12.817  -7.546  1.00 39.64 ? 13  PRO A CD    1 
ATOM   77   N N     . HIS A 1 14  ? -4.478  11.421  -8.139  1.00 39.67 ? 14  HIS A N     1 
ATOM   78   C CA    . HIS A 1 14  ? -5.617  11.605  -9.032  1.00 36.85 ? 14  HIS A CA    1 
ATOM   79   C C     . HIS A 1 14  ? -5.475  10.816  -10.318 1.00 39.97 ? 14  HIS A C     1 
ATOM   80   O O     . HIS A 1 14  ? -5.797  11.298  -11.403 1.00 38.20 ? 14  HIS A O     1 
ATOM   81   C CB    . HIS A 1 14  ? -5.773  13.085  -9.336  1.00 37.53 ? 14  HIS A CB    1 
ATOM   82   C CG    . HIS A 1 14  ? -5.556  13.950  -8.142  1.00 39.40 ? 14  HIS A CG    1 
ATOM   83   N ND1   . HIS A 1 14  ? -6.337  13.853  -7.010  1.00 36.16 ? 14  HIS A ND1   1 
ATOM   84   C CD2   . HIS A 1 14  ? -4.634  14.910  -7.889  1.00 35.86 ? 14  HIS A CD2   1 
ATOM   85   C CE1   . HIS A 1 14  ? -5.911  14.728  -6.114  1.00 44.43 ? 14  HIS A CE1   1 
ATOM   86   N NE2   . HIS A 1 14  ? -4.883  15.382  -6.624  1.00 40.86 ? 14  HIS A NE2   1 
ATOM   87   N N     . GLN A 1 15  ? -4.988  9.595   -10.181 1.00 36.75 ? 15  GLN A N     1 
ATOM   88   C CA    . GLN A 1 15  ? -4.915  8.675   -11.299 1.00 41.98 ? 15  GLN A CA    1 
ATOM   89   C C     . GLN A 1 15  ? -5.316  7.306   -10.788 1.00 38.82 ? 15  GLN A C     1 
ATOM   90   O O     . GLN A 1 15  ? -5.194  7.028   -9.597  1.00 40.01 ? 15  GLN A O     1 
ATOM   91   C CB    . GLN A 1 15  ? -3.492  8.609   -11.830 1.00 40.48 ? 15  GLN A CB    1 
ATOM   92   C CG    . GLN A 1 15  ? -2.602  7.673   -11.011 1.00 39.34 ? 15  GLN A CG    1 
ATOM   93   C CD    . GLN A 1 15  ? -1.137  7.897   -11.297 1.00 43.81 ? 15  GLN A CD    1 
ATOM   94   O OE1   . GLN A 1 15  ? -0.738  9.013   -11.618 1.00 40.50 ? 15  GLN A OE1   1 
ATOM   95   N NE2   . GLN A 1 15  ? -0.323  6.851   -11.179 1.00 47.03 ? 15  GLN A NE2   1 
ATOM   96   N N     . ARG A 1 16  ? -5.821  6.458   -11.670 1.00 31.22 ? 16  ARG A N     1 
ATOM   97   C CA    . ARG A 1 16  ? -5.957  5.056   -11.316 1.00 36.64 ? 16  ARG A CA    1 
ATOM   98   C C     . ARG A 1 16  ? -4.579  4.443   -11.542 1.00 38.30 ? 16  ARG A C     1 
ATOM   99   O O     . ARG A 1 16  ? -3.897  4.813   -12.495 1.00 29.72 ? 16  ARG A O     1 
ATOM   100  C CB    . ARG A 1 16  ? -7.035  4.349   -12.162 1.00 44.01 ? 16  ARG A CB    1 
ATOM   101  C CG    . ARG A 1 16  ? -6.662  4.085   -13.635 1.00 46.66 ? 16  ARG A CG    1 
ATOM   102  C CD    . ARG A 1 16  ? -7.639  3.089   -14.308 1.00 52.12 ? 16  ARG A CD    1 
ATOM   103  N NE    . ARG A 1 16  ? -7.374  2.882   -15.736 1.00 59.99 ? 16  ARG A NE    1 
ATOM   104  C CZ    . ARG A 1 16  ? -6.374  2.146   -16.225 1.00 64.63 ? 16  ARG A CZ    1 
ATOM   105  N NH1   . ARG A 1 16  ? -5.517  1.553   -15.404 1.00 55.58 ? 16  ARG A NH1   1 
ATOM   106  N NH2   . ARG A 1 16  ? -6.217  2.010   -17.538 1.00 60.00 ? 16  ARG A NH2   1 
ATOM   107  N N     . CYS A 1 17  ? -4.156  3.536   -10.664 1.00 36.50 ? 17  CYS A N     1 
ATOM   108  C CA    . CYS A 1 17  ? -2.887  2.834   -10.864 1.00 37.86 ? 17  CYS A CA    1 
ATOM   109  C C     . CYS A 1 17  ? -2.980  1.389   -10.410 1.00 34.94 ? 17  CYS A C     1 
ATOM   110  O O     . CYS A 1 17  ? -3.979  0.980   -9.829  1.00 36.66 ? 17  CYS A O     1 
ATOM   111  C CB    . CYS A 1 17  ? -1.743  3.536   -10.122 1.00 35.53 ? 17  CYS A CB    1 
ATOM   112  S SG    . CYS A 1 17  ? -1.989  3.750   -8.319  1.00 40.63 ? 17  CYS A SG    1 
ATOM   113  N N     . SER A 1 18  ? -1.928  0.625   -10.671 1.00 30.20 ? 18  SER A N     1 
ATOM   114  C CA    . SER A 1 18  ? -1.845  -0.759  -10.229 1.00 32.26 ? 18  SER A CA    1 
ATOM   115  C C     . SER A 1 18  ? -0.417  -1.022  -9.785  1.00 34.07 ? 18  SER A C     1 
ATOM   116  O O     . SER A 1 18  ? 0.519   -0.462  -10.371 1.00 33.81 ? 18  SER A O     1 
ATOM   117  C CB    . SER A 1 18  ? -2.199  -1.712  -11.367 1.00 30.74 ? 18  SER A CB    1 
ATOM   118  O OG    . SER A 1 18  ? -3.562  -1.598  -11.726 1.00 31.10 ? 18  SER A OG    1 
ATOM   119  N N     . PHE A 1 19  ? -0.238  -1.866  -8.761  1.00 27.52 ? 19  PHE A N     1 
ATOM   120  C CA    . PHE A 1 19  ? 1.118   -2.166  -8.294  1.00 33.09 ? 19  PHE A CA    1 
ATOM   121  C C     . PHE A 1 19  ? 1.237   -3.416  -7.423  1.00 33.40 ? 19  PHE A C     1 
ATOM   122  O O     . PHE A 1 19  ? 0.254   -3.891  -6.849  1.00 31.98 ? 19  PHE A O     1 
ATOM   123  C CB    . PHE A 1 19  ? 1.692   -0.955  -7.560  1.00 29.00 ? 19  PHE A CB    1 
ATOM   124  C CG    . PHE A 1 19  ? 0.849   -0.490  -6.406  1.00 29.83 ? 19  PHE A CG    1 
ATOM   125  C CD1   . PHE A 1 19  ? 0.950   -1.100  -5.166  1.00 29.51 ? 19  PHE A CD1   1 
ATOM   126  C CD2   . PHE A 1 19  ? -0.050  0.554   -6.567  1.00 25.21 ? 19  PHE A CD2   1 
ATOM   127  C CE1   . PHE A 1 19  ? 0.164   -0.673  -4.106  1.00 28.13 ? 19  PHE A CE1   1 
ATOM   128  C CE2   . PHE A 1 19  ? -0.831  0.995   -5.510  1.00 25.23 ? 19  PHE A CE2   1 
ATOM   129  C CZ    . PHE A 1 19  ? -0.724  0.386   -4.284  1.00 29.91 ? 19  PHE A CZ    1 
ATOM   130  N N     . TYR A 1 20  ? 2.446   -3.958  -7.361  1.00 27.19 ? 20  TYR A N     1 
ATOM   131  C CA    . TYR A 1 20  ? 2.767   -5.010  -6.412  1.00 30.25 ? 20  TYR A CA    1 
ATOM   132  C C     . TYR A 1 20  ? 3.344   -4.324  -5.184  1.00 27.37 ? 20  TYR A C     1 
ATOM   133  O O     . TYR A 1 20  ? 4.016   -3.296  -5.311  1.00 26.63 ? 20  TYR A O     1 
ATOM   134  C CB    . TYR A 1 20  ? 3.798   -5.986  -7.008  1.00 33.46 ? 20  TYR A CB    1 
ATOM   135  C CG    . TYR A 1 20  ? 3.231   -6.862  -8.112  1.00 31.25 ? 20  TYR A CG    1 
ATOM   136  C CD1   . TYR A 1 20  ? 2.577   -8.045  -7.810  1.00 30.70 ? 20  TYR A CD1   1 
ATOM   137  C CD2   . TYR A 1 20  ? 3.327   -6.485  -9.441  1.00 35.93 ? 20  TYR A CD2   1 
ATOM   138  C CE1   . TYR A 1 20  ? 2.042   -8.844  -8.812  1.00 38.07 ? 20  TYR A CE1   1 
ATOM   139  C CE2   . TYR A 1 20  ? 2.796   -7.267  -10.449 1.00 34.96 ? 20  TYR A CE2   1 
ATOM   140  C CZ    . TYR A 1 20  ? 2.151   -8.445  -10.128 1.00 39.59 ? 20  TYR A CZ    1 
ATOM   141  O OH    . TYR A 1 20  ? 1.626   -9.233  -11.127 1.00 46.99 ? 20  TYR A OH    1 
ATOM   142  N N     . ALA A 1 21  ? 3.113   -4.877  -4.001  1.00 24.32 ? 21  ALA A N     1 
ATOM   143  C CA    . ALA A 1 21  ? 3.726   -4.291  -2.812  1.00 28.44 ? 21  ALA A CA    1 
ATOM   144  C C     . ALA A 1 21  ? 3.806   -5.261  -1.645  1.00 26.79 ? 21  ALA A C     1 
ATOM   145  O O     . ALA A 1 21  ? 3.067   -6.249  -1.591  1.00 32.56 ? 21  ALA A O     1 
ATOM   146  C CB    . ALA A 1 21  ? 2.975   -2.984  -2.391  1.00 21.94 ? 21  ALA A CB    1 
ATOM   147  N N     . GLN A 1 22  ? 4.708   -4.985  -0.709  1.00 21.17 ? 22  GLN A N     1 
ATOM   148  C CA    . GLN A 1 22  ? 4.736   -5.747  0.532   1.00 22.93 ? 22  GLN A CA    1 
ATOM   149  C C     . GLN A 1 22  ? 4.026   -4.975  1.643   1.00 27.27 ? 22  GLN A C     1 
ATOM   150  O O     . GLN A 1 22  ? 4.158   -3.752  1.744   1.00 24.78 ? 22  GLN A O     1 
ATOM   151  C CB    . GLN A 1 22  ? 6.160   -6.111  0.971   1.00 25.47 ? 22  GLN A CB    1 
ATOM   152  C CG    . GLN A 1 22  ? 6.156   -7.127  2.117   1.00 30.67 ? 22  GLN A CG    1 
ATOM   153  C CD    . GLN A 1 22  ? 7.549   -7.581  2.560   1.00 31.07 ? 22  GLN A CD    1 
ATOM   154  O OE1   . GLN A 1 22  ? 8.541   -6.890  2.351   1.00 31.06 ? 22  GLN A OE1   1 
ATOM   155  N NE2   . GLN A 1 22  ? 7.613   -8.761  3.182   1.00 31.64 ? 22  GLN A NE2   1 
ATOM   156  N N     . VAL A 1 23  ? 3.288   -5.698  2.476   1.00 18.28 ? 23  VAL A N     1 
ATOM   157  C CA    . VAL A 1 23  ? 2.498   -5.079  3.529   1.00 27.41 ? 23  VAL A CA    1 
ATOM   158  C C     . VAL A 1 23  ? 3.317   -4.960  4.790   1.00 26.07 ? 23  VAL A C     1 
ATOM   159  O O     . VAL A 1 23  ? 3.663   -5.970  5.406   1.00 27.82 ? 23  VAL A O     1 
ATOM   160  C CB    . VAL A 1 23  ? 1.217   -5.884  3.841   1.00 28.37 ? 23  VAL A CB    1 
ATOM   161  C CG1   . VAL A 1 23  ? 0.510   -5.291  5.050   1.00 27.76 ? 23  VAL A CG1   1 
ATOM   162  C CG2   . VAL A 1 23  ? 0.303   -5.889  2.654   1.00 22.44 ? 23  VAL A CG2   1 
ATOM   163  N N     . ILE A 1 24  ? 3.609   -3.720  5.166   1.00 28.56 ? 24  ILE A N     1 
ATOM   164  C CA    . ILE A 1 24  ? 4.434   -3.413  6.333   1.00 27.77 ? 24  ILE A CA    1 
ATOM   165  C C     . ILE A 1 24  ? 3.617   -3.391  7.620   1.00 31.77 ? 24  ILE A C     1 
ATOM   166  O O     . ILE A 1 24  ? 4.005   -3.958  8.632   1.00 26.04 ? 24  ILE A O     1 
ATOM   167  C CB    . ILE A 1 24  ? 5.148   -2.044  6.152   1.00 29.06 ? 24  ILE A CB    1 
ATOM   168  C CG1   . ILE A 1 24  ? 6.127   -2.116  4.984   1.00 27.93 ? 24  ILE A CG1   1 
ATOM   169  C CG2   . ILE A 1 24  ? 5.901   -1.664  7.410   1.00 30.65 ? 24  ILE A CG2   1 
ATOM   170  C CD1   . ILE A 1 24  ? 7.185   -3.207  5.148   1.00 29.40 ? 24  ILE A CD1   1 
ATOM   171  N N     . LYS A 1 25  ? 2.462   -2.742  7.567   1.00 30.06 ? 25  LYS A N     1 
ATOM   172  C CA    . LYS A 1 25  ? 1.666   -2.547  8.760   1.00 24.64 ? 25  LYS A CA    1 
ATOM   173  C C     . LYS A 1 25  ? 0.183   -2.654  8.412   1.00 28.23 ? 25  LYS A C     1 
ATOM   174  O O     . LYS A 1 25  ? -0.226  -2.239  7.339   1.00 23.92 ? 25  LYS A O     1 
ATOM   175  C CB    . LYS A 1 25  ? 1.975   -1.175  9.372   1.00 29.34 ? 25  LYS A CB    1 
ATOM   176  C CG    . LYS A 1 25  ? 1.138   -0.846  10.619  1.00 35.71 ? 25  LYS A CG    1 
ATOM   177  C CD    . LYS A 1 25  ? 1.520   0.502   11.210  1.00 30.95 ? 25  LYS A CD    1 
ATOM   178  C CE    . LYS A 1 25  ? 0.528   0.953   12.281  1.00 29.67 ? 25  LYS A CE    1 
ATOM   179  N NZ    . LYS A 1 25  ? 0.626   0.181   13.554  1.00 36.35 ? 25  LYS A NZ    1 
ATOM   180  N N     . THR A 1 26  ? -0.611  -3.222  9.310   1.00 28.19 ? 26  THR A N     1 
ATOM   181  C CA    . THR A 1 26  ? -2.060  -3.174  9.161   1.00 28.72 ? 26  THR A CA    1 
ATOM   182  C C     . THR A 1 26  ? -2.703  -2.561  10.396  1.00 27.56 ? 26  THR A C     1 
ATOM   183  O O     . THR A 1 26  ? -2.113  -2.548  11.472  1.00 29.26 ? 26  THR A O     1 
ATOM   184  C CB    . THR A 1 26  ? -2.679  -4.567  8.904   1.00 32.60 ? 26  THR A CB    1 
ATOM   185  O OG1   . THR A 1 26  ? -2.391  -5.429  10.008  1.00 28.73 ? 26  THR A OG1   1 
ATOM   186  C CG2   . THR A 1 26  ? -2.117  -5.176  7.636   1.00 32.63 ? 26  THR A CG2   1 
ATOM   187  N N     . TRP A 1 27  ? -3.910  -2.036  10.223  1.00 28.79 ? 27  TRP A N     1 
ATOM   188  C CA    . TRP A 1 27  ? -4.713  -1.589  11.358  1.00 33.28 ? 27  TRP A CA    1 
ATOM   189  C C     . TRP A 1 27  ? -6.220  -1.635  11.071  1.00 32.41 ? 27  TRP A C     1 
ATOM   190  O O     . TRP A 1 27  ? -6.709  -0.970  10.158  1.00 29.41 ? 27  TRP A O     1 
ATOM   191  C CB    . TRP A 1 27  ? -4.306  -0.186  11.780  1.00 25.95 ? 27  TRP A CB    1 
ATOM   192  C CG    . TRP A 1 27  ? -5.085  0.317   12.950  1.00 33.79 ? 27  TRP A CG    1 
ATOM   193  C CD1   . TRP A 1 27  ? -6.214  1.094   12.917  1.00 32.70 ? 27  TRP A CD1   1 
ATOM   194  C CD2   . TRP A 1 27  ? -4.803  0.074   14.336  1.00 34.64 ? 27  TRP A CD2   1 
ATOM   195  N NE1   . TRP A 1 27  ? -6.642  1.359   14.201  1.00 36.61 ? 27  TRP A NE1   1 
ATOM   196  C CE2   . TRP A 1 27  ? -5.796  0.740   15.087  1.00 36.32 ? 27  TRP A CE2   1 
ATOM   197  C CE3   . TRP A 1 27  ? -3.813  -0.645  15.016  1.00 36.37 ? 27  TRP A CE3   1 
ATOM   198  C CZ2   . TRP A 1 27  ? -5.823  0.708   16.476  1.00 37.56 ? 27  TRP A CZ2   1 
ATOM   199  C CZ3   . TRP A 1 27  ? -3.841  -0.668  16.396  1.00 37.88 ? 27  TRP A CZ3   1 
ATOM   200  C CH2   . TRP A 1 27  ? -4.837  0.003   17.109  1.00 39.43 ? 27  TRP A CH2   1 
ATOM   201  N N     . TYR A 1 28  ? -6.955  -2.429  11.848  1.00 31.82 ? 28  TYR A N     1 
ATOM   202  C CA    . TYR A 1 28  ? -8.409  -2.476  11.687  1.00 32.20 ? 28  TYR A CA    1 
ATOM   203  C C     . TYR A 1 28  ? -9.111  -1.535  12.658  1.00 34.44 ? 28  TYR A C     1 
ATOM   204  O O     . TYR A 1 28  ? -8.649  -1.335  13.780  1.00 31.47 ? 28  TYR A O     1 
ATOM   205  C CB    . TYR A 1 28  ? -8.948  -3.900  11.847  1.00 29.87 ? 28  TYR A CB    1 
ATOM   206  C CG    . TYR A 1 28  ? -8.681  -4.565  13.183  1.00 32.44 ? 28  TYR A CG    1 
ATOM   207  C CD1   . TYR A 1 28  ? -9.540  -4.389  14.258  1.00 32.06 ? 28  TYR A CD1   1 
ATOM   208  C CD2   . TYR A 1 28  ? -7.586  -5.408  13.351  1.00 35.94 ? 28  TYR A CD2   1 
ATOM   209  C CE1   . TYR A 1 28  ? -9.302  -5.005  15.469  1.00 35.12 ? 28  TYR A CE1   1 
ATOM   210  C CE2   . TYR A 1 28  ? -7.345  -6.033  14.549  1.00 32.59 ? 28  TYR A CE2   1 
ATOM   211  C CZ    . TYR A 1 28  ? -8.198  -5.822  15.610  1.00 39.05 ? 28  TYR A CZ    1 
ATOM   212  O OH    . TYR A 1 28  ? -7.947  -6.446  16.813  1.00 45.62 ? 28  TYR A OH    1 
ATOM   213  N N     . SER A 1 29  ? -10.219 -0.955  12.214  1.00 34.09 ? 29  SER A N     1 
ATOM   214  C CA    . SER A 1 29  ? -11.102 -0.205  13.113  1.00 37.36 ? 29  SER A CA    1 
ATOM   215  C C     . SER A 1 29  ? -12.548 -0.455  12.739  1.00 36.55 ? 29  SER A C     1 
ATOM   216  O O     . SER A 1 29  ? -12.827 -1.065  11.715  1.00 30.46 ? 29  SER A O     1 
ATOM   217  C CB    . SER A 1 29  ? -10.843 1.294   13.005  1.00 37.78 ? 29  SER A CB    1 
ATOM   218  O OG    . SER A 1 29  ? -11.263 1.773   11.732  1.00 35.32 ? 29  SER A OG    1 
ATOM   219  N N     . ASP A 1 30  ? -13.467 0.062   13.552  1.00 37.98 ? 30  ASP A N     1 
ATOM   220  C CA    . ASP A 1 30  ? -14.896 -0.021  13.257  1.00 41.37 ? 30  ASP A CA    1 
ATOM   221  C C     . ASP A 1 30  ? -15.291 0.751   12.002  1.00 38.30 ? 30  ASP A C     1 
ATOM   222  O O     . ASP A 1 30  ? -16.433 0.682   11.559  1.00 39.66 ? 30  ASP A O     1 
ATOM   223  C CB    . ASP A 1 30  ? -15.707 0.506   14.441  1.00 48.49 ? 30  ASP A CB    1 
ATOM   224  C CG    . ASP A 1 30  ? -15.526 2.004   14.655  1.00 50.79 ? 30  ASP A CG    1 
ATOM   225  O OD1   . ASP A 1 30  ? -14.481 2.545   14.245  1.00 55.28 ? 30  ASP A OD1   1 
ATOM   226  O OD2   . ASP A 1 30  ? -16.436 2.644   15.228  1.00 58.22 ? 30  ASP A OD2   1 
ATOM   227  N N     . LYS A 1 31  ? -14.348 1.487   11.425  1.00 37.90 ? 31  LYS A N     1 
ATOM   228  C CA    . LYS A 1 31  ? -14.638 2.347   10.281  1.00 38.47 ? 31  LYS A CA    1 
ATOM   229  C C     . LYS A 1 31  ? -14.172 1.752   8.961   1.00 38.72 ? 31  LYS A C     1 
ATOM   230  O O     . LYS A 1 31  ? -14.872 1.814   7.948   1.00 36.35 ? 31  LYS A O     1 
ATOM   231  C CB    . LYS A 1 31  ? -13.964 3.707   10.462  1.00 44.85 ? 31  LYS A CB    1 
ATOM   232  C CG    . LYS A 1 31  ? -14.660 4.617   11.455  1.00 51.14 ? 31  LYS A CG    1 
ATOM   233  C CD    . LYS A 1 31  ? -16.118 4.779   11.078  1.00 50.70 ? 31  LYS A CD    1 
ATOM   234  C CE    . LYS A 1 31  ? -16.802 5.823   11.939  1.00 56.21 ? 31  LYS A CE    1 
ATOM   235  N NZ    . LYS A 1 31  ? -18.290 5.715   11.848  1.00 60.64 ? 31  LYS A NZ    1 
ATOM   236  N N     . ASN A 1 32  ? -12.977 1.184   8.978   1.00 30.47 ? 32  ASN A N     1 
ATOM   237  C CA    . ASN A 1 32  ? -12.320 0.775   7.757   1.00 28.02 ? 32  ASN A CA    1 
ATOM   238  C C     . ASN A 1 32  ? -11.079 -0.033  8.088   1.00 30.15 ? 32  ASN A C     1 
ATOM   239  O O     . ASN A 1 32  ? -10.741 -0.210  9.246   1.00 28.37 ? 32  ASN A O     1 
ATOM   240  C CB    . ASN A 1 32  ? -11.933 1.999   6.932   1.00 32.94 ? 32  ASN A CB    1 
ATOM   241  C CG    . ASN A 1 32  ? -11.100 2.997   7.723   1.00 38.59 ? 32  ASN A CG    1 
ATOM   242  O OD1   . ASN A 1 32  ? -10.158 2.628   8.430   1.00 37.69 ? 32  ASN A OD1   1 
ATOM   243  N ND2   . ASN A 1 32  ? -11.458 4.271   7.619   1.00 32.08 ? 32  ASN A ND2   1 
ATOM   244  N N     . PHE A 1 33  ? -10.420 -0.543  7.062   1.00 30.62 ? 33  PHE A N     1 
ATOM   245  C CA    . PHE A 1 33  ? -9.215  -1.338  7.248   1.00 26.10 ? 33  PHE A CA    1 
ATOM   246  C C     . PHE A 1 33  ? -8.044  -0.623  6.577   1.00 25.97 ? 33  PHE A C     1 
ATOM   247  O O     . PHE A 1 33  ? -8.125  -0.255  5.426   1.00 26.46 ? 33  PHE A O     1 
ATOM   248  C CB    . PHE A 1 33  ? -9.404  -2.721  6.636   1.00 26.01 ? 33  PHE A CB    1 
ATOM   249  C CG    . PHE A 1 33  ? -8.236  -3.641  6.836   1.00 23.28 ? 33  PHE A CG    1 
ATOM   250  C CD1   . PHE A 1 33  ? -7.844  -4.009  8.115   1.00 25.12 ? 33  PHE A CD1   1 
ATOM   251  C CD2   . PHE A 1 33  ? -7.545  -4.141  5.752   1.00 26.12 ? 33  PHE A CD2   1 
ATOM   252  C CE1   . PHE A 1 33  ? -6.763  -4.860  8.307   1.00 29.11 ? 33  PHE A CE1   1 
ATOM   253  C CE2   . PHE A 1 33  ? -6.472  -4.998  5.934   1.00 29.50 ? 33  PHE A CE2   1 
ATOM   254  C CZ    . PHE A 1 33  ? -6.075  -5.352  7.208   1.00 25.54 ? 33  PHE A CZ    1 
ATOM   255  N N     . THR A 1 34  ? -6.952  -0.421  7.298   1.00 27.72 ? 34  THR A N     1 
ATOM   256  C CA    . THR A 1 34  ? -5.835  0.335   6.738   1.00 23.03 ? 34  THR A CA    1 
ATOM   257  C C     . THR A 1 34  ? -4.597  -0.549  6.513   1.00 26.29 ? 34  THR A C     1 
ATOM   258  O O     . THR A 1 34  ? -4.309  -1.426  7.321   1.00 29.36 ? 34  THR A O     1 
ATOM   259  C CB    . THR A 1 34  ? -5.491  1.523   7.646   1.00 30.84 ? 34  THR A CB    1 
ATOM   260  O OG1   . THR A 1 34  ? -6.607  2.432   7.692   1.00 29.62 ? 34  THR A OG1   1 
ATOM   261  C CG2   . THR A 1 34  ? -4.273  2.258   7.126   1.00 23.73 ? 34  THR A CG2   1 
ATOM   262  N N     . LEU A 1 35  ? -3.890  -0.318  5.407   1.00 21.47 ? 35  LEU A N     1 
ATOM   263  C CA    . LEU A 1 35  ? -2.624  -1.004  5.099   1.00 20.14 ? 35  LEU A CA    1 
ATOM   264  C C     . LEU A 1 35  ? -1.537  0.050   4.871   1.00 26.31 ? 35  LEU A C     1 
ATOM   265  O O     . LEU A 1 35  ? -1.814  1.097   4.284   1.00 32.60 ? 35  LEU A O     1 
ATOM   266  C CB    . LEU A 1 35  ? -2.743  -1.790  3.783   1.00 23.96 ? 35  LEU A CB    1 
ATOM   267  C CG    . LEU A 1 35  ? -3.959  -2.666  3.536   1.00 24.84 ? 35  LEU A CG    1 
ATOM   268  C CD1   . LEU A 1 35  ? -3.932  -3.224  2.125   1.00 27.42 ? 35  LEU A CD1   1 
ATOM   269  C CD2   . LEU A 1 35  ? -3.994  -3.778  4.564   1.00 26.99 ? 35  LEU A CD2   1 
ATOM   270  N N     . TYR A 1 36  ? -0.313  -0.210  5.328   1.00 19.93 ? 36  TYR A N     1 
ATOM   271  C CA    . TYR A 1 36  ? 0.816   0.575   4.866   1.00 25.00 ? 36  TYR A CA    1 
ATOM   272  C C     . TYR A 1 36  ? 1.642   -0.430  4.090   1.00 27.29 ? 36  TYR A C     1 
ATOM   273  O O     . TYR A 1 36  ? 1.948   -1.501  4.614   1.00 22.57 ? 36  TYR A O     1 
ATOM   274  C CB    . TYR A 1 36  ? 1.631   1.135   6.036   1.00 19.35 ? 36  TYR A CB    1 
ATOM   275  C CG    . TYR A 1 36  ? 0.840   2.068   6.931   1.00 24.02 ? 36  TYR A CG    1 
ATOM   276  C CD1   . TYR A 1 36  ? -0.138  1.568   7.784   1.00 22.72 ? 36  TYR A CD1   1 
ATOM   277  C CD2   . TYR A 1 36  ? 1.069   3.436   6.931   1.00 27.47 ? 36  TYR A CD2   1 
ATOM   278  C CE1   . TYR A 1 36  ? -0.877  2.408   8.603   1.00 24.85 ? 36  TYR A CE1   1 
ATOM   279  C CE2   . TYR A 1 36  ? 0.334   4.280   7.752   1.00 28.90 ? 36  TYR A CE2   1 
ATOM   280  C CZ    . TYR A 1 36  ? -0.629  3.748   8.596   1.00 28.77 ? 36  TYR A CZ    1 
ATOM   281  O OH    . TYR A 1 36  ? -1.366  4.567   9.426   1.00 35.57 ? 36  TYR A OH    1 
ATOM   282  N N     . VAL A 1 37  ? 1.985   -0.091  2.849   1.00 25.12 ? 37  VAL A N     1 
ATOM   283  C CA    . VAL A 1 37  ? 2.665   -1.030  1.973   1.00 22.41 ? 37  VAL A CA    1 
ATOM   284  C C     . VAL A 1 37  ? 3.796   -0.315  1.272   1.00 31.03 ? 37  VAL A C     1 
ATOM   285  O O     . VAL A 1 37  ? 3.756   0.906   1.123   1.00 27.85 ? 37  VAL A O     1 
ATOM   286  C CB    . VAL A 1 37  ? 1.703   -1.628  0.919   1.00 22.96 ? 37  VAL A CB    1 
ATOM   287  C CG1   . VAL A 1 37  ? 0.392   -2.107  1.585   1.00 24.17 ? 37  VAL A CG1   1 
ATOM   288  C CG2   . VAL A 1 37  ? 1.418   -0.635  -0.177  1.00 27.48 ? 37  VAL A CG2   1 
ATOM   289  N N     . THR A 1 38  ? 4.807   -1.081  0.854   1.00 29.98 ? 38  THR A N     1 
ATOM   290  C CA    . THR A 1 38  ? 5.978   -0.523  0.193   1.00 24.02 ? 38  THR A CA    1 
ATOM   291  C C     . THR A 1 38  ? 6.418   -1.452  -0.923  1.00 25.87 ? 38  THR A C     1 
ATOM   292  O O     . THR A 1 38  ? 6.149   -2.658  -0.912  1.00 25.78 ? 38  THR A O     1 
ATOM   293  C CB    . THR A 1 38  ? 7.170   -0.325  1.180   1.00 27.69 ? 38  THR A CB    1 
ATOM   294  O OG1   . THR A 1 38  ? 8.264   0.340   0.510   1.00 27.22 ? 38  THR A OG1   1 
ATOM   295  C CG2   . THR A 1 38  ? 7.637   -1.669  1.733   1.00 26.40 ? 38  THR A CG2   1 
ATOM   296  N N     . ASP A 1 39  ? 7.067   -0.888  -1.922  1.00 28.08 ? 39  ASP A N     1 
ATOM   297  C CA    . ASP A 1 39  ? 7.772   -1.725  -2.867  1.00 30.40 ? 39  ASP A CA    1 
ATOM   298  C C     . ASP A 1 39  ? 9.227   -1.305  -2.874  1.00 31.38 ? 39  ASP A C     1 
ATOM   299  O O     . ASP A 1 39  ? 9.931   -1.510  -3.852  1.00 31.95 ? 39  ASP A O     1 
ATOM   300  C CB    . ASP A 1 39  ? 7.150   -1.634  -4.249  1.00 31.82 ? 39  ASP A CB    1 
ATOM   301  C CG    . ASP A 1 39  ? 7.405   -0.296  -4.909  1.00 32.10 ? 39  ASP A CG    1 
ATOM   302  O OD1   . ASP A 1 39  ? 7.952   0.621   -4.235  1.00 30.04 ? 39  ASP A OD1   1 
ATOM   303  O OD2   . ASP A 1 39  ? 7.024   -0.163  -6.092  1.00 35.23 ? 39  ASP A OD2   1 
ATOM   304  N N     . TYR A 1 40  ? 9.646   -0.693  -1.773  1.00 30.65 ? 40  TYR A N     1 
ATOM   305  C CA    . TYR A 1 40  ? 11.020  -0.198  -1.584  1.00 32.80 ? 40  TYR A CA    1 
ATOM   306  C C     . TYR A 1 40  ? 11.507  0.769   -2.671  1.00 31.37 ? 40  TYR A C     1 
ATOM   307  O O     . TYR A 1 40  ? 12.695  0.816   -3.020  1.00 30.48 ? 40  TYR A O     1 
ATOM   308  C CB    . TYR A 1 40  ? 11.999  -1.353  -1.300  1.00 27.54 ? 40  TYR A CB    1 
ATOM   309  C CG    . TYR A 1 40  ? 11.718  -2.007  0.049   1.00 30.11 ? 40  TYR A CG    1 
ATOM   310  C CD1   . TYR A 1 40  ? 12.304  -1.526  1.216   1.00 34.53 ? 40  TYR A CD1   1 
ATOM   311  C CD2   . TYR A 1 40  ? 10.827  -3.073  0.158   1.00 31.51 ? 40  TYR A CD2   1 
ATOM   312  C CE1   . TYR A 1 40  ? 12.033  -2.111  2.456   1.00 33.64 ? 40  TYR A CE1   1 
ATOM   313  C CE2   . TYR A 1 40  ? 10.551  -3.662  1.386   1.00 36.64 ? 40  TYR A CE2   1 
ATOM   314  C CZ    . TYR A 1 40  ? 11.158  -3.183  2.530   1.00 38.99 ? 40  TYR A CZ    1 
ATOM   315  O OH    . TYR A 1 40  ? 10.872  -3.772  3.745   1.00 44.79 ? 40  TYR A OH    1 
ATOM   316  N N     . THR A 1 41  ? 10.565  1.541   -3.194  1.00 31.29 ? 41  THR A N     1 
ATOM   317  C CA    . THR A 1 41  ? 10.880  2.698   -4.017  1.00 30.66 ? 41  THR A CA    1 
ATOM   318  C C     . THR A 1 41  ? 10.256  3.906   -3.346  1.00 33.55 ? 41  THR A C     1 
ATOM   319  O O     . THR A 1 41  ? 9.277   3.777   -2.593  1.00 29.38 ? 41  THR A O     1 
ATOM   320  C CB    . THR A 1 41  ? 10.349  2.594   -5.469  1.00 35.87 ? 41  THR A CB    1 
ATOM   321  O OG1   . THR A 1 41  ? 8.914   2.550   -5.462  1.00 31.67 ? 41  THR A OG1   1 
ATOM   322  C CG2   . THR A 1 41  ? 10.904  1.354   -6.157  1.00 36.48 ? 41  THR A CG2   1 
ATOM   323  N N     . GLU A 1 42  ? 10.824  5.068   -3.642  1.00 28.01 ? 42  GLU A N     1 
ATOM   324  C CA    . GLU A 1 42  ? 10.568  6.302   -2.910  1.00 33.18 ? 42  GLU A CA    1 
ATOM   325  C C     . GLU A 1 42  ? 9.702   7.259   -3.719  1.00 32.66 ? 42  GLU A C     1 
ATOM   326  O O     . GLU A 1 42  ? 9.883   7.427   -4.927  1.00 30.74 ? 42  GLU A O     1 
ATOM   327  C CB    . GLU A 1 42  ? 11.914  6.972   -2.585  1.00 30.32 ? 42  GLU A CB    1 
ATOM   328  C CG    . GLU A 1 42  ? 11.857  8.291   -1.830  1.00 34.94 ? 42  GLU A CG    1 
ATOM   329  C CD    . GLU A 1 42  ? 13.255  8.794   -1.478  1.00 38.44 ? 42  GLU A CD    1 
ATOM   330  O OE1   . GLU A 1 42  ? 14.227  8.202   -1.993  1.00 40.96 ? 42  GLU A OE1   1 
ATOM   331  O OE2   . GLU A 1 42  ? 13.383  9.752   -0.678  1.00 34.76 ? 42  GLU A OE2   1 
ATOM   332  N N     . ASN A 1 43  ? 8.744   7.879   -3.049  1.00 35.02 ? 43  ASN A N     1 
ATOM   333  C CA    . ASN A 1 43  ? 7.885   8.845   -3.705  1.00 32.99 ? 43  ASN A CA    1 
ATOM   334  C C     . ASN A 1 43  ? 7.877   10.100  -2.847  1.00 32.97 ? 43  ASN A C     1 
ATOM   335  O O     . ASN A 1 43  ? 7.579   10.042  -1.651  1.00 32.31 ? 43  ASN A O     1 
ATOM   336  C CB    . ASN A 1 43  ? 6.475   8.287   -3.871  1.00 29.68 ? 43  ASN A CB    1 
ATOM   337  C CG    . ASN A 1 43  ? 5.583   9.179   -4.718  1.00 31.03 ? 43  ASN A CG    1 
ATOM   338  O OD1   . ASN A 1 43  ? 5.283   10.308  -4.346  1.00 31.96 ? 43  ASN A OD1   1 
ATOM   339  N ND2   . ASN A 1 43  ? 5.125   8.658   -5.848  1.00 30.40 ? 43  ASN A ND2   1 
ATOM   340  N N     . GLU A 1 44  ? 8.234   11.219  -3.466  1.00 32.40 ? 44  GLU A N     1 
ATOM   341  C CA    . GLU A 1 44  ? 8.320   12.495  -2.786  1.00 34.54 ? 44  GLU A CA    1 
ATOM   342  C C     . GLU A 1 44  ? 7.024   12.901  -2.103  1.00 34.63 ? 44  GLU A C     1 
ATOM   343  O O     . GLU A 1 44  ? 7.016   13.813  -1.292  1.00 34.90 ? 44  GLU A O     1 
ATOM   344  C CB    . GLU A 1 44  ? 8.764   13.586  -3.771  1.00 43.32 ? 44  GLU A CB    1 
ATOM   345  C CG    . GLU A 1 44  ? 10.281  13.702  -3.938  1.00 51.23 ? 44  GLU A CG    1 
ATOM   346  C CD    . GLU A 1 44  ? 10.697  14.982  -4.657  1.00 48.30 ? 44  GLU A CD    1 
ATOM   347  O OE1   . GLU A 1 44  ? 9.837   15.621  -5.315  1.00 45.20 ? 44  GLU A OE1   1 
ATOM   348  O OE2   . GLU A 1 44  ? 11.882  15.358  -4.561  1.00 43.93 ? 44  GLU A OE2   1 
ATOM   349  N N     . LEU A 1 45  ? 5.924   12.221  -2.409  1.00 33.40 ? 45  LEU A N     1 
ATOM   350  C CA    . LEU A 1 45  ? 4.645   12.585  -1.797  1.00 31.86 ? 45  LEU A CA    1 
ATOM   351  C C     . LEU A 1 45  ? 4.281   11.709  -0.594  1.00 29.35 ? 45  LEU A C     1 
ATOM   352  O O     . LEU A 1 45  ? 3.349   12.023  0.144   1.00 24.99 ? 45  LEU A O     1 
ATOM   353  C CB    . LEU A 1 45  ? 3.526   12.557  -2.842  1.00 36.52 ? 45  LEU A CB    1 
ATOM   354  C CG    . LEU A 1 45  ? 3.613   13.571  -3.985  1.00 38.75 ? 45  LEU A CG    1 
ATOM   355  C CD1   . LEU A 1 45  ? 2.469   13.365  -4.946  1.00 40.53 ? 45  LEU A CD1   1 
ATOM   356  C CD2   . LEU A 1 45  ? 3.603   14.993  -3.460  1.00 35.18 ? 45  LEU A CD2   1 
ATOM   357  N N     . PHE A 1 46  ? 5.011   10.607  -0.402  1.00 26.48 ? 46  PHE A N     1 
ATOM   358  C CA    . PHE A 1 46  ? 4.778   9.723   0.744   1.00 26.82 ? 46  PHE A CA    1 
ATOM   359  C C     . PHE A 1 46  ? 5.194   10.367  2.082   1.00 31.22 ? 46  PHE A C     1 
ATOM   360  O O     . PHE A 1 46  ? 6.070   11.244  2.132   1.00 30.34 ? 46  PHE A O     1 
ATOM   361  C CB    . PHE A 1 46  ? 5.515   8.380   0.568   1.00 29.61 ? 46  PHE A CB    1 
ATOM   362  C CG    . PHE A 1 46  ? 4.993   7.530   -0.573  1.00 28.50 ? 46  PHE A CG    1 
ATOM   363  C CD1   . PHE A 1 46  ? 3.874   7.913   -1.288  1.00 23.23 ? 46  PHE A CD1   1 
ATOM   364  C CD2   . PHE A 1 46  ? 5.618   6.340   -0.904  1.00 27.16 ? 46  PHE A CD2   1 
ATOM   365  C CE1   . PHE A 1 46  ? 3.401   7.140   -2.328  1.00 28.00 ? 46  PHE A CE1   1 
ATOM   366  C CE2   . PHE A 1 46  ? 5.157   5.553   -1.938  1.00 25.72 ? 46  PHE A CE2   1 
ATOM   367  C CZ    . PHE A 1 46  ? 4.044   5.952   -2.660  1.00 29.79 ? 46  PHE A CZ    1 
ATOM   368  N N     . PHE A 1 47  ? 4.565   9.935   3.169   1.00 34.39 ? 47  PHE A N     1 
ATOM   369  C CA    . PHE A 1 47  ? 4.927   10.454  4.491   1.00 35.64 ? 47  PHE A CA    1 
ATOM   370  C C     . PHE A 1 47  ? 6.328   9.996   4.886   1.00 31.78 ? 47  PHE A C     1 
ATOM   371  O O     . PHE A 1 47  ? 6.657   8.815   4.733   1.00 28.93 ? 47  PHE A O     1 
ATOM   372  C CB    . PHE A 1 47  ? 3.934   9.968   5.539   1.00 33.48 ? 47  PHE A CB    1 
ATOM   373  C CG    . PHE A 1 47  ? 4.215   10.479  6.922   1.00 36.02 ? 47  PHE A CG    1 
ATOM   374  C CD1   . PHE A 1 47  ? 5.021   9.751   7.797   1.00 34.79 ? 47  PHE A CD1   1 
ATOM   375  C CD2   . PHE A 1 47  ? 3.667   11.686  7.356   1.00 30.12 ? 47  PHE A CD2   1 
ATOM   376  C CE1   . PHE A 1 47  ? 5.272   10.210  9.074   1.00 34.17 ? 47  PHE A CE1   1 
ATOM   377  C CE2   . PHE A 1 47  ? 3.919   12.153  8.633   1.00 36.91 ? 47  PHE A CE2   1 
ATOM   378  C CZ    . PHE A 1 47  ? 4.719   11.416  9.496   1.00 35.65 ? 47  PHE A CZ    1 
ATOM   379  N N     . PRO A 1 48  ? 7.162   10.916  5.400   1.00 26.23 ? 48  PRO A N     1 
ATOM   380  C CA    . PRO A 1 48  ? 8.505   10.464  5.789   1.00 29.93 ? 48  PRO A CA    1 
ATOM   381  C C     . PRO A 1 48  ? 8.468   9.790   7.160   1.00 26.06 ? 48  PRO A C     1 
ATOM   382  O O     . PRO A 1 48  ? 8.244   10.441  8.180   1.00 27.95 ? 48  PRO A O     1 
ATOM   383  C CB    . PRO A 1 48  ? 9.322   11.764  5.826   1.00 23.26 ? 48  PRO A CB    1 
ATOM   384  C CG    . PRO A 1 48  ? 8.304   12.859  6.137   1.00 28.94 ? 48  PRO A CG    1 
ATOM   385  C CD    . PRO A 1 48  ? 6.921   12.336  5.716   1.00 33.48 ? 48  PRO A CD    1 
ATOM   386  N N     . MET A 1 49  ? 8.665   8.477   7.186   1.00 25.81 ? 49  MET A N     1 
ATOM   387  C CA    . MET A 1 49  ? 8.620   7.761   8.455   1.00 30.79 ? 49  MET A CA    1 
ATOM   388  C C     . MET A 1 49  ? 9.913   7.990   9.227   1.00 25.53 ? 49  MET A C     1 
ATOM   389  O O     . MET A 1 49  ? 11.010  7.777   8.708   1.00 25.90 ? 49  MET A O     1 
ATOM   390  C CB    . MET A 1 49  ? 8.384   6.254   8.255   1.00 25.90 ? 49  MET A CB    1 
ATOM   391  C CG    . MET A 1 49  ? 7.003   5.882   7.771   1.00 29.90 ? 49  MET A CG    1 
ATOM   392  S SD    . MET A 1 49  ? 5.716   6.206   8.998   1.00 34.39 ? 49  MET A SD    1 
ATOM   393  C CE    . MET A 1 49  ? 6.428   5.396   10.419  1.00 35.80 ? 49  MET A CE    1 
ATOM   394  N N     . SER A 1 50  ? 9.759   8.398   10.477  1.00 27.23 ? 50  SER A N     1 
ATOM   395  C CA    . SER A 1 50  ? 10.882  8.706   11.343  1.00 30.60 ? 50  SER A CA    1 
ATOM   396  C C     . SER A 1 50  ? 11.440  7.472   12.053  1.00 30.41 ? 50  SER A C     1 
ATOM   397  O O     . SER A 1 50  ? 10.701  6.712   12.659  1.00 30.04 ? 50  SER A O     1 
ATOM   398  C CB    . SER A 1 50  ? 10.449  9.721   12.397  1.00 26.76 ? 50  SER A CB    1 
ATOM   399  O OG    . SER A 1 50  ? 11.476  9.873   13.346  1.00 31.30 ? 50  SER A OG    1 
ATOM   400  N N     . PRO A 1 51  ? 12.761  7.293   12.005  1.00 31.51 ? 51  PRO A N     1 
ATOM   401  C CA    . PRO A 1 51  ? 13.376  6.230   12.791  1.00 33.13 ? 51  PRO A CA    1 
ATOM   402  C C     . PRO A 1 51  ? 13.514  6.596   14.272  1.00 34.15 ? 51  PRO A C     1 
ATOM   403  O O     . PRO A 1 51  ? 13.940  5.739   15.045  1.00 36.57 ? 51  PRO A O     1 
ATOM   404  C CB    . PRO A 1 51  ? 14.760  6.083   12.154  1.00 35.67 ? 51  PRO A CB    1 
ATOM   405  C CG    . PRO A 1 51  ? 15.046  7.418   11.551  1.00 29.01 ? 51  PRO A CG    1 
ATOM   406  C CD    . PRO A 1 51  ? 13.725  7.991   11.133  1.00 29.62 ? 51  PRO A CD    1 
ATOM   407  N N     . TYR A 1 52  ? 13.141  7.814   14.660  1.00 30.27 ? 52  TYR A N     1 
ATOM   408  C CA    . TYR A 1 52  ? 13.433  8.319   16.016  1.00 34.74 ? 52  TYR A CA    1 
ATOM   409  C C     . TYR A 1 52  ? 12.280  8.199   17.004  1.00 37.87 ? 52  TYR A C     1 
ATOM   410  O O     . TYR A 1 52  ? 12.398  8.557   18.174  1.00 40.49 ? 52  TYR A O     1 
ATOM   411  C CB    . TYR A 1 52  ? 13.878  9.777   15.949  1.00 29.83 ? 52  TYR A CB    1 
ATOM   412  C CG    . TYR A 1 52  ? 14.902  9.995   14.869  1.00 30.70 ? 52  TYR A CG    1 
ATOM   413  C CD1   . TYR A 1 52  ? 16.026  9.177   14.788  1.00 34.61 ? 52  TYR A CD1   1 
ATOM   414  C CD2   . TYR A 1 52  ? 14.736  10.987  13.915  1.00 27.15 ? 52  TYR A CD2   1 
ATOM   415  C CE1   . TYR A 1 52  ? 16.970  9.354   13.791  1.00 33.61 ? 52  TYR A CE1   1 
ATOM   416  C CE2   . TYR A 1 52  ? 15.671  11.175  12.912  1.00 27.76 ? 52  TYR A CE2   1 
ATOM   417  C CZ    . TYR A 1 52  ? 16.782  10.350  12.849  1.00 30.47 ? 52  TYR A CZ    1 
ATOM   418  O OH    . TYR A 1 52  ? 17.719  10.530  11.867  1.00 28.68 ? 52  TYR A OH    1 
ATOM   419  N N     . THR A 1 53  ? 11.158  7.701   16.530  1.00 41.93 ? 53  THR A N     1 
ATOM   420  C CA    . THR A 1 53  ? 9.996   7.597   17.382  1.00 45.35 ? 53  THR A CA    1 
ATOM   421  C C     . THR A 1 53  ? 10.270  6.663   18.555  1.00 47.06 ? 53  THR A C     1 
ATOM   422  O O     . THR A 1 53  ? 10.613  5.498   18.370  1.00 49.65 ? 53  THR A O     1 
ATOM   423  C CB    . THR A 1 53  ? 8.793   7.123   16.577  1.00 40.93 ? 53  THR A CB    1 
ATOM   424  O OG1   . THR A 1 53  ? 8.696   7.915   15.387  1.00 36.29 ? 53  THR A OG1   1 
ATOM   425  C CG2   . THR A 1 53  ? 7.515   7.258   17.396  1.00 44.18 ? 53  THR A CG2   1 
ATOM   426  N N     . SER A 1 54  ? 10.155  7.205   19.764  1.00 49.97 ? 54  SER A N     1 
ATOM   427  C CA    . SER A 1 54  ? 10.166  6.393   20.974  1.00 53.03 ? 54  SER A CA    1 
ATOM   428  C C     . SER A 1 54  ? 8.855   5.616   21.027  1.00 55.27 ? 54  SER A C     1 
ATOM   429  O O     . SER A 1 54  ? 7.770   6.207   21.088  1.00 53.79 ? 54  SER A O     1 
ATOM   430  C CB    . SER A 1 54  ? 10.307  7.277   22.218  1.00 54.93 ? 54  SER A CB    1 
ATOM   431  O OG    . SER A 1 54  ? 9.210   8.171   22.347  1.00 56.86 ? 54  SER A OG    1 
ATOM   432  N N     . SER A 1 55  ? 8.964   4.295   20.991  1.00 50.82 ? 55  SER A N     1 
ATOM   433  C CA    . SER A 1 55  ? 7.796   3.420   20.963  1.00 50.25 ? 55  SER A CA    1 
ATOM   434  C C     . SER A 1 55  ? 7.142   3.397   19.596  1.00 45.32 ? 55  SER A C     1 
ATOM   435  O O     . SER A 1 55  ? 6.280   4.225   19.280  1.00 42.99 ? 55  SER A O     1 
ATOM   436  C CB    . SER A 1 55  ? 6.766   3.790   22.029  1.00 51.58 ? 55  SER A CB    1 
ATOM   437  O OG    . SER A 1 55  ? 5.651   2.913   21.964  1.00 49.58 ? 55  SER A OG    1 
ATOM   438  N N     . SER A 1 56  ? 7.580   2.437   18.791  1.00 41.46 ? 56  SER A N     1 
ATOM   439  C CA    . SER A 1 56  ? 6.956   2.129   17.520  1.00 40.86 ? 56  SER A CA    1 
ATOM   440  C C     . SER A 1 56  ? 7.371   0.732   17.087  1.00 43.12 ? 56  SER A C     1 
ATOM   441  O O     . SER A 1 56  ? 8.530   0.350   17.242  1.00 36.34 ? 56  SER A O     1 
ATOM   442  C CB    . SER A 1 56  ? 7.340   3.163   16.469  1.00 42.56 ? 56  SER A CB    1 
ATOM   443  O OG    . SER A 1 56  ? 6.962   2.744   15.177  1.00 39.56 ? 56  SER A OG    1 
ATOM   444  N N     . ARG A 1 57  ? 6.416   -0.030  16.554  1.00 44.02 ? 57  ARG A N     1 
ATOM   445  C CA    . ARG A 1 57  ? 6.705   -1.373  16.051  1.00 41.95 ? 57  ARG A CA    1 
ATOM   446  C C     . ARG A 1 57  ? 6.911   -1.393  14.537  1.00 40.34 ? 57  ARG A C     1 
ATOM   447  O O     . ARG A 1 57  ? 6.928   -2.465  13.921  1.00 45.07 ? 57  ARG A O     1 
ATOM   448  C CB    . ARG A 1 57  ? 5.602   -2.363  16.445  1.00 40.57 ? 57  ARG A CB    1 
ATOM   449  C CG    . ARG A 1 57  ? 5.310   -2.402  17.938  1.00 46.42 ? 57  ARG A CG    1 
ATOM   450  C CD    . ARG A 1 57  ? 4.724   -3.747  18.385  1.00 52.53 ? 57  ARG A CD    1 
ATOM   451  N NE    . ARG A 1 57  ? 3.734   -4.289  17.452  1.00 57.66 ? 57  ARG A NE    1 
ATOM   452  C CZ    . ARG A 1 57  ? 2.843   -5.226  17.780  1.00 56.94 ? 57  ARG A CZ    1 
ATOM   453  N NH1   . ARG A 1 57  ? 2.813   -5.709  19.019  1.00 59.64 ? 57  ARG A NH1   1 
ATOM   454  N NH2   . ARG A 1 57  ? 1.976   -5.673  16.877  1.00 46.80 ? 57  ARG A NH2   1 
ATOM   455  N N     . TRP A 1 58  ? 7.068   -0.217  13.932  1.00 37.70 ? 58  TRP A N     1 
ATOM   456  C CA    . TRP A 1 58  ? 7.286   -0.132  12.489  1.00 35.80 ? 58  TRP A CA    1 
ATOM   457  C C     . TRP A 1 58  ? 8.391   -1.085  11.987  1.00 39.01 ? 58  TRP A C     1 
ATOM   458  O O     . TRP A 1 58  ? 9.580   -0.883  12.264  1.00 37.72 ? 58  TRP A O     1 
ATOM   459  C CB    . TRP A 1 58  ? 7.582   1.319   12.088  1.00 36.69 ? 58  TRP A CB    1 
ATOM   460  C CG    . TRP A 1 58  ? 7.693   1.567   10.584  1.00 33.51 ? 58  TRP A CG    1 
ATOM   461  C CD1   . TRP A 1 58  ? 8.830   1.846   9.884   1.00 35.32 ? 58  TRP A CD1   1 
ATOM   462  C CD2   . TRP A 1 58  ? 6.619   1.597   9.630   1.00 33.59 ? 58  TRP A CD2   1 
ATOM   463  N NE1   . TRP A 1 58  ? 8.532   2.035   8.561   1.00 30.69 ? 58  TRP A NE1   1 
ATOM   464  C CE2   . TRP A 1 58  ? 7.180   1.895   8.379   1.00 27.77 ? 58  TRP A CE2   1 
ATOM   465  C CE3   . TRP A 1 58  ? 5.238   1.398   9.717   1.00 33.30 ? 58  TRP A CE3   1 
ATOM   466  C CZ2   . TRP A 1 58  ? 6.407   1.988   7.207   1.00 34.61 ? 58  TRP A CZ2   1 
ATOM   467  C CZ3   . TRP A 1 58  ? 4.466   1.484   8.565   1.00 32.75 ? 58  TRP A CZ3   1 
ATOM   468  C CH2   . TRP A 1 58  ? 5.053   1.776   7.319   1.00 31.02 ? 58  TRP A CH2   1 
ATOM   469  N N     . ARG A 1 59  ? 7.978   -2.114  11.243  1.00 40.23 ? 59  ARG A N     1 
ATOM   470  C CA    . ARG A 1 59  ? 8.904   -3.085  10.650  1.00 40.44 ? 59  ARG A CA    1 
ATOM   471  C C     . ARG A 1 59  ? 9.334   -2.677  9.238   1.00 46.71 ? 59  ARG A C     1 
ATOM   472  O O     . ARG A 1 59  ? 9.793   -3.519  8.465   1.00 43.57 ? 59  ARG A O     1 
ATOM   473  C CB    . ARG A 1 59  ? 8.264   -4.471  10.557  1.00 50.67 ? 59  ARG A CB    1 
ATOM   474  C CG    . ARG A 1 59  ? 7.378   -4.857  11.720  1.00 57.98 ? 59  ARG A CG    1 
ATOM   475  C CD    . ARG A 1 59  ? 8.185   -5.225  12.946  1.00 58.99 ? 59  ARG A CD    1 
ATOM   476  N NE    . ARG A 1 59  ? 7.387   -6.048  13.847  1.00 63.37 ? 59  ARG A NE    1 
ATOM   477  C CZ    . ARG A 1 59  ? 7.787   -7.212  14.353  1.00 72.26 ? 59  ARG A CZ    1 
ATOM   478  N NH1   . ARG A 1 59  ? 8.994   -7.691  14.062  1.00 67.14 ? 59  ARG A NH1   1 
ATOM   479  N NH2   . ARG A 1 59  ? 6.977   -7.892  15.157  1.00 75.55 ? 59  ARG A NH2   1 
ATOM   480  N N     . GLY A 1 60  ? 9.180   -1.399  8.899   1.00 37.27 ? 60  GLY A N     1 
ATOM   481  C CA    . GLY A 1 60  ? 9.339   -0.967  7.522   1.00 32.19 ? 60  GLY A CA    1 
ATOM   482  C C     . GLY A 1 60  ? 10.471  0.008   7.308   1.00 29.96 ? 60  GLY A C     1 
ATOM   483  O O     . GLY A 1 60  ? 11.171  0.337   8.243   1.00 33.27 ? 60  GLY A O     1 
ATOM   484  N N     . PRO A 1 61  ? 10.648  0.471   6.063   1.00 29.01 ? 61  PRO A N     1 
ATOM   485  C CA    . PRO A 1 61  ? 11.711  1.419   5.732   1.00 27.97 ? 61  PRO A CA    1 
ATOM   486  C C     . PRO A 1 61  ? 11.344  2.804   6.234   1.00 33.36 ? 61  PRO A C     1 
ATOM   487  O O     . PRO A 1 61  ? 10.161  3.110   6.451   1.00 28.13 ? 61  PRO A O     1 
ATOM   488  C CB    . PRO A 1 61  ? 11.737  1.396   4.203   1.00 33.50 ? 61  PRO A CB    1 
ATOM   489  C CG    . PRO A 1 61  ? 10.309  1.015   3.809   1.00 25.99 ? 61  PRO A CG    1 
ATOM   490  C CD    . PRO A 1 61  ? 9.823   0.110   4.895   1.00 25.94 ? 61  PRO A CD    1 
ATOM   491  N N     . PHE A 1 62  ? 12.359  3.640   6.398   1.00 31.18 ? 62  PHE A N     1 
ATOM   492  C CA    . PHE A 1 62  ? 12.176  4.975   6.921   1.00 29.65 ? 62  PHE A CA    1 
ATOM   493  C C     . PHE A 1 62  ? 12.277  5.972   5.794   1.00 27.24 ? 62  PHE A C     1 
ATOM   494  O O     . PHE A 1 62  ? 12.817  5.670   4.732   1.00 27.79 ? 62  PHE A O     1 
ATOM   495  C CB    . PHE A 1 62  ? 13.205  5.246   8.012   1.00 30.77 ? 62  PHE A CB    1 
ATOM   496  C CG    . PHE A 1 62  ? 13.142  4.251   9.134   1.00 31.21 ? 62  PHE A CG    1 
ATOM   497  C CD1   . PHE A 1 62  ? 12.146  4.344   10.099  1.00 31.78 ? 62  PHE A CD1   1 
ATOM   498  C CD2   . PHE A 1 62  ? 14.053  3.200   9.204   1.00 32.31 ? 62  PHE A CD2   1 
ATOM   499  C CE1   . PHE A 1 62  ? 12.068  3.425   11.124  1.00 33.30 ? 62  PHE A CE1   1 
ATOM   500  C CE2   . PHE A 1 62  ? 13.983  2.268   10.238  1.00 35.88 ? 62  PHE A CE2   1 
ATOM   501  C CZ    . PHE A 1 62  ? 12.993  2.380   11.197  1.00 33.16 ? 62  PHE A CZ    1 
ATOM   502  N N     . GLY A 1 63  ? 11.724  7.154   6.015   1.00 23.88 ? 63  GLY A N     1 
ATOM   503  C CA    . GLY A 1 63  ? 11.539  8.082   4.928   1.00 23.42 ? 63  GLY A CA    1 
ATOM   504  C C     . GLY A 1 63  ? 10.293  7.797   4.117   1.00 27.36 ? 63  GLY A C     1 
ATOM   505  O O     . GLY A 1 63  ? 9.378   7.090   4.569   1.00 25.81 ? 63  GLY A O     1 
ATOM   506  N N     . ARG A 1 64  ? 10.258  8.351   2.911   1.00 25.03 ? 64  ARG A N     1 
ATOM   507  C CA    . ARG A 1 64  ? 9.042   8.385   2.105   1.00 31.55 ? 64  ARG A CA    1 
ATOM   508  C C     . ARG A 1 64  ? 8.957   7.156   1.219   1.00 27.96 ? 64  ARG A C     1 
ATOM   509  O O     . ARG A 1 64  ? 9.015   7.262   -0.004  1.00 27.29 ? 64  ARG A O     1 
ATOM   510  C CB    . ARG A 1 64  ? 9.013   9.649   1.239   1.00 34.45 ? 64  ARG A CB    1 
ATOM   511  C CG    . ARG A 1 64  ? 9.126   10.973  2.002   1.00 26.54 ? 64  ARG A CG    1 
ATOM   512  C CD    . ARG A 1 64  ? 8.887   12.141  1.050   1.00 30.90 ? 64  ARG A CD    1 
ATOM   513  N NE    . ARG A 1 64  ? 9.087   13.449  1.667   1.00 33.77 ? 64  ARG A NE    1 
ATOM   514  C CZ    . ARG A 1 64  ? 8.101   14.223  2.104   1.00 33.52 ? 64  ARG A CZ    1 
ATOM   515  N NH1   . ARG A 1 64  ? 6.845   13.820  1.997   1.00 32.31 ? 64  ARG A NH1   1 
ATOM   516  N NH2   . ARG A 1 64  ? 8.366   15.401  2.647   1.00 37.21 ? 64  ARG A NH2   1 
ATOM   517  N N     . PHE A 1 65  ? 8.810   5.990   1.836   1.00 23.70 ? 65  PHE A N     1 
ATOM   518  C CA    . PHE A 1 65  ? 8.947   4.736   1.104   1.00 25.53 ? 65  PHE A CA    1 
ATOM   519  C C     . PHE A 1 65  ? 7.711   3.883   1.218   1.00 30.13 ? 65  PHE A C     1 
ATOM   520  O O     . PHE A 1 65  ? 7.699   2.724   0.791   1.00 23.63 ? 65  PHE A O     1 
ATOM   521  C CB    . PHE A 1 65  ? 10.132  3.942   1.642   1.00 25.39 ? 65  PHE A CB    1 
ATOM   522  C CG    . PHE A 1 65  ? 11.433  4.307   1.018   1.00 30.72 ? 65  PHE A CG    1 
ATOM   523  C CD1   . PHE A 1 65  ? 12.145  5.422   1.459   1.00 32.00 ? 65  PHE A CD1   1 
ATOM   524  C CD2   . PHE A 1 65  ? 11.962  3.528   -0.012  1.00 35.79 ? 65  PHE A CD2   1 
ATOM   525  C CE1   . PHE A 1 65  ? 13.360  5.755   0.884   1.00 31.51 ? 65  PHE A CE1   1 
ATOM   526  C CE2   . PHE A 1 65  ? 13.175  3.864   -0.602  1.00 35.98 ? 65  PHE A CE2   1 
ATOM   527  C CZ    . PHE A 1 65  ? 13.876  4.977   -0.149  1.00 33.27 ? 65  PHE A CZ    1 
ATOM   528  N N     . SER A 1 66  ? 6.669   4.457   1.806   1.00 26.79 ? 66  SER A N     1 
ATOM   529  C CA    . SER A 1 66  ? 5.485   3.700   2.118   1.00 21.51 ? 66  SER A CA    1 
ATOM   530  C C     . SER A 1 66  ? 4.231   4.525   1.914   1.00 29.69 ? 66  SER A C     1 
ATOM   531  O O     . SER A 1 66  ? 4.195   5.717   2.232   1.00 21.17 ? 66  SER A O     1 
ATOM   532  C CB    . SER A 1 66  ? 5.552   3.182   3.563   1.00 22.09 ? 66  SER A CB    1 
ATOM   533  O OG    . SER A 1 66  ? 6.596   2.226   3.702   1.00 33.15 ? 66  SER A OG    1 
ATOM   534  N N     . ILE A 1 67  ? 3.191   3.872   1.399   1.00 26.56 ? 67  ILE A N     1 
ATOM   535  C CA    . ILE A 1 67  ? 1.929   4.555   1.178   1.00 26.18 ? 67  ILE A CA    1 
ATOM   536  C C     . ILE A 1 67  ? 0.780   3.931   1.977   1.00 30.98 ? 67  ILE A C     1 
ATOM   537  O O     . ILE A 1 67  ? 0.632   2.693   2.061   1.00 23.73 ? 67  ILE A O     1 
ATOM   538  C CB    . ILE A 1 67  ? 1.586   4.653   -0.325  1.00 28.11 ? 67  ILE A CB    1 
ATOM   539  C CG1   . ILE A 1 67  ? 0.256   5.385   -0.517  1.00 24.77 ? 67  ILE A CG1   1 
ATOM   540  C CG2   . ILE A 1 67  ? 1.549   3.270   -0.974  1.00 31.45 ? 67  ILE A CG2   1 
ATOM   541  C CD1   . ILE A 1 67  ? -0.201  5.411   -1.927  1.00 25.55 ? 67  ILE A CD1   1 
ATOM   542  N N     . ARG A 1 68  ? -0.018  4.799   2.593   1.00 27.62 ? 68  ARG A N     1 
ATOM   543  C CA    . ARG A 1 68  ? -1.213  4.355   3.299   1.00 19.61 ? 68  ARG A CA    1 
ATOM   544  C C     . ARG A 1 68  ? -2.350  4.045   2.290   1.00 25.63 ? 68  ARG A C     1 
ATOM   545  O O     . ARG A 1 68  ? -2.529  4.744   1.299   1.00 22.17 ? 68  ARG A O     1 
ATOM   546  C CB    . ARG A 1 68  ? -1.638  5.370   4.369   1.00 24.01 ? 68  ARG A CB    1 
ATOM   547  C CG    . ARG A 1 68  ? -2.904  4.988   5.142   1.00 33.10 ? 68  ARG A CG    1 
ATOM   548  C CD    . ARG A 1 68  ? -3.035  5.743   6.442   1.00 33.40 ? 68  ARG A CD    1 
ATOM   549  N NE    . ARG A 1 68  ? -3.026  7.180   6.235   1.00 49.03 ? 68  ARG A NE    1 
ATOM   550  C CZ    . ARG A 1 68  ? -2.624  8.060   7.141   1.00 47.72 ? 68  ARG A CZ    1 
ATOM   551  N NH1   . ARG A 1 68  ? -2.201  7.650   8.324   1.00 45.24 ? 68  ARG A NH1   1 
ATOM   552  N NH2   . ARG A 1 68  ? -2.650  9.349   6.859   1.00 47.44 ? 68  ARG A NH2   1 
ATOM   553  N N     . CYS A 1 69  ? -3.087  2.965   2.537   1.00 22.99 ? 69  CYS A N     1 
ATOM   554  C CA    . CYS A 1 69  ? -4.253  2.599   1.712   1.00 24.67 ? 69  CYS A CA    1 
ATOM   555  C C     . CYS A 1 69  ? -5.450  2.506   2.632   1.00 26.92 ? 69  CYS A C     1 
ATOM   556  O O     . CYS A 1 69  ? -5.384  1.842   3.660   1.00 28.07 ? 69  CYS A O     1 
ATOM   557  C CB    . CYS A 1 69  ? -4.053  1.248   1.027   1.00 28.35 ? 69  CYS A CB    1 
ATOM   558  S SG    . CYS A 1 69  ? -2.480  1.084   0.163   1.00 29.63 ? 69  CYS A SG    1 
ATOM   559  N N     . ILE A 1 70  ? -6.532  3.196   2.293   1.00 23.97 ? 70  ILE A N     1 
ATOM   560  C CA    . ILE A 1 70  ? -7.721  3.113   3.122   1.00 29.58 ? 70  ILE A CA    1 
ATOM   561  C C     . ILE A 1 70  ? -8.747  2.214   2.456   1.00 27.76 ? 70  ILE A C     1 
ATOM   562  O O     . ILE A 1 70  ? -9.135  2.466   1.332   1.00 25.97 ? 70  ILE A O     1 
ATOM   563  C CB    . ILE A 1 70  ? -8.356  4.477   3.339   1.00 34.11 ? 70  ILE A CB    1 
ATOM   564  C CG1   . ILE A 1 70  ? -7.378  5.381   4.086   1.00 33.81 ? 70  ILE A CG1   1 
ATOM   565  C CG2   . ILE A 1 70  ? -9.663  4.312   4.116   1.00 32.23 ? 70  ILE A CG2   1 
ATOM   566  C CD1   . ILE A 1 70  ? -6.576  4.621   5.109   1.00 33.27 ? 70  ILE A CD1   1 
ATOM   567  N N     . LEU A 1 71  ? -9.185  1.158   3.139   1.00 23.96 ? 71  LEU A N     1 
ATOM   568  C CA    . LEU A 1 71  ? -10.117 0.221   2.508   1.00 23.14 ? 71  LEU A CA    1 
ATOM   569  C C     . LEU A 1 71  ? -11.521 0.355   3.106   1.00 30.21 ? 71  LEU A C     1 
ATOM   570  O O     . LEU A 1 71  ? -11.705 0.221   4.312   1.00 33.54 ? 71  LEU A O     1 
ATOM   571  C CB    . LEU A 1 71  ? -9.592  -1.214  2.633   1.00 24.44 ? 71  LEU A CB    1 
ATOM   572  C CG    . LEU A 1 71  ? -8.525  -1.655  1.617   1.00 24.46 ? 71  LEU A CG    1 
ATOM   573  C CD1   . LEU A 1 71  ? -7.305  -0.712  1.617   1.00 27.84 ? 71  LEU A CD1   1 
ATOM   574  C CD2   . LEU A 1 71  ? -8.091  -3.100  1.849   1.00 23.69 ? 71  LEU A CD2   1 
ATOM   575  N N     . TRP A 1 72  ? -12.511 0.621   2.263   1.00 30.15 ? 72  TRP A N     1 
ATOM   576  C CA    . TRP A 1 72  ? -13.866 0.819   2.747   1.00 32.57 ? 72  TRP A CA    1 
ATOM   577  C C     . TRP A 1 72  ? -14.781 -0.368  2.425   1.00 34.15 ? 72  TRP A C     1 
ATOM   578  O O     . TRP A 1 72  ? -14.559 -1.093  1.462   1.00 33.84 ? 72  TRP A O     1 
ATOM   579  C CB    . TRP A 1 72  ? -14.461 2.111   2.179   1.00 35.10 ? 72  TRP A CB    1 
ATOM   580  C CG    . TRP A 1 72  ? -13.754 3.361   2.606   1.00 35.84 ? 72  TRP A CG    1 
ATOM   581  C CD1   . TRP A 1 72  ? -12.848 4.079   1.880   1.00 38.59 ? 72  TRP A CD1   1 
ATOM   582  C CD2   . TRP A 1 72  ? -13.909 4.056   3.849   1.00 40.69 ? 72  TRP A CD2   1 
ATOM   583  N NE1   . TRP A 1 72  ? -12.423 5.169   2.601   1.00 39.89 ? 72  TRP A NE1   1 
ATOM   584  C CE2   . TRP A 1 72  ? -13.055 5.176   3.814   1.00 33.72 ? 72  TRP A CE2   1 
ATOM   585  C CE3   . TRP A 1 72  ? -14.678 3.834   4.996   1.00 38.39 ? 72  TRP A CE3   1 
ATOM   586  C CZ2   . TRP A 1 72  ? -12.960 6.078   4.870   1.00 40.10 ? 72  TRP A CZ2   1 
ATOM   587  C CZ3   . TRP A 1 72  ? -14.579 4.730   6.049   1.00 35.92 ? 72  TRP A CZ3   1 
ATOM   588  C CH2   . TRP A 1 72  ? -13.727 5.838   5.977   1.00 41.49 ? 72  TRP A CH2   1 
ATOM   589  N N     . ASP A 1 73  ? -15.811 -0.555  3.244   1.00 36.98 ? 73  ASP A N     1 
ATOM   590  C CA    . ASP A 1 73  ? -16.893 -1.466  2.886   1.00 33.93 ? 73  ASP A CA    1 
ATOM   591  C C     . ASP A 1 73  ? -16.411 -2.874  2.509   1.00 34.31 ? 73  ASP A C     1 
ATOM   592  O O     . ASP A 1 73  ? -15.745 -3.539  3.304   1.00 35.21 ? 73  ASP A O     1 
ATOM   593  C CB    . ASP A 1 73  ? -17.728 -0.836  1.766   1.00 36.44 ? 73  ASP A CB    1 
ATOM   594  C CG    . ASP A 1 73  ? -18.138 0.602   2.097   1.00 42.17 ? 73  ASP A CG    1 
ATOM   595  O OD1   . ASP A 1 73  ? -18.469 0.858   3.277   1.00 28.22 ? 73  ASP A OD1   1 
ATOM   596  O OD2   . ASP A 1 73  ? -18.106 1.472   1.203   1.00 44.20 ? 73  ASP A OD2   1 
ATOM   597  N N     . GLU A 1 74  ? -16.759 -3.334  1.311   1.00 31.60 ? 74  GLU A N     1 
ATOM   598  C CA    . GLU A 1 74  ? -16.474 -4.725  0.946   1.00 30.74 ? 74  GLU A CA    1 
ATOM   599  C C     . GLU A 1 74  ? -14.979 -5.025  0.988   1.00 28.05 ? 74  GLU A C     1 
ATOM   600  O O     . GLU A 1 74  ? -14.559 -6.119  1.386   1.00 27.64 ? 74  GLU A O     1 
ATOM   601  C CB    . GLU A 1 74  ? -17.098 -5.116  -0.415  1.00 31.71 ? 74  GLU A CB    1 
ATOM   602  C CG    . GLU A 1 74  ? -16.601 -4.349  -1.635  1.00 26.86 ? 74  GLU A CG    1 
ATOM   603  C CD    . GLU A 1 74  ? -17.452 -3.123  -1.935  1.00 33.10 ? 74  GLU A CD    1 
ATOM   604  O OE1   . GLU A 1 74  ? -18.274 -2.751  -1.068  1.00 39.70 ? 74  GLU A OE1   1 
ATOM   605  O OE2   . GLU A 1 74  ? -17.303 -2.530  -3.026  1.00 31.91 ? 74  GLU A OE2   1 
ATOM   606  N N     . HIS A 1 75  ? -14.181 -4.040  0.587   1.00 29.64 ? 75  HIS A N     1 
ATOM   607  C CA    . HIS A 1 75  ? -12.729 -4.162  0.598   1.00 32.11 ? 75  HIS A CA    1 
ATOM   608  C C     . HIS A 1 75  ? -12.247 -4.358  2.028   1.00 26.98 ? 75  HIS A C     1 
ATOM   609  O O     . HIS A 1 75  ? -11.376 -5.191  2.307   1.00 27.68 ? 75  HIS A O     1 
ATOM   610  C CB    . HIS A 1 75  ? -12.102 -2.906  -0.022  1.00 25.74 ? 75  HIS A CB    1 
ATOM   611  C CG    . HIS A 1 75  ? -12.794 -2.450  -1.272  1.00 32.50 ? 75  HIS A CG    1 
ATOM   612  N ND1   . HIS A 1 75  ? -12.645 -3.095  -2.487  1.00 27.84 ? 75  HIS A ND1   1 
ATOM   613  C CD2   . HIS A 1 75  ? -13.655 -1.425  -1.492  1.00 30.35 ? 75  HIS A CD2   1 
ATOM   614  C CE1   . HIS A 1 75  ? -13.363 -2.466  -3.402  1.00 29.07 ? 75  HIS A CE1   1 
ATOM   615  N NE2   . HIS A 1 75  ? -13.989 -1.455  -2.826  1.00 31.38 ? 75  HIS A NE2   1 
ATOM   616  N N     . ASP A 1 76  ? -12.826 -3.574  2.930   1.00 26.07 ? 76  ASP A N     1 
ATOM   617  C CA    . ASP A 1 76  ? -12.647 -3.753  4.357   1.00 25.97 ? 76  ASP A CA    1 
ATOM   618  C C     . ASP A 1 76  ? -13.021 -5.182  4.750   1.00 30.80 ? 76  ASP A C     1 
ATOM   619  O O     . ASP A 1 76  ? -12.171 -5.977  5.172   1.00 27.45 ? 76  ASP A O     1 
ATOM   620  C CB    . ASP A 1 76  ? -13.528 -2.731  5.106   1.00 27.92 ? 76  ASP A CB    1 
ATOM   621  C CG    . ASP A 1 76  ? -13.351 -2.779  6.614   1.00 36.20 ? 76  ASP A CG    1 
ATOM   622  O OD1   . ASP A 1 76  ? -12.621 -3.666  7.116   1.00 33.40 ? 76  ASP A OD1   1 
ATOM   623  O OD2   . ASP A 1 76  ? -13.953 -1.919  7.307   1.00 32.26 ? 76  ASP A OD2   1 
ATOM   624  N N     . PHE A 1 77  ? -14.298 -5.516  4.600   1.00 30.22 ? 77  PHE A N     1 
ATOM   625  C CA    . PHE A 1 77  ? -14.783 -6.826  5.031   1.00 33.00 ? 77  PHE A CA    1 
ATOM   626  C C     . PHE A 1 77  ? -13.866 -7.935  4.501   1.00 27.52 ? 77  PHE A C     1 
ATOM   627  O O     . PHE A 1 77  ? -13.536 -8.867  5.216   1.00 30.97 ? 77  PHE A O     1 
ATOM   628  C CB    . PHE A 1 77  ? -16.224 -7.031  4.573   1.00 31.72 ? 77  PHE A CB    1 
ATOM   629  C CG    . PHE A 1 77  ? -17.172 -5.975  5.082   1.00 31.11 ? 77  PHE A CG    1 
ATOM   630  C CD1   . PHE A 1 77  ? -17.114 -5.556  6.392   1.00 39.00 ? 77  PHE A CD1   1 
ATOM   631  C CD2   . PHE A 1 77  ? -18.103 -5.395  4.242   1.00 31.19 ? 77  PHE A CD2   1 
ATOM   632  C CE1   . PHE A 1 77  ? -17.973 -4.574  6.869   1.00 49.04 ? 77  PHE A CE1   1 
ATOM   633  C CE2   . PHE A 1 77  ? -18.968 -4.406  4.711   1.00 39.05 ? 77  PHE A CE2   1 
ATOM   634  C CZ    . PHE A 1 77  ? -18.897 -3.999  6.027   1.00 47.26 ? 77  PHE A CZ    1 
ATOM   635  N N     . TYR A 1 78  ? -13.432 -7.820  3.253   1.00 25.78 ? 78  TYR A N     1 
ATOM   636  C CA    . TYR A 1 78  ? -12.603 -8.862  2.649   1.00 27.78 ? 78  TYR A CA    1 
ATOM   637  C C     . TYR A 1 78  ? -11.213 -8.953  3.273   1.00 26.91 ? 78  TYR A C     1 
ATOM   638  O O     . TYR A 1 78  ? -10.767 -10.033 3.660   1.00 33.00 ? 78  TYR A O     1 
ATOM   639  C CB    . TYR A 1 78  ? -12.476 -8.629  1.142   1.00 28.54 ? 78  TYR A CB    1 
ATOM   640  C CG    . TYR A 1 78  ? -11.626 -9.663  0.431   1.00 27.05 ? 78  TYR A CG    1 
ATOM   641  C CD1   . TYR A 1 78  ? -11.892 -11.012 0.564   1.00 28.30 ? 78  TYR A CD1   1 
ATOM   642  C CD2   . TYR A 1 78  ? -10.580 -9.286  -0.379  1.00 26.32 ? 78  TYR A CD2   1 
ATOM   643  C CE1   . TYR A 1 78  ? -11.125 -11.962 -0.084  1.00 30.53 ? 78  TYR A CE1   1 
ATOM   644  C CE2   . TYR A 1 78  ? -9.807  -10.229 -1.038  1.00 27.05 ? 78  TYR A CE2   1 
ATOM   645  C CZ    . TYR A 1 78  ? -10.082 -11.563 -0.886  1.00 29.69 ? 78  TYR A CZ    1 
ATOM   646  O OH    . TYR A 1 78  ? -9.318  -12.515 -1.531  1.00 27.80 ? 78  TYR A OH    1 
ATOM   647  N N     . CYS A 1 79  ? -10.533 -7.818  3.381   1.00 30.17 ? 79  CYS A N     1 
ATOM   648  C CA    . CYS A 1 79  ? -9.118  -7.814  3.751   1.00 29.51 ? 79  CYS A CA    1 
ATOM   649  C C     . CYS A 1 79  ? -8.810  -7.888  5.254   1.00 34.36 ? 79  CYS A C     1 
ATOM   650  O O     . CYS A 1 79  ? -7.739  -8.382  5.645   1.00 29.34 ? 79  CYS A O     1 
ATOM   651  C CB    . CYS A 1 79  ? -8.426  -6.592  3.138   1.00 23.06 ? 79  CYS A CB    1 
ATOM   652  S SG    . CYS A 1 79  ? -8.289  -6.736  1.400   1.00 26.64 ? 79  CYS A SG    1 
ATOM   653  N N     . ARG A 1 80  ? -9.751  -7.415  6.079   1.00 33.01 ? 80  ARG A N     1 
ATOM   654  C CA    . ARG A 1 80  ? -9.489  -7.137  7.498   1.00 34.34 ? 80  ARG A CA    1 
ATOM   655  C C     . ARG A 1 80  ? -8.873  -8.299  8.280   1.00 34.29 ? 80  ARG A C     1 
ATOM   656  O O     . ARG A 1 80  ? -7.913  -8.101  9.030   1.00 34.37 ? 80  ARG A O     1 
ATOM   657  C CB    . ARG A 1 80  ? -10.744 -6.613  8.230   1.00 35.05 ? 80  ARG A CB    1 
ATOM   658  C CG    . ARG A 1 80  ? -11.847 -7.656  8.404   1.00 41.04 ? 80  ARG A CG    1 
ATOM   659  C CD    . ARG A 1 80  ? -12.979 -7.116  9.250   1.00 41.67 ? 80  ARG A CD    1 
ATOM   660  N NE    . ARG A 1 80  ? -13.807 -6.162  8.519   1.00 37.45 ? 80  ARG A NE    1 
ATOM   661  C CZ    . ARG A 1 80  ? -14.560 -5.225  9.091   1.00 43.63 ? 80  ARG A CZ    1 
ATOM   662  N NH1   . ARG A 1 80  ? -14.583 -5.091  10.409  1.00 47.39 ? 80  ARG A NH1   1 
ATOM   663  N NH2   . ARG A 1 80  ? -15.287 -4.407  8.340   1.00 46.71 ? 80  ARG A NH2   1 
ATOM   664  N N     . ASN A 1 81  ? -9.435  -9.493  8.118   1.00 32.35 ? 81  ASN A N     1 
ATOM   665  C CA    . ASN A 1 81  ? -8.950  -10.668 8.842   1.00 34.44 ? 81  ASN A CA    1 
ATOM   666  C C     . ASN A 1 81  ? -8.245  -11.624 7.905   1.00 34.34 ? 81  ASN A C     1 
ATOM   667  O O     . ASN A 1 81  ? -8.207  -12.832 8.149   1.00 36.40 ? 81  ASN A O     1 
ATOM   668  C CB    . ASN A 1 81  ? -10.099 -11.392 9.531   1.00 39.96 ? 81  ASN A CB    1 
ATOM   669  C CG    . ASN A 1 81  ? -10.545 -10.697 10.795  1.00 42.48 ? 81  ASN A CG    1 
ATOM   670  O OD1   . ASN A 1 81  ? -11.606 -10.078 10.835  1.00 38.02 ? 81  ASN A OD1   1 
ATOM   671  N ND2   . ASN A 1 81  ? -9.734  -10.794 11.844  1.00 44.68 ? 81  ASN A ND2   1 
ATOM   672  N N     . TYR A 1 82  ? -7.691  -11.072 6.833   1.00 34.54 ? 82  TYR A N     1 
ATOM   673  C CA    . TYR A 1 82  ? -7.079  -11.865 5.772   1.00 36.27 ? 82  TYR A CA    1 
ATOM   674  C C     . TYR A 1 82  ? -5.686  -11.339 5.366   1.00 32.55 ? 82  TYR A C     1 
ATOM   675  O O     . TYR A 1 82  ? -4.706  -12.076 5.427   1.00 34.78 ? 82  TYR A O     1 
ATOM   676  C CB    . TYR A 1 82  ? -8.045  -11.953 4.575   1.00 29.68 ? 82  TYR A CB    1 
ATOM   677  C CG    . TYR A 1 82  ? -7.488  -12.602 3.333   1.00 32.43 ? 82  TYR A CG    1 
ATOM   678  C CD1   . TYR A 1 82  ? -6.772  -13.796 3.399   1.00 31.18 ? 82  TYR A CD1   1 
ATOM   679  C CD2   . TYR A 1 82  ? -7.692  -12.029 2.079   1.00 33.38 ? 82  TYR A CD2   1 
ATOM   680  C CE1   . TYR A 1 82  ? -6.277  -14.395 2.250   1.00 30.84 ? 82  TYR A CE1   1 
ATOM   681  C CE2   . TYR A 1 82  ? -7.194  -12.624 0.921   1.00 32.90 ? 82  TYR A CE2   1 
ATOM   682  C CZ    . TYR A 1 82  ? -6.483  -13.802 1.016   1.00 31.27 ? 82  TYR A CZ    1 
ATOM   683  O OH    . TYR A 1 82  ? -5.979  -14.384 -0.134  1.00 26.31 ? 82  TYR A OH    1 
ATOM   684  N N     . ILE A 1 83  ? -5.579  -10.072 4.979   1.00 31.12 ? 83  ILE A N     1 
ATOM   685  C CA    . ILE A 1 83  ? -4.263  -9.525  4.602   1.00 32.26 ? 83  ILE A CA    1 
ATOM   686  C C     . ILE A 1 83  ? -3.430  -9.176  5.830   1.00 32.35 ? 83  ILE A C     1 
ATOM   687  O O     . ILE A 1 83  ? -3.844  -8.341  6.630   1.00 40.39 ? 83  ILE A O     1 
ATOM   688  C CB    . ILE A 1 83  ? -4.381  -8.272  3.739   1.00 28.03 ? 83  ILE A CB    1 
ATOM   689  C CG1   . ILE A 1 83  ? -5.291  -8.528  2.548   1.00 32.97 ? 83  ILE A CG1   1 
ATOM   690  C CG2   . ILE A 1 83  ? -2.995  -7.817  3.250   1.00 31.77 ? 83  ILE A CG2   1 
ATOM   691  C CD1   . ILE A 1 83  ? -4.733  -9.518  1.574   1.00 34.76 ? 83  ILE A CD1   1 
ATOM   692  N N     . LYS A 1 84  ? -2.254  -9.793  5.966   1.00 35.45 ? 84  LYS A N     1 
ATOM   693  C CA    . LYS A 1 84  ? -1.411  -9.614  7.161   1.00 33.52 ? 84  LYS A CA    1 
ATOM   694  C C     . LYS A 1 84  ? -0.046  -8.958  6.895   1.00 33.10 ? 84  LYS A C     1 
ATOM   695  O O     . LYS A 1 84  ? 0.533   -9.129  5.829   1.00 33.81 ? 84  LYS A O     1 
ATOM   696  C CB    . LYS A 1 84  ? -1.201  -10.956 7.870   1.00 31.37 ? 84  LYS A CB    1 
ATOM   697  C CG    . LYS A 1 84  ? -2.493  -11.638 8.327   1.00 42.80 ? 84  LYS A CG    1 
ATOM   698  C CD    . LYS A 1 84  ? -2.227  -12.970 9.038   1.00 47.63 ? 84  LYS A CD    1 
ATOM   699  C CE    . LYS A 1 84  ? -3.501  -13.527 9.680   1.00 49.97 ? 84  LYS A CE    1 
ATOM   700  N NZ    . LYS A 1 84  ? -3.238  -14.812 10.403  1.00 43.27 ? 84  LYS A NZ    1 
ATOM   701  N N     . GLU A 1 85  ? 0.463   -8.211  7.876   1.00 31.34 ? 85  GLU A N     1 
ATOM   702  C CA    . GLU A 1 85  ? 1.811   -7.634  7.817   1.00 31.76 ? 85  GLU A CA    1 
ATOM   703  C C     . GLU A 1 85  ? 2.834   -8.688  7.369   1.00 30.36 ? 85  GLU A C     1 
ATOM   704  O O     . GLU A 1 85  ? 2.917   -9.770  7.965   1.00 30.50 ? 85  GLU A O     1 
ATOM   705  C CB    . GLU A 1 85  ? 2.207   -7.079  9.195   1.00 30.16 ? 85  GLU A CB    1 
ATOM   706  C CG    . GLU A 1 85  ? 1.346   -5.899  9.672   1.00 29.17 ? 85  GLU A CG    1 
ATOM   707  C CD    . GLU A 1 85  ? 1.784   -5.333  11.030  1.00 33.41 ? 85  GLU A CD    1 
ATOM   708  O OE1   . GLU A 1 85  ? 2.682   -5.920  11.670  1.00 33.94 ? 85  GLU A OE1   1 
ATOM   709  O OE2   . GLU A 1 85  ? 1.221   -4.294  11.456  1.00 31.23 ? 85  GLU A OE2   1 
ATOM   710  N N     . GLY A 1 86  ? 3.600   -8.376  6.325   1.00 28.79 ? 86  GLY A N     1 
ATOM   711  C CA    . GLY A 1 86  ? 4.537   -9.330  5.734   1.00 31.98 ? 86  GLY A CA    1 
ATOM   712  C C     . GLY A 1 86  ? 4.034   -9.936  4.422   1.00 37.10 ? 86  GLY A C     1 
ATOM   713  O O     . GLY A 1 86  ? 4.805   -10.312 3.536   1.00 33.61 ? 86  GLY A O     1 
ATOM   714  N N     . ASP A 1 87  ? 2.719   -10.013 4.291   1.00 31.69 ? 87  ASP A N     1 
ATOM   715  C CA    . ASP A 1 87  ? 2.111   -10.434 3.037   1.00 33.76 ? 87  ASP A CA    1 
ATOM   716  C C     . ASP A 1 87  ? 2.511   -9.535  1.869   1.00 37.88 ? 87  ASP A C     1 
ATOM   717  O O     . ASP A 1 87  ? 2.844   -8.348  2.048   1.00 32.41 ? 87  ASP A O     1 
ATOM   718  C CB    . ASP A 1 87  ? 0.592   -10.449 3.166   1.00 32.45 ? 87  ASP A CB    1 
ATOM   719  C CG    . ASP A 1 87  ? 0.105   -11.597 3.993   1.00 35.69 ? 87  ASP A CG    1 
ATOM   720  O OD1   . ASP A 1 87  ? 0.956   -12.409 4.389   1.00 32.23 ? 87  ASP A OD1   1 
ATOM   721  O OD2   . ASP A 1 87  ? -1.119  -11.701 4.232   1.00 32.23 ? 87  ASP A OD2   1 
ATOM   722  N N     . TYR A 1 88  ? 2.486   -10.119 0.674   1.00 36.12 ? 88  TYR A N     1 
ATOM   723  C CA    . TYR A 1 88  ? 2.615   -9.360  -0.551  1.00 28.05 ? 88  TYR A CA    1 
ATOM   724  C C     . TYR A 1 88  ? 1.240   -9.226  -1.170  1.00 33.60 ? 88  TYR A C     1 
ATOM   725  O O     . TYR A 1 88  ? 0.416   -10.156 -1.156  1.00 33.97 ? 88  TYR A O     1 
ATOM   726  C CB    . TYR A 1 88  ? 3.548   -10.051 -1.534  1.00 26.15 ? 88  TYR A CB    1 
ATOM   727  C CG    . TYR A 1 88  ? 4.972   -10.154 -1.049  1.00 33.08 ? 88  TYR A CG    1 
ATOM   728  C CD1   . TYR A 1 88  ? 5.396   -11.252 -0.314  1.00 41.28 ? 88  TYR A CD1   1 
ATOM   729  C CD2   . TYR A 1 88  ? 5.908   -9.161  -1.350  1.00 31.41 ? 88  TYR A CD2   1 
ATOM   730  C CE1   . TYR A 1 88  ? 6.717   -11.353 0.127   1.00 35.54 ? 88  TYR A CE1   1 
ATOM   731  C CE2   . TYR A 1 88  ? 7.218   -9.251  -0.914  1.00 28.12 ? 88  TYR A CE2   1 
ATOM   732  C CZ    . TYR A 1 88  ? 7.613   -10.346 -0.178  1.00 32.22 ? 88  TYR A CZ    1 
ATOM   733  O OH    . TYR A 1 88  ? 8.910   -10.439 0.250   1.00 36.30 ? 88  TYR A OH    1 
ATOM   734  N N     . VAL A 1 89  ? 0.986   -8.068  -1.738  1.00 31.55 ? 89  VAL A N     1 
ATOM   735  C CA    . VAL A 1 89  ? -0.330  -7.818  -2.255  1.00 31.77 ? 89  VAL A CA    1 
ATOM   736  C C     . VAL A 1 89  ? -0.186  -7.320  -3.680  1.00 28.53 ? 89  VAL A C     1 
ATOM   737  O O     . VAL A 1 89  ? 0.845   -6.737  -4.044  1.00 26.94 ? 89  VAL A O     1 
ATOM   738  C CB    . VAL A 1 89  ? -1.034  -6.779  -1.363  1.00 36.00 ? 89  VAL A CB    1 
ATOM   739  C CG1   . VAL A 1 89  ? -0.432  -5.386  -1.561  1.00 32.42 ? 89  VAL A CG1   1 
ATOM   740  C CG2   . VAL A 1 89  ? -2.493  -6.777  -1.627  1.00 26.08 ? 89  VAL A CG2   1 
ATOM   741  N N     . VAL A 1 90  ? -1.194  -7.570  -4.503  1.00 23.98 ? 90  VAL A N     1 
ATOM   742  C CA    . VAL A 1 90  ? -1.258  -6.908  -5.798  1.00 25.26 ? 90  VAL A CA    1 
ATOM   743  C C     . VAL A 1 90  ? -2.514  -6.042  -5.847  1.00 30.79 ? 90  VAL A C     1 
ATOM   744  O O     . VAL A 1 90  ? -3.637  -6.536  -5.655  1.00 28.05 ? 90  VAL A O     1 
ATOM   745  C CB    . VAL A 1 90  ? -1.236  -7.913  -6.978  1.00 28.37 ? 90  VAL A CB    1 
ATOM   746  C CG1   . VAL A 1 90  ? -2.402  -8.931  -6.882  1.00 27.21 ? 90  VAL A CG1   1 
ATOM   747  C CG2   . VAL A 1 90  ? -1.284  -7.180  -8.280  1.00 29.81 ? 90  VAL A CG2   1 
ATOM   748  N N     . MET A 1 91  ? -2.335  -4.750  -6.092  1.00 24.88 ? 91  MET A N     1 
ATOM   749  C CA    . MET A 1 91  ? -3.489  -3.849  -6.158  1.00 30.62 ? 91  MET A CA    1 
ATOM   750  C C     . MET A 1 91  ? -3.734  -3.309  -7.556  1.00 28.63 ? 91  MET A C     1 
ATOM   751  O O     . MET A 1 91  ? -2.834  -2.770  -8.186  1.00 27.00 ? 91  MET A O     1 
ATOM   752  C CB    . MET A 1 91  ? -3.353  -2.732  -5.124  1.00 30.57 ? 91  MET A CB    1 
ATOM   753  C CG    . MET A 1 91  ? -3.089  -3.321  -3.740  1.00 33.44 ? 91  MET A CG    1 
ATOM   754  S SD    . MET A 1 91  ? -2.775  -2.114  -2.454  1.00 46.07 ? 91  MET A SD    1 
ATOM   755  C CE    . MET A 1 91  ? -4.305  -1.189  -2.561  1.00 32.46 ? 91  MET A CE    1 
ATOM   756  N N     . LYS A 1 92  ? -4.961  -3.482  -8.046  1.00 29.80 ? 92  LYS A N     1 
ATOM   757  C CA    . LYS A 1 92  ? -5.271  -3.153  -9.440  1.00 28.46 ? 92  LYS A CA    1 
ATOM   758  C C     . LYS A 1 92  ? -6.288  -2.012  -9.540  1.00 29.64 ? 92  LYS A C     1 
ATOM   759  O O     . LYS A 1 92  ? -7.292  -2.011  -8.832  1.00 27.35 ? 92  LYS A O     1 
ATOM   760  C CB    . LYS A 1 92  ? -5.757  -4.407  -10.192 1.00 34.27 ? 92  LYS A CB    1 
ATOM   761  C CG    . LYS A 1 92  ? -4.649  -5.417  -10.477 1.00 33.03 ? 92  LYS A CG    1 
ATOM   762  C CD    . LYS A 1 92  ? -5.161  -6.799  -10.855 1.00 44.46 ? 92  LYS A CD    1 
ATOM   763  C CE    . LYS A 1 92  ? -3.993  -7.779  -10.983 1.00 47.97 ? 92  LYS A CE    1 
ATOM   764  N NZ    . LYS A 1 92  ? -4.425  -9.174  -11.260 1.00 49.68 ? 92  LYS A NZ    1 
ATOM   765  N N     . ASN A 1 93  ? -5.996  -1.040  -10.400 1.00 31.10 ? 93  ASN A N     1 
ATOM   766  C CA    . ASN A 1 93  ? -6.925  0.054   -10.687 1.00 33.59 ? 93  ASN A CA    1 
ATOM   767  C C     . ASN A 1 93  ? -7.445  0.754   -9.448  1.00 34.45 ? 93  ASN A C     1 
ATOM   768  O O     . ASN A 1 93  ? -8.615  1.112   -9.375  1.00 34.45 ? 93  ASN A O     1 
ATOM   769  C CB    . ASN A 1 93  ? -8.100  -0.448  -11.531 1.00 35.08 ? 93  ASN A CB    1 
ATOM   770  C CG    . ASN A 1 93  ? -7.644  -1.241  -12.738 1.00 37.49 ? 93  ASN A CG    1 
ATOM   771  O OD1   . ASN A 1 93  ? -6.719  -0.837  -13.443 1.00 32.37 ? 93  ASN A OD1   1 
ATOM   772  N ND2   . ASN A 1 93  ? -8.281  -2.383  -12.975 1.00 36.72 ? 93  ASN A ND2   1 
ATOM   773  N N     . VAL A 1 94  ? -6.569  0.966   -8.475  1.00 39.62 ? 94  VAL A N     1 
ATOM   774  C CA    . VAL A 1 94  ? -6.960  1.662   -7.255  1.00 34.94 ? 94  VAL A CA    1 
ATOM   775  C C     . VAL A 1 94  ? -6.815  3.175   -7.402  1.00 34.19 ? 94  VAL A C     1 
ATOM   776  O O     . VAL A 1 94  ? -6.066  3.653   -8.256  1.00 39.76 ? 94  VAL A O     1 
ATOM   777  C CB    . VAL A 1 94  ? -6.174  1.144   -6.066  1.00 37.77 ? 94  VAL A CB    1 
ATOM   778  C CG1   . VAL A 1 94  ? -6.571  -0.325  -5.787  1.00 30.77 ? 94  VAL A CG1   1 
ATOM   779  C CG2   . VAL A 1 94  ? -4.676  1.274   -6.323  1.00 33.37 ? 94  VAL A CG2   1 
ATOM   780  N N     . ARG A 1 95  ? -7.561  3.931   -6.604  1.00 34.29 ? 95  ARG A N     1 
ATOM   781  C CA    . ARG A 1 95  ? -7.563  5.389   -6.749  1.00 35.81 ? 95  ARG A CA    1 
ATOM   782  C C     . ARG A 1 95  ? -6.504  6.001   -5.845  1.00 33.68 ? 95  ARG A C     1 
ATOM   783  O O     . ARG A 1 95  ? -6.217  5.456   -4.791  1.00 34.94 ? 95  ARG A O     1 
ATOM   784  C CB    . ARG A 1 95  ? -8.946  5.963   -6.411  1.00 31.68 ? 95  ARG A CB    1 
ATOM   785  C CG    . ARG A 1 95  ? -9.082  7.459   -6.682  1.00 45.15 ? 95  ARG A CG    1 
ATOM   786  C CD    . ARG A 1 95  ? -8.672  7.787   -8.123  1.00 46.50 ? 95  ARG A CD    1 
ATOM   787  N NE    . ARG A 1 95  ? -8.557  9.222   -8.383  1.00 49.13 ? 95  ARG A NE    1 
ATOM   788  C CZ    . ARG A 1 95  ? -8.638  9.766   -9.597  1.00 50.37 ? 95  ARG A CZ    1 
ATOM   789  N NH1   . ARG A 1 95  ? -8.840  8.994   -10.658 1.00 49.21 ? 95  ARG A NH1   1 
ATOM   790  N NH2   . ARG A 1 95  ? -8.523  11.081  -9.752  1.00 47.14 ? 95  ARG A NH2   1 
ATOM   791  N N     . THR A 1 96  ? -5.916  7.121   -6.259  1.00 34.80 ? 96  THR A N     1 
ATOM   792  C CA    . THR A 1 96  ? -5.031  7.884   -5.383  1.00 33.21 ? 96  THR A CA    1 
ATOM   793  C C     . THR A 1 96  ? -5.509  9.337   -5.207  1.00 32.81 ? 96  THR A C     1 
ATOM   794  O O     . THR A 1 96  ? -6.104  9.930   -6.102  1.00 30.11 ? 96  THR A O     1 
ATOM   795  C CB    . THR A 1 96  ? -3.591  7.890   -5.897  1.00 25.15 ? 96  THR A CB    1 
ATOM   796  O OG1   . THR A 1 96  ? -3.543  8.507   -7.187  1.00 31.11 ? 96  THR A OG1   1 
ATOM   797  C CG2   . THR A 1 96  ? -3.068  6.463   -6.005  1.00 30.31 ? 96  THR A CG2   1 
ATOM   798  N N     . LYS A 1 97  ? -5.247  9.900   -4.042  1.00 29.40 ? 97  LYS A N     1 
ATOM   799  C CA    . LYS A 1 97  ? -5.540  11.296  -3.803  1.00 40.50 ? 97  LYS A CA    1 
ATOM   800  C C     . LYS A 1 97  ? -4.467  11.878  -2.909  1.00 35.85 ? 97  LYS A C     1 
ATOM   801  O O     . LYS A 1 97  ? -3.449  11.234  -2.638  1.00 27.91 ? 97  LYS A O     1 
ATOM   802  C CB    . LYS A 1 97  ? -6.886  11.450  -3.118  1.00 41.38 ? 97  LYS A CB    1 
ATOM   803  C CG    . LYS A 1 97  ? -6.866  10.982  -1.679  1.00 38.82 ? 97  LYS A CG    1 
ATOM   804  C CD    . LYS A 1 97  ? -8.186  11.286  -0.987  1.00 48.68 ? 97  LYS A CD    1 
ATOM   805  C CE    . LYS A 1 97  ? -9.309  10.528  -1.655  1.00 46.47 ? 97  LYS A CE    1 
ATOM   806  N NZ    . LYS A 1 97  ? -10.635 10.881  -1.074  1.00 53.38 ? 97  LYS A NZ    1 
ATOM   807  N N     . ILE A 1 98  ? -4.721  13.088  -2.436  1.00 37.34 ? 98  ILE A N     1 
ATOM   808  C CA    . ILE A 1 98  ? -3.849  13.745  -1.484  1.00 36.84 ? 98  ILE A CA    1 
ATOM   809  C C     . ILE A 1 98  ? -4.674  14.024  -0.242  1.00 39.97 ? 98  ILE A C     1 
ATOM   810  O O     . ILE A 1 98  ? -5.784  14.550  -0.349  1.00 40.49 ? 98  ILE A O     1 
ATOM   811  C CB    . ILE A 1 98  ? -3.304  15.056  -2.059  1.00 43.75 ? 98  ILE A CB    1 
ATOM   812  C CG1   . ILE A 1 98  ? -2.496  14.780  -3.327  1.00 42.17 ? 98  ILE A CG1   1 
ATOM   813  C CG2   . ILE A 1 98  ? -2.438  15.777  -1.038  1.00 43.23 ? 98  ILE A CG2   1 
ATOM   814  C CD1   . ILE A 1 98  ? -2.806  15.736  -4.447  1.00 46.51 ? 98  ILE A CD1   1 
ATOM   815  N N     . ASP A 1 99  ? -4.163  13.657  0.931   1.00 36.99 ? 99  ASP A N     1 
ATOM   816  C CA    . ASP A 1 99  ? -4.921  13.903  2.161   1.00 43.90 ? 99  ASP A CA    1 
ATOM   817  C C     . ASP A 1 99  ? -4.734  15.341  2.659   1.00 42.62 ? 99  ASP A C     1 
ATOM   818  O O     . ASP A 1 99  ? -4.068  16.141  2.005   1.00 37.73 ? 99  ASP A O     1 
ATOM   819  C CB    . ASP A 1 99  ? -4.612  12.876  3.258   1.00 44.70 ? 99  ASP A CB    1 
ATOM   820  C CG    . ASP A 1 99  ? -3.195  12.978  3.780   1.00 40.89 ? 99  ASP A CG    1 
ATOM   821  O OD1   . ASP A 1 99  ? -2.528  13.994  3.506   1.00 41.17 ? 99  ASP A OD1   1 
ATOM   822  O OD2   . ASP A 1 99  ? -2.750  12.037  4.471   1.00 42.05 ? 99  ASP A OD2   1 
ATOM   823  N N     . HIS A 1 100 ? -5.319  15.649  3.813   1.00 47.32 ? 100 HIS A N     1 
ATOM   824  C CA    . HIS A 1 100 ? -5.420  17.031  4.283   1.00 42.99 ? 100 HIS A CA    1 
ATOM   825  C C     . HIS A 1 100 ? -4.062  17.618  4.596   1.00 46.38 ? 100 HIS A C     1 
ATOM   826  O O     . HIS A 1 100 ? -3.905  18.827  4.709   1.00 46.71 ? 100 HIS A O     1 
ATOM   827  C CB    . HIS A 1 100 ? -6.301  17.102  5.524   1.00 52.04 ? 100 HIS A CB    1 
ATOM   828  C CG    . HIS A 1 100 ? -7.684  16.557  5.316   1.00 58.58 ? 100 HIS A CG    1 
ATOM   829  N ND1   . HIS A 1 100 ? -8.716  17.320  4.824   1.00 61.01 ? 100 HIS A ND1   1 
ATOM   830  C CD2   . HIS A 1 100 ? -8.194  15.323  5.545   1.00 55.87 ? 100 HIS A CD2   1 
ATOM   831  C CE1   . HIS A 1 100 ? -9.815  16.580  4.758   1.00 57.21 ? 100 HIS A CE1   1 
ATOM   832  N NE2   . HIS A 1 100 ? -9.523  15.369  5.186   1.00 60.76 ? 100 HIS A NE2   1 
ATOM   833  N N     . LEU A 1 101 ? -3.080  16.740  4.732   1.00 45.75 ? 101 LEU A N     1 
ATOM   834  C CA    . LEU A 1 101 ? -1.741  17.159  5.088   1.00 44.38 ? 101 LEU A CA    1 
ATOM   835  C C     . LEU A 1 101 ? -0.850  17.149  3.865   1.00 37.95 ? 101 LEU A C     1 
ATOM   836  O O     . LEU A 1 101 ? 0.332   17.490  3.960   1.00 37.52 ? 101 LEU A O     1 
ATOM   837  C CB    . LEU A 1 101 ? -1.171  16.254  6.180   1.00 44.65 ? 101 LEU A CB    1 
ATOM   838  C CG    . LEU A 1 101 ? -1.735  16.449  7.583   1.00 47.38 ? 101 LEU A CG    1 
ATOM   839  C CD1   . LEU A 1 101 ? -1.325  15.310  8.510   1.00 42.39 ? 101 LEU A CD1   1 
ATOM   840  C CD2   . LEU A 1 101 ? -1.296  17.797  8.155   1.00 43.16 ? 101 LEU A CD2   1 
ATOM   841  N N     . GLY A 1 102 ? -1.406  16.746  2.724   1.00 36.65 ? 102 GLY A N     1 
ATOM   842  C CA    . GLY A 1 102 ? -0.683  16.843  1.463   1.00 37.90 ? 102 GLY A CA    1 
ATOM   843  C C     . GLY A 1 102 ? 0.103   15.598  1.073   1.00 39.63 ? 102 GLY A C     1 
ATOM   844  O O     . GLY A 1 102 ? 0.924   15.623  0.155   1.00 39.19 ? 102 GLY A O     1 
ATOM   845  N N     . TYR A 1 103 ? -0.144  14.500  1.773   1.00 34.65 ? 103 TYR A N     1 
ATOM   846  C CA    . TYR A 1 103 ? 0.510   13.243  1.439   1.00 33.61 ? 103 TYR A CA    1 
ATOM   847  C C     . TYR A 1 103 ? -0.296  12.442  0.421   1.00 32.85 ? 103 TYR A C     1 
ATOM   848  O O     . TYR A 1 103 ? -1.517  12.522  0.401   1.00 34.30 ? 103 TYR A O     1 
ATOM   849  C CB    . TYR A 1 103 ? 0.736   12.427  2.710   1.00 34.17 ? 103 TYR A CB    1 
ATOM   850  C CG    . TYR A 1 103 ? 1.539   13.173  3.737   1.00 32.84 ? 103 TYR A CG    1 
ATOM   851  C CD1   . TYR A 1 103 ? 2.863   13.497  3.495   1.00 35.20 ? 103 TYR A CD1   1 
ATOM   852  C CD2   . TYR A 1 103 ? 0.970   13.568  4.947   1.00 36.48 ? 103 TYR A CD2   1 
ATOM   853  C CE1   . TYR A 1 103 ? 3.609   14.184  4.432   1.00 37.24 ? 103 TYR A CE1   1 
ATOM   854  C CE2   . TYR A 1 103 ? 1.707   14.255  5.886   1.00 35.09 ? 103 TYR A CE2   1 
ATOM   855  C CZ    . TYR A 1 103 ? 3.027   14.559  5.618   1.00 35.87 ? 103 TYR A CZ    1 
ATOM   856  O OH    . TYR A 1 103 ? 3.773   15.243  6.534   1.00 36.77 ? 103 TYR A OH    1 
ATOM   857  N N     . LEU A 1 104 ? 0.393   11.668  -0.415  1.00 35.36 ? 104 LEU A N     1 
ATOM   858  C CA    . LEU A 1 104 ? -0.276  10.811  -1.391  1.00 31.50 ? 104 LEU A CA    1 
ATOM   859  C C     . LEU A 1 104 ? -0.796  9.566   -0.668  1.00 33.06 ? 104 LEU A C     1 
ATOM   860  O O     . LEU A 1 104 ? -0.106  8.983   0.164   1.00 31.73 ? 104 LEU A O     1 
ATOM   861  C CB    . LEU A 1 104 ? 0.675   10.435  -2.539  1.00 31.14 ? 104 LEU A CB    1 
ATOM   862  C CG    . LEU A 1 104 ? 0.105   9.647   -3.733  1.00 38.44 ? 104 LEU A CG    1 
ATOM   863  C CD1   . LEU A 1 104 ? -1.117  10.324  -4.351  1.00 35.17 ? 104 LEU A CD1   1 
ATOM   864  C CD2   . LEU A 1 104 ? 1.181   9.402   -4.802  1.00 36.79 ? 104 LEU A CD2   1 
ATOM   865  N N     . GLU A 1 105 ? -2.018  9.177   -0.983  1.00 30.56 ? 105 GLU A N     1 
ATOM   866  C CA    . GLU A 1 105 ? -2.697  8.128   -0.248  1.00 32.59 ? 105 GLU A CA    1 
ATOM   867  C C     . GLU A 1 105 ? -3.547  7.345   -1.234  1.00 31.50 ? 105 GLU A C     1 
ATOM   868  O O     . GLU A 1 105 ? -3.963  7.869   -2.259  1.00 30.02 ? 105 GLU A O     1 
ATOM   869  C CB    . GLU A 1 105 ? -3.591  8.754   0.814   1.00 37.12 ? 105 GLU A CB    1 
ATOM   870  C CG    . GLU A 1 105 ? -3.790  7.919   2.043   1.00 38.17 ? 105 GLU A CG    1 
ATOM   871  C CD    . GLU A 1 105 ? -4.804  8.529   2.983   1.00 42.45 ? 105 GLU A CD    1 
ATOM   872  O OE1   . GLU A 1 105 ? -5.639  9.341   2.525   1.00 46.38 ? 105 GLU A OE1   1 
ATOM   873  O OE2   . GLU A 1 105 ? -4.761  8.189   4.181   1.00 52.23 ? 105 GLU A OE2   1 
ATOM   874  N N     . CYS A 1 106 ? -3.806  6.090   -0.920  1.00 25.66 ? 106 CYS A N     1 
ATOM   875  C CA    A CYS A 1 106 ? -4.601  5.252   -1.791  1.00 33.67 ? 106 CYS A CA    1 
ATOM   876  C CA    B CYS A 1 106 ? -4.601  5.237   -1.789  0.00 31.80 ? 106 CYS A CA    1 
ATOM   877  C C     . CYS A 1 106 ? -5.912  4.909   -1.096  1.00 31.33 ? 106 CYS A C     1 
ATOM   878  O O     . CYS A 1 106 ? -5.938  4.697   0.110   1.00 29.64 ? 106 CYS A O     1 
ATOM   879  C CB    A CYS A 1 106 ? -3.815  3.987   -2.118  1.00 31.63 ? 106 CYS A CB    1 
ATOM   880  C CB    B CYS A 1 106 ? -3.842  3.951   -2.124  0.00 32.33 ? 106 CYS A CB    1 
ATOM   881  S SG    A CYS A 1 106 ? -4.750  2.780   -3.032  1.00 50.27 ? 106 CYS A SG    1 
ATOM   882  S SG    B CYS A 1 106 ? -4.744  2.823   -3.209  0.00 32.65 ? 106 CYS A SG    1 
ATOM   883  N N     . ILE A 1 107 ? -6.993  4.862   -1.862  1.00 33.29 ? 107 ILE A N     1 
ATOM   884  C CA    . ILE A 1 107 ? -8.324  4.644   -1.298  1.00 36.33 ? 107 ILE A CA    1 
ATOM   885  C C     . ILE A 1 107 ? -9.125  3.625   -2.101  1.00 36.89 ? 107 ILE A C     1 
ATOM   886  O O     . ILE A 1 107 ? -9.093  3.635   -3.325  1.00 36.31 ? 107 ILE A O     1 
ATOM   887  C CB    . ILE A 1 107 ? -9.123  5.956   -1.280  1.00 36.22 ? 107 ILE A CB    1 
ATOM   888  C CG1   . ILE A 1 107 ? -8.300  7.074   -0.637  1.00 44.70 ? 107 ILE A CG1   1 
ATOM   889  C CG2   . ILE A 1 107 ? -10.438 5.775   -0.542  1.00 37.67 ? 107 ILE A CG2   1 
ATOM   890  C CD1   . ILE A 1 107 ? -8.184  6.962   0.859   1.00 40.24 ? 107 ILE A CD1   1 
ATOM   891  N N     . LEU A 1 108 ? -9.839  2.742   -1.416  1.00 31.89 ? 108 LEU A N     1 
ATOM   892  C CA    . LEU A 1 108 ? -10.739 1.821   -2.094  1.00 33.78 ? 108 LEU A CA    1 
ATOM   893  C C     . LEU A 1 108 ? -12.153 2.029   -1.562  1.00 34.71 ? 108 LEU A C     1 
ATOM   894  O O     . LEU A 1 108 ? -12.513 1.509   -0.506  1.00 29.56 ? 108 LEU A O     1 
ATOM   895  C CB    . LEU A 1 108 ? -10.289 0.375   -1.874  1.00 30.48 ? 108 LEU A CB    1 
ATOM   896  C CG    . LEU A 1 108 ? -9.118  -0.127  -2.734  1.00 28.51 ? 108 LEU A CG    1 
ATOM   897  C CD1   . LEU A 1 108 ? -7.849  0.664   -2.447  1.00 37.06 ? 108 LEU A CD1   1 
ATOM   898  C CD2   . LEU A 1 108 ? -8.883  -1.622  -2.488  1.00 27.88 ? 108 LEU A CD2   1 
ATOM   899  N N     . HIS A 1 109 ? -12.952 2.784   -2.301  1.00 33.44 ? 109 HIS A N     1 
ATOM   900  C CA    . HIS A 1 109 ? -14.328 3.039   -1.918  1.00 39.03 ? 109 HIS A CA    1 
ATOM   901  C C     . HIS A 1 109 ? -15.236 1.870   -2.279  1.00 38.28 ? 109 HIS A C     1 
ATOM   902  O O     . HIS A 1 109 ? -14.864 0.995   -3.045  1.00 32.10 ? 109 HIS A O     1 
ATOM   903  C CB    . HIS A 1 109 ? -14.856 4.286   -2.629  1.00 45.27 ? 109 HIS A CB    1 
ATOM   904  C CG    . HIS A 1 109 ? -14.118 5.543   -2.296  1.00 37.73 ? 109 HIS A CG    1 
ATOM   905  N ND1   . HIS A 1 109 ? -14.280 6.206   -1.101  1.00 41.63 ? 109 HIS A ND1   1 
ATOM   906  C CD2   . HIS A 1 109 ? -13.236 6.274   -3.015  1.00 45.39 ? 109 HIS A CD2   1 
ATOM   907  C CE1   . HIS A 1 109 ? -13.518 7.284   -1.091  1.00 51.12 ? 109 HIS A CE1   1 
ATOM   908  N NE2   . HIS A 1 109 ? -12.874 7.348   -2.241  1.00 50.47 ? 109 HIS A NE2   1 
ATOM   909  N N     . GLY A 1 110 ? -16.440 1.887   -1.728  1.00 52.46 ? 110 GLY A N     1 
ATOM   910  C CA    . GLY A 1 110 ? -17.510 1.027   -2.183  1.00 48.82 ? 110 GLY A CA    1 
ATOM   911  C C     . GLY A 1 110 ? -18.475 1.883   -2.979  1.00 55.57 ? 110 GLY A C     1 
ATOM   912  O O     . GLY A 1 110 ? -18.448 3.103   -2.871  1.00 60.13 ? 110 GLY A O     1 
ATOM   913  N N     . ASP A 1 111 ? -19.292 1.246   -3.805  1.00 66.00 ? 111 ASP A N     1 
ATOM   914  C CA    . ASP A 1 111 ? -18.988 -0.112  -4.231  1.00 59.83 ? 111 ASP A CA    1 
ATOM   915  C C     . ASP A 1 111 ? -18.110 -0.083  -5.497  1.00 62.41 ? 111 ASP A C     1 
ATOM   916  O O     . ASP A 1 111 ? -17.840 -1.118  -6.075  1.00 56.86 ? 111 ASP A O     1 
ATOM   917  C CB    . ASP A 1 111 ? -20.249 -0.971  -4.408  1.00 59.68 ? 111 ASP A CB    1 
ATOM   918  C CG    . ASP A 1 111 ? -21.467 -0.174  -4.864  1.00 62.77 ? 111 ASP A CG    1 
ATOM   919  O OD1   . ASP A 1 111 ? -21.628 0.982   -4.415  1.00 56.22 ? 111 ASP A OD1   1 
ATOM   920  O OD2   . ASP A 1 111 ? -22.273 -0.709  -5.665  1.00 64.95 ? 111 ASP A OD2   1 
ATOM   921  N N     . SER A 1 112 ? -17.663 1.102   -5.906  1.00 64.40 ? 112 SER A N     1 
ATOM   922  C CA    . SER A 1 112 ? -17.005 1.343   -7.212  1.00 64.03 ? 112 SER A CA    1 
ATOM   923  C C     . SER A 1 112 ? -17.932 0.953   -8.372  1.00 68.11 ? 112 SER A C     1 
ATOM   924  O O     . SER A 1 112 ? -19.036 1.514   -8.513  1.00 69.97 ? 112 SER A O     1 
ATOM   925  C CB    . SER A 1 112 ? -15.547 0.770   -7.353  1.00 20.00 ? 112 SER A CB    1 
ATOM   926  N N     . ALA A 1 113 ? -17.492 0.028   -9.218  1.00 58.52 ? 113 ALA A N     1 
ATOM   927  C CA    . ALA A 1 113 ? -18.354 -0.476  -10.288 1.00 63.13 ? 113 ALA A CA    1 
ATOM   928  C C     . ALA A 1 113 ? -17.613 -1.516  -11.093 1.00 66.72 ? 113 ALA A C     1 
ATOM   929  O O     . ALA A 1 113 ? -16.397 -1.465  -11.167 1.00 63.97 ? 113 ALA A O     1 
ATOM   930  C CB    . ALA A 1 113 ? -18.783 0.673   -11.207 1.00 65.05 ? 113 ALA A CB    1 
ATOM   931  N N     . LYS A 1 114 ? -18.337 -2.396  -11.781 1.00 62.86 ? 114 LYS A N     1 
ATOM   932  C CA    . LYS A 1 114 ? -17.701 -3.571  -12.391 1.00 66.48 ? 114 LYS A CA    1 
ATOM   933  C C     . LYS A 1 114 ? -16.607 -3.086  -13.352 1.00 67.48 ? 114 LYS A C     1 
ATOM   934  O O     . LYS A 1 114 ? -15.517 -3.685  -13.459 1.00 70.92 ? 114 LYS A O     1 
ATOM   935  C CB    . LYS A 1 114 ? -18.732 -4.532  -13.089 1.00 20.00 ? 114 LYS A CB    1 
ATOM   936  N N     . ARG A 1 115 ? -16.905 -1.978  -14.024 1.00 63.88 ? 115 ARG A N     1 
ATOM   937  C CA    . ARG A 1 115 ? -16.057 -1.493  -15.113 1.00 65.16 ? 115 ARG A CA    1 
ATOM   938  C C     . ARG A 1 115 ? -14.648 -1.062  -14.696 1.00 60.73 ? 115 ARG A C     1 
ATOM   939  O O     . ARG A 1 115 ? -13.742 -1.001  -15.542 1.00 58.38 ? 115 ARG A O     1 
ATOM   940  C CB    . ARG A 1 115 ? -16.750 -0.370  -15.908 1.00 58.53 ? 115 ARG A CB    1 
ATOM   941  C CG    . ARG A 1 115 ? -16.569 1.026   -15.373 1.00 60.79 ? 115 ARG A CG    1 
ATOM   942  C CD    . ARG A 1 115 ? -17.271 2.008   -16.296 1.00 62.83 ? 115 ARG A CD    1 
ATOM   943  N NE    . ARG A 1 115 ? -18.356 2.698   -15.607 1.00 57.62 ? 115 ARG A NE    1 
ATOM   944  C CZ    . ARG A 1 115 ? -18.164 3.713   -14.764 1.00 64.43 ? 115 ARG A CZ    1 
ATOM   945  N NH1   . ARG A 1 115 ? -16.929 4.150   -14.511 1.00 66.08 ? 115 ARG A NH1   1 
ATOM   946  N NH2   . ARG A 1 115 ? -19.199 4.293   -14.170 1.00 63.83 ? 115 ARG A NH2   1 
ATOM   947  N N     . TYR A 1 116 ? -14.455 -0.761  -13.414 1.00 54.21 ? 116 TYR A N     1 
ATOM   948  C CA    . TYR A 1 116 ? -13.140 -0.295  -12.996 1.00 51.43 ? 116 TYR A CA    1 
ATOM   949  C C     . TYR A 1 116 ? -12.192 -1.456  -12.770 1.00 47.70 ? 116 TYR A C     1 
ATOM   950  O O     . TYR A 1 116 ? -10.980 -1.298  -12.841 1.00 44.63 ? 116 TYR A O     1 
ATOM   951  C CB    . TYR A 1 116 ? -13.243 0.539   -11.726 1.00 44.18 ? 116 TYR A CB    1 
ATOM   952  C CG    . TYR A 1 116 ? -13.740 1.935   -11.974 1.00 60.17 ? 116 TYR A CG    1 
ATOM   953  C CD1   . TYR A 1 116 ? -13.228 2.695   -13.013 1.00 58.57 ? 116 TYR A CD1   1 
ATOM   954  C CD2   . TYR A 1 116 ? -14.720 2.494   -11.172 1.00 57.07 ? 116 TYR A CD2   1 
ATOM   955  C CE1   . TYR A 1 116 ? -13.679 3.969   -13.248 1.00 61.66 ? 116 TYR A CE1   1 
ATOM   956  C CE2   . TYR A 1 116 ? -15.178 3.770   -11.402 1.00 58.63 ? 116 TYR A CE2   1 
ATOM   957  C CZ    . TYR A 1 116 ? -14.653 4.503   -12.442 1.00 65.31 ? 116 TYR A CZ    1 
ATOM   958  O OH    . TYR A 1 116 ? -15.105 5.778   -12.677 1.00 62.27 ? 116 TYR A OH    1 
ATOM   959  N N     . ASN A 1 117 ? -12.749 -2.626  -12.495 1.00 39.85 ? 117 ASN A N     1 
ATOM   960  C CA    . ASN A 1 117 ? -11.931 -3.786  -12.193 1.00 39.13 ? 117 ASN A CA    1 
ATOM   961  C C     . ASN A 1 117 ? -10.921 -3.472  -11.094 1.00 40.72 ? 117 ASN A C     1 
ATOM   962  O O     . ASN A 1 117 ? -9.769  -3.887  -11.164 1.00 37.59 ? 117 ASN A O     1 
ATOM   963  C CB    . ASN A 1 117 ? -11.211 -4.280  -13.446 1.00 47.79 ? 117 ASN A CB    1 
ATOM   964  C CG    . ASN A 1 117 ? -12.143 -4.965  -14.422 1.00 54.56 ? 117 ASN A CG    1 
ATOM   965  O OD1   . ASN A 1 117 ? -13.031 -5.712  -14.027 1.00 53.90 ? 117 ASN A OD1   1 
ATOM   966  N ND2   . ASN A 1 117 ? -11.943 -4.712  -15.705 1.00 48.03 ? 117 ASN A ND2   1 
ATOM   967  N N     . MET A 1 118 ? -11.367 -2.735  -10.083 1.00 33.72 ? 118 MET A N     1 
ATOM   968  C CA    . MET A 1 118 ? -10.538 -2.436  -8.918  1.00 40.00 ? 118 MET A CA    1 
ATOM   969  C C     . MET A 1 118 ? -10.482 -3.642  -7.992  1.00 35.17 ? 118 MET A C     1 
ATOM   970  O O     . MET A 1 118 ? -11.519 -4.237  -7.661  1.00 31.48 ? 118 MET A O     1 
ATOM   971  C CB    . MET A 1 118 ? -11.089 -1.234  -8.156  1.00 32.78 ? 118 MET A CB    1 
ATOM   972  C CG    . MET A 1 118 ? -10.302 -0.905  -6.893  1.00 32.59 ? 118 MET A CG    1 
ATOM   973  S SD    . MET A 1 118 ? -10.726 0.734   -6.263  1.00 31.83 ? 118 MET A SD    1 
ATOM   974  C CE    . MET A 1 118 ? -12.120 0.364   -5.197  1.00 31.92 ? 118 MET A CE    1 
ATOM   975  N N     . SER A 1 119 ? -9.276  -3.996  -7.563  1.00 24.42 ? 119 SER A N     1 
ATOM   976  C CA    . SER A 1 119 ? -9.116  -5.175  -6.743  1.00 29.63 ? 119 SER A CA    1 
ATOM   977  C C     . SER A 1 119 ? -7.855  -5.150  -5.902  1.00 29.03 ? 119 SER A C     1 
ATOM   978  O O     . SER A 1 119 ? -6.908  -4.410  -6.184  1.00 29.90 ? 119 SER A O     1 
ATOM   979  C CB    . SER A 1 119 ? -9.083  -6.419  -7.626  1.00 34.46 ? 119 SER A CB    1 
ATOM   980  O OG    . SER A 1 119 ? -7.863  -6.491  -8.324  1.00 32.43 ? 119 SER A OG    1 
ATOM   981  N N     . ILE A 1 120 ? -7.862  -5.970  -4.861  1.00 27.04 ? 120 ILE A N     1 
ATOM   982  C CA    . ILE A 1 120 ? -6.660  -6.254  -4.105  1.00 25.85 ? 120 ILE A CA    1 
ATOM   983  C C     . ILE A 1 120 ? -6.657  -7.743  -3.803  1.00 31.30 ? 120 ILE A C     1 
ATOM   984  O O     . ILE A 1 120 ? -7.701  -8.310  -3.453  1.00 28.85 ? 120 ILE A O     1 
ATOM   985  C CB    . ILE A 1 120 ? -6.596  -5.400  -2.822  1.00 25.60 ? 120 ILE A CB    1 
ATOM   986  C CG1   . ILE A 1 120 ? -5.453  -5.854  -1.918  1.00 33.85 ? 120 ILE A CG1   1 
ATOM   987  C CG2   . ILE A 1 120 ? -7.924  -5.429  -2.088  1.00 31.81 ? 120 ILE A CG2   1 
ATOM   988  C CD1   . ILE A 1 120 ? -5.187  -4.901  -0.773  1.00 32.41 ? 120 ILE A CD1   1 
ATOM   989  N N     . GLU A 1 121 ? -5.510  -8.390  -3.987  1.00 26.72 ? 121 GLU A N     1 
ATOM   990  C CA    . GLU A 1 121 ? -5.410  -9.815  -3.710  1.00 31.33 ? 121 GLU A CA    1 
ATOM   991  C C     . GLU A 1 121 ? -4.011  -10.168 -3.220  1.00 31.14 ? 121 GLU A C     1 
ATOM   992  O O     . GLU A 1 121 ? -3.028  -9.600  -3.677  1.00 33.53 ? 121 GLU A O     1 
ATOM   993  C CB    . GLU A 1 121 ? -5.752  -10.632 -4.957  1.00 29.93 ? 121 GLU A CB    1 
ATOM   994  C CG    . GLU A 1 121 ? -7.179  -10.429 -5.470  1.00 34.34 ? 121 GLU A CG    1 
ATOM   995  C CD    . GLU A 1 121 ? -8.239  -11.143 -4.630  1.00 31.47 ? 121 GLU A CD    1 
ATOM   996  O OE1   . GLU A 1 121 ? -7.881  -11.833 -3.653  1.00 30.76 ? 121 GLU A OE1   1 
ATOM   997  O OE2   . GLU A 1 121 ? -9.435  -11.019 -4.960  1.00 29.51 ? 121 GLU A OE2   1 
ATOM   998  N N     . LYS A 1 122 ? -3.931  -11.087 -2.266  1.00 26.48 ? 122 LYS A N     1 
ATOM   999  C CA    . LYS A 1 122 ? -2.633  -11.488 -1.735  1.00 35.59 ? 122 LYS A CA    1 
ATOM   1000 C C     . LYS A 1 122 ? -1.859  -12.134 -2.871  1.00 34.37 ? 122 LYS A C     1 
ATOM   1001 O O     . LYS A 1 122 ? -2.447  -12.800 -3.722  1.00 37.75 ? 122 LYS A O     1 
ATOM   1002 C CB    . LYS A 1 122 ? -2.805  -12.451 -0.553  1.00 33.41 ? 122 LYS A CB    1 
ATOM   1003 C CG    . LYS A 1 122 ? -1.510  -12.968 0.074   1.00 33.77 ? 122 LYS A CG    1 
ATOM   1004 C CD    . LYS A 1 122 ? -1.796  -13.839 1.314   1.00 36.05 ? 122 LYS A CD    1 
ATOM   1005 C CE    . LYS A 1 122 ? -2.710  -13.120 2.317   1.00 37.24 ? 122 LYS A CE    1 
ATOM   1006 N NZ    . LYS A 1 122 ? -3.022  -13.864 3.595   1.00 42.21 ? 122 LYS A NZ    1 
ATOM   1007 N N     . VAL A 1 123 ? -0.556  -11.888 -2.925  1.00 31.07 ? 123 VAL A N     1 
ATOM   1008 C CA    . VAL A 1 123 ? 0.301   -12.597 -3.867  1.00 36.18 ? 123 VAL A CA    1 
ATOM   1009 C C     . VAL A 1 123 ? 1.109   -13.655 -3.119  1.00 41.42 ? 123 VAL A C     1 
ATOM   1010 O O     . VAL A 1 123 ? 1.666   -13.393 -2.047  1.00 33.32 ? 123 VAL A O     1 
ATOM   1011 C CB    . VAL A 1 123 ? 1.247   -11.664 -4.619  1.00 37.83 ? 123 VAL A CB    1 
ATOM   1012 C CG1   . VAL A 1 123 ? 2.174   -12.473 -5.542  1.00 39.30 ? 123 VAL A CG1   1 
ATOM   1013 C CG2   . VAL A 1 123 ? 0.463   -10.626 -5.410  1.00 34.19 ? 123 VAL A CG2   1 
ATOM   1014 N N     . ASP A 1 124 ? 1.155   -14.861 -3.673  1.00 41.45 ? 124 ASP A N     1 
ATOM   1015 C CA    . ASP A 1 124 ? 1.919   -15.923 -3.043  1.00 42.53 ? 124 ASP A CA    1 
ATOM   1016 C C     . ASP A 1 124 ? 3.363   -15.451 -2.915  1.00 37.60 ? 124 ASP A C     1 
ATOM   1017 O O     . ASP A 1 124 ? 3.951   -14.950 -3.871  1.00 39.86 ? 124 ASP A O     1 
ATOM   1018 C CB    . ASP A 1 124 ? 1.832   -17.216 -3.855  1.00 41.35 ? 124 ASP A CB    1 
ATOM   1019 C CG    . ASP A 1 124 ? 2.515   -18.380 -3.167  1.00 47.11 ? 124 ASP A CG    1 
ATOM   1020 O OD1   . ASP A 1 124 ? 1.805   -19.210 -2.552  1.00 55.40 ? 124 ASP A OD1   1 
ATOM   1021 O OD2   . ASP A 1 124 ? 3.758   -18.457 -3.228  1.00 45.22 ? 124 ASP A OD2   1 
ATOM   1022 N N     . SER A 1 125 ? 3.924   -15.604 -1.724  1.00 39.18 ? 125 SER A N     1 
ATOM   1023 C CA    . SER A 1 125 ? 5.266   -15.102 -1.449  1.00 41.54 ? 125 SER A CA    1 
ATOM   1024 C C     . SER A 1 125 ? 6.342   -15.685 -2.373  1.00 45.97 ? 125 SER A C     1 
ATOM   1025 O O     . SER A 1 125 ? 7.460   -15.190 -2.402  1.00 43.56 ? 125 SER A O     1 
ATOM   1026 C CB    . SER A 1 125 ? 5.642   -15.336 0.019   1.00 46.72 ? 125 SER A CB    1 
ATOM   1027 O OG    . SER A 1 125 ? 5.629   -16.713 0.355   1.00 40.54 ? 125 SER A OG    1 
ATOM   1028 N N     . GLU A 1 126 ? 6.009   -16.732 -3.127  1.00 41.44 ? 126 GLU A N     1 
ATOM   1029 C CA    . GLU A 1 126 ? 6.994   -17.349 -4.018  1.00 46.29 ? 126 GLU A CA    1 
ATOM   1030 C C     . GLU A 1 126 ? 6.823   -16.923 -5.471  1.00 42.64 ? 126 GLU A C     1 
ATOM   1031 O O     . GLU A 1 126 ? 7.422   -17.504 -6.373  1.00 44.55 ? 126 GLU A O     1 
ATOM   1032 C CB    . GLU A 1 126 ? 6.959   -18.876 -3.903  1.00 44.68 ? 126 GLU A CB    1 
ATOM   1033 C CG    . GLU A 1 126 ? 7.215   -19.398 -2.484  1.00 52.78 ? 126 GLU A CG    1 
ATOM   1034 C CD    . GLU A 1 126 ? 7.727   -20.825 -2.467  1.00 51.07 ? 126 GLU A CD    1 
ATOM   1035 O OE1   . GLU A 1 126 ? 7.834   -21.428 -3.552  1.00 57.58 ? 126 GLU A OE1   1 
ATOM   1036 O OE2   . GLU A 1 126 ? 8.031   -21.343 -1.371  1.00 58.69 ? 126 GLU A OE2   1 
ATOM   1037 N N     . GLU A 1 127 ? 6.004   -15.903 -5.692  1.00 41.44 ? 127 GLU A N     1 
ATOM   1038 C CA    . GLU A 1 127 ? 5.762   -15.410 -7.042  1.00 45.68 ? 127 GLU A CA    1 
ATOM   1039 C C     . GLU A 1 127 ? 6.921   -14.552 -7.514  1.00 44.22 ? 127 GLU A C     1 
ATOM   1040 O O     . GLU A 1 127 ? 7.350   -13.639 -6.806  1.00 44.68 ? 127 GLU A O     1 
ATOM   1041 C CB    . GLU A 1 127 ? 4.461   -14.605 -7.102  1.00 48.64 ? 127 GLU A CB    1 
ATOM   1042 C CG    . GLU A 1 127 ? 3.222   -15.422 -6.793  1.00 44.21 ? 127 GLU A CG    1 
ATOM   1043 C CD    . GLU A 1 127 ? 3.004   -16.551 -7.786  1.00 53.92 ? 127 GLU A CD    1 
ATOM   1044 O OE1   . GLU A 1 127 ? 3.775   -16.655 -8.773  1.00 54.91 ? 127 GLU A OE1   1 
ATOM   1045 O OE2   . GLU A 1 127 ? 2.056   -17.338 -7.580  1.00 53.45 ? 127 GLU A OE2   1 
ATOM   1046 N N     . PRO A 1 128 ? 7.432   -14.847 -8.715  1.00 45.14 ? 128 PRO A N     1 
ATOM   1047 C CA    . PRO A 1 128 ? 8.591   -14.145 -9.269  1.00 45.49 ? 128 PRO A CA    1 
ATOM   1048 C C     . PRO A 1 128 ? 8.337   -12.654 -9.485  1.00 43.23 ? 128 PRO A C     1 
ATOM   1049 O O     . PRO A 1 128 ? 9.294   -11.888 -9.606  1.00 43.80 ? 128 PRO A O     1 
ATOM   1050 C CB    . PRO A 1 128 ? 8.806   -14.842 -10.620 1.00 51.49 ? 128 PRO A CB    1 
ATOM   1051 C CG    . PRO A 1 128 ? 7.476   -15.426 -10.960 1.00 47.54 ? 128 PRO A CG    1 
ATOM   1052 C CD    . PRO A 1 128 ? 6.911   -15.864 -9.644  1.00 47.48 ? 128 PRO A CD    1 
ATOM   1053 N N     . GLU A 1 129 ? 7.073   -12.247 -9.538  1.00 44.18 ? 129 GLU A N     1 
ATOM   1054 C CA    . GLU A 1 129 ? 6.761   -10.837 -9.748  1.00 43.74 ? 129 GLU A CA    1 
ATOM   1055 C C     . GLU A 1 129 ? 7.175   -10.007 -8.542  1.00 40.60 ? 129 GLU A C     1 
ATOM   1056 O O     . GLU A 1 129 ? 7.263   -8.795  -8.631  1.00 44.27 ? 129 GLU A O     1 
ATOM   1057 C CB    . GLU A 1 129 ? 5.276   -10.629 -10.059 1.00 42.43 ? 129 GLU A CB    1 
ATOM   1058 C CG    . GLU A 1 129 ? 4.889   -10.978 -11.487 1.00 44.13 ? 129 GLU A CG    1 
ATOM   1059 C CD    . GLU A 1 129 ? 4.863   -12.475 -11.726 1.00 51.61 ? 129 GLU A CD    1 
ATOM   1060 O OE1   . GLU A 1 129 ? 4.316   -13.193 -10.867 1.00 48.40 ? 129 GLU A OE1   1 
ATOM   1061 O OE2   . GLU A 1 129 ? 5.394   -12.936 -12.761 1.00 53.48 ? 129 GLU A OE2   1 
ATOM   1062 N N     . LEU A 1 130 ? 7.430   -10.674 -7.418  1.00 39.77 ? 130 LEU A N     1 
ATOM   1063 C CA    . LEU A 1 130 ? 7.885   -9.997  -6.202  1.00 38.47 ? 130 LEU A CA    1 
ATOM   1064 C C     . LEU A 1 130 ? 9.403   -9.994  -6.063  1.00 37.88 ? 130 LEU A C     1 
ATOM   1065 O O     . LEU A 1 130 ? 9.929   -9.750  -4.972  1.00 33.13 ? 130 LEU A O     1 
ATOM   1066 C CB    . LEU A 1 130 ? 7.293   -10.655 -4.963  1.00 31.47 ? 130 LEU A CB    1 
ATOM   1067 C CG    . LEU A 1 130 ? 5.792   -10.935 -4.954  1.00 39.40 ? 130 LEU A CG    1 
ATOM   1068 C CD1   . LEU A 1 130 ? 5.447   -11.938 -3.837  1.00 34.12 ? 130 LEU A CD1   1 
ATOM   1069 C CD2   . LEU A 1 130 ? 5.007   -9.633  -4.808  1.00 32.64 ? 130 LEU A CD2   1 
ATOM   1070 N N     . ASN A 1 131 ? 10.110  -10.276 -7.154  1.00 34.33 ? 131 ASN A N     1 
ATOM   1071 C CA    . ASN A 1 131 ? 11.561  -10.369 -7.087  1.00 39.14 ? 131 ASN A CA    1 
ATOM   1072 C C     . ASN A 1 131 ? 12.246  -9.010  -6.950  1.00 33.44 ? 131 ASN A C     1 
ATOM   1073 O O     . ASN A 1 131 ? 13.189  -8.856  -6.163  1.00 37.69 ? 131 ASN A O     1 
ATOM   1074 C CB    . ASN A 1 131 ? 12.113  -11.164 -8.279  1.00 38.06 ? 131 ASN A CB    1 
ATOM   1075 C CG    . ASN A 1 131 ? 11.959  -12.657 -8.089  1.00 42.05 ? 131 ASN A CG    1 
ATOM   1076 O OD1   . ASN A 1 131 ? 11.982  -13.147 -6.962  1.00 50.35 ? 131 ASN A OD1   1 
ATOM   1077 N ND2   . ASN A 1 131 ? 11.790  -13.391 -9.187  1.00 41.07 ? 131 ASN A ND2   1 
ATOM   1078 N N     . GLU A 1 132 ? 11.758  -8.026  -7.695  1.00 28.01 ? 132 GLU A N     1 
ATOM   1079 C CA    . GLU A 1 132 ? 12.351  -6.695  -7.618  1.00 39.19 ? 132 GLU A CA    1 
ATOM   1080 C C     . GLU A 1 132 ? 12.186  -6.068  -6.224  1.00 36.51 ? 132 GLU A C     1 
ATOM   1081 O O     . GLU A 1 132 ? 13.101  -5.420  -5.725  1.00 34.69 ? 132 GLU A O     1 
ATOM   1082 C CB    . GLU A 1 132 ? 11.814  -5.784  -8.725  1.00 38.67 ? 132 GLU A CB    1 
ATOM   1083 C CG    . GLU A 1 132 ? 12.413  -6.078  -10.104 1.00 45.23 ? 132 GLU A CG    1 
ATOM   1084 C CD    . GLU A 1 132 ? 11.952  -5.105  -11.186 1.00 58.13 ? 132 GLU A CD    1 
ATOM   1085 O OE1   . GLU A 1 132 ? 11.752  -3.902  -10.887 1.00 53.13 ? 132 GLU A OE1   1 
ATOM   1086 O OE2   . GLU A 1 132 ? 11.782  -5.552  -12.346 1.00 63.62 ? 132 GLU A OE2   1 
ATOM   1087 N N     . ILE A 1 133 ? 11.025  -6.278  -5.599  1.00 34.78 ? 133 ILE A N     1 
ATOM   1088 C CA    . ILE A 1 133 ? 10.778  -5.832  -4.225  1.00 32.46 ? 133 ILE A CA    1 
ATOM   1089 C C     . ILE A 1 133 ? 11.800  -6.423  -3.273  1.00 37.47 ? 133 ILE A C     1 
ATOM   1090 O O     . ILE A 1 133 ? 12.368  -5.733  -2.423  1.00 33.67 ? 133 ILE A O     1 
ATOM   1091 C CB    . ILE A 1 133 ? 9.396   -6.281  -3.733  1.00 33.17 ? 133 ILE A CB    1 
ATOM   1092 C CG1   . ILE A 1 133 ? 8.309   -5.550  -4.486  1.00 34.40 ? 133 ILE A CG1   1 
ATOM   1093 C CG2   . ILE A 1 133 ? 9.226   -5.994  -2.254  1.00 31.43 ? 133 ILE A CG2   1 
ATOM   1094 C CD1   . ILE A 1 133 ? 8.624   -4.137  -4.635  1.00 37.90 ? 133 ILE A CD1   1 
ATOM   1095 N N     . LYS A 1 134 ? 12.013  -7.724  -3.399  1.00 36.80 ? 134 LYS A N     1 
ATOM   1096 C CA    . LYS A 1 134 ? 12.941  -8.412  -2.521  1.00 36.84 ? 134 LYS A CA    1 
ATOM   1097 C C     . LYS A 1 134 ? 14.372  -7.890  -2.683  1.00 36.87 ? 134 LYS A C     1 
ATOM   1098 O O     . LYS A 1 134 ? 15.049  -7.603  -1.697  1.00 39.22 ? 134 LYS A O     1 
ATOM   1099 C CB    . LYS A 1 134 ? 12.857  -9.919  -2.751  1.00 38.38 ? 134 LYS A CB    1 
ATOM   1100 C CG    . LYS A 1 134 ? 11.630  -10.563 -2.120  1.00 32.98 ? 134 LYS A CG    1 
ATOM   1101 C CD    . LYS A 1 134 ? 11.248  -11.846 -2.862  1.00 35.24 ? 134 LYS A CD    1 
ATOM   1102 C CE    . LYS A 1 134 ? 10.125  -12.601 -2.146  1.00 40.84 ? 134 LYS A CE    1 
ATOM   1103 N NZ    . LYS A 1 134 ? 9.737   -13.853 -2.871  1.00 43.53 ? 134 LYS A NZ    1 
ATOM   1104 N N     . SER A 1 135 ? 14.825  -7.754  -3.922  1.00 36.47 ? 135 SER A N     1 
ATOM   1105 C CA    . SER A 1 135 ? 16.179  -7.265  -4.152  1.00 38.60 ? 135 SER A CA    1 
ATOM   1106 C C     . SER A 1 135 ? 16.341  -5.826  -3.664  1.00 42.59 ? 135 SER A C     1 
ATOM   1107 O O     . SER A 1 135 ? 17.286  -5.526  -2.936  1.00 37.89 ? 135 SER A O     1 
ATOM   1108 C CB    . SER A 1 135 ? 16.595  -7.408  -5.617  1.00 33.18 ? 135 SER A CB    1 
ATOM   1109 O OG    . SER A 1 135 ? 15.948  -6.459  -6.433  1.00 42.84 ? 135 SER A OG    1 
ATOM   1110 N N     . ARG A 1 136 ? 15.423  -4.937  -4.044  1.00 44.70 ? 136 ARG A N     1 
ATOM   1111 C CA    . ARG A 1 136 ? 15.494  -3.552  -3.572  1.00 36.60 ? 136 ARG A CA    1 
ATOM   1112 C C     . ARG A 1 136 ? 15.461  -3.482  -2.053  1.00 38.28 ? 136 ARG A C     1 
ATOM   1113 O O     . ARG A 1 136 ? 16.064  -2.597  -1.445  1.00 39.22 ? 136 ARG A O     1 
ATOM   1114 C CB    . ARG A 1 136 ? 14.343  -2.725  -4.127  1.00 31.69 ? 136 ARG A CB    1 
ATOM   1115 C CG    . ARG A 1 136 ? 14.556  -2.212  -5.514  1.00 38.37 ? 136 ARG A CG    1 
ATOM   1116 C CD    . ARG A 1 136 ? 13.487  -1.194  -5.856  1.00 34.27 ? 136 ARG A CD    1 
ATOM   1117 N NE    . ARG A 1 136 ? 12.161  -1.764  -5.689  1.00 33.76 ? 136 ARG A NE    1 
ATOM   1118 C CZ    . ARG A 1 136 ? 11.438  -2.275  -6.682  1.00 37.78 ? 136 ARG A CZ    1 
ATOM   1119 N NH1   . ARG A 1 136 ? 11.907  -2.272  -7.921  1.00 40.94 ? 136 ARG A NH1   1 
ATOM   1120 N NH2   . ARG A 1 136 ? 10.241  -2.785  -6.439  1.00 33.88 ? 136 ARG A NH2   1 
ATOM   1121 N N     . LYS A 1 137 ? 14.743  -4.400  -1.424  1.00 37.88 ? 137 LYS A N     1 
ATOM   1122 C CA    . LYS A 1 137 ? 14.701  -4.388  0.030   1.00 38.27 ? 137 LYS A CA    1 
ATOM   1123 C C     . LYS A 1 137 ? 16.130  -4.414  0.585   1.00 41.58 ? 137 LYS A C     1 
ATOM   1124 O O     . LYS A 1 137 ? 16.406  -3.840  1.641   1.00 42.24 ? 137 LYS A O     1 
ATOM   1125 C CB    . LYS A 1 137 ? 13.899  -5.572  0.571   1.00 40.92 ? 137 LYS A CB    1 
ATOM   1126 C CG    . LYS A 1 137 ? 13.999  -5.731  2.080   1.00 37.93 ? 137 LYS A CG    1 
ATOM   1127 C CD    . LYS A 1 137 ? 12.834  -6.517  2.628   1.00 34.75 ? 137 LYS A CD    1 
ATOM   1128 C CE    . LYS A 1 137 ? 12.996  -6.790  4.126   1.00 36.74 ? 137 LYS A CE    1 
ATOM   1129 N NZ    . LYS A 1 137 ? 13.031  -5.534  4.905   1.00 48.18 ? 137 LYS A NZ    1 
ATOM   1130 N N     . ARG A 1 138 ? 17.038  -5.068  -0.133  1.00 40.97 ? 138 ARG A N     1 
ATOM   1131 C CA    . ARG A 1 138 ? 18.411  -5.218  0.351   1.00 45.73 ? 138 ARG A CA    1 
ATOM   1132 C C     . ARG A 1 138 ? 19.261  -3.947  0.278   1.00 50.42 ? 138 ARG A C     1 
ATOM   1133 O O     . ARG A 1 138 ? 20.414  -3.940  0.703   1.00 47.68 ? 138 ARG A O     1 
ATOM   1134 C CB    . ARG A 1 138 ? 19.111  -6.390  -0.327  1.00 39.04 ? 138 ARG A CB    1 
ATOM   1135 C CG    . ARG A 1 138 ? 18.639  -7.732  0.218   1.00 52.74 ? 138 ARG A CG    1 
ATOM   1136 C CD    . ARG A 1 138 ? 19.706  -8.798  0.046   1.00 56.26 ? 138 ARG A CD    1 
ATOM   1137 N NE    . ARG A 1 138 ? 20.182  -8.806  -1.325  1.00 58.02 ? 138 ARG A NE    1 
ATOM   1138 C CZ    . ARG A 1 138 ? 19.418  -9.131  -2.361  1.00 57.10 ? 138 ARG A CZ    1 
ATOM   1139 N NH1   . ARG A 1 138 ? 18.149  -9.474  -2.170  1.00 54.95 ? 138 ARG A NH1   1 
ATOM   1140 N NH2   . ARG A 1 138 ? 19.919  -9.104  -3.585  1.00 53.09 ? 138 ARG A NH2   1 
ATOM   1141 N N     . LEU A 1 139 ? 18.686  -2.871  -0.241  1.00 49.78 ? 139 LEU A N     1 
ATOM   1142 C CA    . LEU A 1 139 ? 19.386  -1.595  -0.275  1.00 43.10 ? 139 LEU A CA    1 
ATOM   1143 C C     . LEU A 1 139 ? 19.205  -0.843  1.039   1.00 53.33 ? 139 LEU A C     1 
ATOM   1144 O O     . LEU A 1 139 ? 20.001  0.043   1.373   1.00 53.35 ? 139 LEU A O     1 
ATOM   1145 C CB    . LEU A 1 139 ? 18.910  -0.742  -1.455  1.00 48.72 ? 139 LEU A CB    1 
ATOM   1146 C CG    . LEU A 1 139 ? 19.617  -0.952  -2.802  1.00 50.60 ? 139 LEU A CG    1 
ATOM   1147 C CD1   . LEU A 1 139 ? 19.482  -2.388  -3.329  1.00 42.42 ? 139 LEU A CD1   1 
ATOM   1148 C CD2   . LEU A 1 139 ? 19.109  0.052   -3.831  1.00 44.33 ? 139 LEU A CD2   1 
ATOM   1149 N N     . TYR A 1 140 ? 18.164  -1.205  1.788   1.00 50.01 ? 140 TYR A N     1 
ATOM   1150 C CA    . TYR A 1 140 ? 17.852  -0.522  3.044   1.00 51.01 ? 140 TYR A CA    1 
ATOM   1151 C C     . TYR A 1 140 ? 18.024  -1.430  4.253   1.00 53.01 ? 140 TYR A C     1 
ATOM   1152 O O     . TYR A 1 140 ? 17.649  -1.081  5.375   1.00 58.60 ? 140 TYR A O     1 
ATOM   1153 C CB    . TYR A 1 140 ? 16.451  0.093   2.982   1.00 46.61 ? 140 TYR A CB    1 
ATOM   1154 C CG    . TYR A 1 140 ? 16.274  0.843   1.691   1.00 48.81 ? 140 TYR A CG    1 
ATOM   1155 C CD1   . TYR A 1 140 ? 16.754  2.139   1.551   1.00 49.63 ? 140 TYR A CD1   1 
ATOM   1156 C CD2   . TYR A 1 140 ? 15.692  0.235   0.584   1.00 48.20 ? 140 TYR A CD2   1 
ATOM   1157 C CE1   . TYR A 1 140 ? 16.624  2.826   0.358   1.00 53.40 ? 140 TYR A CE1   1 
ATOM   1158 C CE2   . TYR A 1 140 ? 15.559  0.916   -0.617  1.00 45.61 ? 140 TYR A CE2   1 
ATOM   1159 C CZ    . TYR A 1 140 ? 16.027  2.208   -0.721  1.00 46.64 ? 140 TYR A CZ    1 
ATOM   1160 O OH    . TYR A 1 140 ? 15.895  2.892   -1.902  1.00 46.36 ? 140 TYR A OH    1 
ATOM   1161 N N     . VAL A 1 141 ? 18.604  -2.598  4.015   1.00 50.19 ? 141 VAL A N     1 
ATOM   1162 C CA    . VAL A 1 141 ? 19.096  -3.431  5.099   1.00 53.34 ? 141 VAL A CA    1 
ATOM   1163 C C     . VAL A 1 141 ? 20.592  -3.619  4.897   1.00 55.68 ? 141 VAL A C     1 
ATOM   1164 O O     . VAL A 1 141 ? 21.112  -3.329  3.817   1.00 47.69 ? 141 VAL A O     1 
ATOM   1165 C CB    . VAL A 1 141 ? 18.418  -4.798  5.118   1.00 56.59 ? 141 VAL A CB    1 
ATOM   1166 C CG1   . VAL A 1 141 ? 19.052  -5.679  6.189   1.00 57.00 ? 141 VAL A CG1   1 
ATOM   1167 C CG2   . VAL A 1 141 ? 16.923  -4.635  5.349   1.00 52.74 ? 141 VAL A CG2   1 
ATOM   1168 O "O5'" . DG  B 2 1   ? -15.246 11.037  2.608   1.00 55.66 ? 1   DG  B "O5'" 1 
ATOM   1169 C "C5'" . DG  B 2 1   ? -16.339 11.692  3.252   1.00 53.52 ? 1   DG  B "C5'" 1 
ATOM   1170 C "C4'" . DG  B 2 1   ? -16.838 10.873  4.431   1.00 51.44 ? 1   DG  B "C4'" 1 
ATOM   1171 O "O4'" . DG  B 2 1   ? -17.358 9.591   3.972   1.00 44.20 ? 1   DG  B "O4'" 1 
ATOM   1172 C "C3'" . DG  B 2 1   ? -15.776 10.544  5.474   1.00 47.79 ? 1   DG  B "C3'" 1 
ATOM   1173 O "O3'" . DG  B 2 1   ? -16.388 10.440  6.758   1.00 52.27 ? 1   DG  B "O3'" 1 
ATOM   1174 C "C2'" . DG  B 2 1   ? -15.236 9.207   4.969   1.00 48.30 ? 1   DG  B "C2'" 1 
ATOM   1175 C "C1'" . DG  B 2 1   ? -16.487 8.542   4.385   1.00 44.90 ? 1   DG  B "C1'" 1 
ATOM   1176 N N9    . DG  B 2 1   ? -16.265 7.653   3.239   1.00 40.06 ? 1   DG  B N9    1 
ATOM   1177 C C8    . DG  B 2 1   ? -15.640 7.958   2.054   1.00 44.61 ? 1   DG  B C8    1 
ATOM   1178 N N7    . DG  B 2 1   ? -15.603 6.969   1.200   1.00 42.92 ? 1   DG  B N7    1 
ATOM   1179 C C5    . DG  B 2 1   ? -16.251 5.929   1.861   1.00 43.75 ? 1   DG  B C5    1 
ATOM   1180 C C6    . DG  B 2 1   ? -16.525 4.603   1.434   1.00 40.65 ? 1   DG  B C6    1 
ATOM   1181 O O6    . DG  B 2 1   ? -16.229 4.071   0.357   1.00 44.03 ? 1   DG  B O6    1 
ATOM   1182 N N1    . DG  B 2 1   ? -17.213 3.870   2.405   1.00 39.16 ? 1   DG  B N1    1 
ATOM   1183 C C2    . DG  B 2 1   ? -17.581 4.369   3.635   1.00 40.13 ? 1   DG  B C2    1 
ATOM   1184 N N2    . DG  B 2 1   ? -18.226 3.535   4.460   1.00 35.83 ? 1   DG  B N2    1 
ATOM   1185 N N3    . DG  B 2 1   ? -17.328 5.611   4.044   1.00 38.53 ? 1   DG  B N3    1 
ATOM   1186 C C4    . DG  B 2 1   ? -16.670 6.339   3.110   1.00 42.68 ? 1   DG  B C4    1 
ATOM   1187 P P     . DG  B 2 2   ? -16.093 11.546  7.891   1.00 66.49 ? 2   DG  B P     1 
ATOM   1188 O OP1   . DG  B 2 2   ? -17.137 11.426  8.937   1.00 62.73 ? 2   DG  B OP1   1 
ATOM   1189 O OP2   . DG  B 2 2   ? -15.879 12.847  7.217   1.00 53.94 ? 2   DG  B OP2   1 
ATOM   1190 O "O5'" . DG  B 2 2   ? -14.739 11.045  8.548   1.00 48.64 ? 2   DG  B "O5'" 1 
ATOM   1191 C "C5'" . DG  B 2 2   ? -14.726 9.825   9.253   1.00 59.28 ? 2   DG  B "C5'" 1 
ATOM   1192 C "C4'" . DG  B 2 2   ? -13.290 9.460   9.569   1.00 64.12 ? 2   DG  B "C4'" 1 
ATOM   1193 O "O4'" . DG  B 2 2   ? -12.757 8.678   8.475   1.00 62.38 ? 2   DG  B "O4'" 1 
ATOM   1194 C "C3'" . DG  B 2 2   ? -12.367 10.664  9.711   1.00 58.63 ? 2   DG  B "C3'" 1 
ATOM   1195 O "O3'" . DG  B 2 2   ? -12.374 11.081  11.067  1.00 67.60 ? 2   DG  B "O3'" 1 
ATOM   1196 C "C2'" . DG  B 2 2   ? -11.015 10.101  9.290   1.00 57.62 ? 2   DG  B "C2'" 1 
ATOM   1197 C "C1'" . DG  B 2 2   ? -11.399 9.014   8.282   1.00 54.82 ? 2   DG  B "C1'" 1 
ATOM   1198 N N9    . DG  B 2 2   ? -11.207 9.386   6.885   1.00 53.68 ? 2   DG  B N9    1 
ATOM   1199 C C8    . DG  B 2 2   ? -12.115 9.935   6.008   1.00 56.53 ? 2   DG  B C8    1 
ATOM   1200 N N7    . DG  B 2 2   ? -11.620 10.148  4.817   1.00 52.55 ? 2   DG  B N7    1 
ATOM   1201 C C5    . DG  B 2 2   ? -10.301 9.711   4.912   1.00 53.29 ? 2   DG  B C5    1 
ATOM   1202 C C6    . DG  B 2 2   ? -9.264  9.691   3.949   1.00 55.04 ? 2   DG  B C6    1 
ATOM   1203 O O6    . DG  B 2 2   ? -9.302  10.062  2.765   1.00 52.89 ? 2   DG  B O6    1 
ATOM   1204 N N1    . DG  B 2 2   ? -8.080  9.168   4.475   1.00 56.62 ? 2   DG  B N1    1 
ATOM   1205 C C2    . DG  B 2 2   ? -7.917  8.721   5.766   1.00 54.83 ? 2   DG  B C2    1 
ATOM   1206 N N2    . DG  B 2 2   ? -6.701  8.250   6.089   1.00 52.11 ? 2   DG  B N2    1 
ATOM   1207 N N3    . DG  B 2 2   ? -8.882  8.735   6.680   1.00 55.12 ? 2   DG  B N3    1 
ATOM   1208 C C4    . DG  B 2 2   ? -10.037 9.240   6.179   1.00 54.51 ? 2   DG  B C4    1 
ATOM   1209 P P     . DT  B 2 3   ? -11.766 12.509  11.486  1.00 69.33 ? 3   DT  B P     1 
ATOM   1210 O OP1   . DT  B 2 3   ? -12.523 12.999  12.661  1.00 63.13 ? 3   DT  B OP1   1 
ATOM   1211 O OP2   . DT  B 2 3   ? -11.658 13.342  10.264  1.00 65.18 ? 3   DT  B OP2   1 
ATOM   1212 O "O5'" . DT  B 2 3   ? -10.269 12.165  11.913  1.00 70.17 ? 3   DT  B "O5'" 1 
ATOM   1213 C "C5'" . DT  B 2 3   ? -9.979  10.960  12.595  1.00 59.60 ? 3   DT  B "C5'" 1 
ATOM   1214 C "C4'" . DT  B 2 3   ? -8.476  10.779  12.651  1.00 59.97 ? 3   DT  B "C4'" 1 
ATOM   1215 O "O4'" . DT  B 2 3   ? -7.962  10.406  11.347  1.00 58.25 ? 3   DT  B "O4'" 1 
ATOM   1216 C "C3'" . DT  B 2 3   ? -7.719  12.046  13.034  1.00 60.43 ? 3   DT  B "C3'" 1 
ATOM   1217 O "O3'" . DT  B 2 3   ? -6.522  11.693  13.695  1.00 58.90 ? 3   DT  B "O3'" 1 
ATOM   1218 C "C2'" . DT  B 2 3   ? -7.410  12.672  11.682  1.00 54.77 ? 3   DT  B "C2'" 1 
ATOM   1219 C "C1'" . DT  B 2 3   ? -7.099  11.425  10.867  1.00 56.34 ? 3   DT  B "C1'" 1 
ATOM   1220 N N1    . DT  B 2 3   ? -7.356  11.613  9.416   1.00 55.26 ? 3   DT  B N1    1 
ATOM   1221 C C2    . DT  B 2 3   ? -6.474  11.083  8.491   1.00 53.98 ? 3   DT  B C2    1 
ATOM   1222 O O2    . DT  B 2 3   ? -5.467  10.449  8.791   1.00 51.38 ? 3   DT  B O2    1 
ATOM   1223 N N3    . DT  B 2 3   ? -6.825  11.325  7.185   1.00 55.49 ? 3   DT  B N3    1 
ATOM   1224 C C4    . DT  B 2 3   ? -7.933  12.017  6.732   1.00 56.09 ? 3   DT  B C4    1 
ATOM   1225 O O4    . DT  B 2 3   ? -8.150  12.172  5.536   1.00 52.05 ? 3   DT  B O4    1 
ATOM   1226 C C5    . DT  B 2 3   ? -8.806  12.544  7.753   1.00 56.85 ? 3   DT  B C5    1 
ATOM   1227 C C7    . DT  B 2 3   ? -10.040 13.311  7.390   1.00 58.46 ? 3   DT  B C7    1 
ATOM   1228 C C6    . DT  B 2 3   ? -8.477  12.321  9.030   1.00 57.54 ? 3   DT  B C6    1 
ATOM   1229 P P     . DT  B 2 4   ? -5.671  12.809  14.473  1.00 58.95 ? 4   DT  B P     1 
ATOM   1230 O OP1   . DT  B 2 4   ? -5.883  12.607  15.921  1.00 60.49 ? 4   DT  B OP1   1 
ATOM   1231 O OP2   . DT  B 2 4   ? -5.980  14.123  13.869  1.00 58.33 ? 4   DT  B OP2   1 
ATOM   1232 O "O5'" . DT  B 2 4   ? -4.162  12.437  14.116  1.00 56.71 ? 4   DT  B "O5'" 1 
ATOM   1233 C "C5'" . DT  B 2 4   ? -3.781  11.076  14.029  1.00 51.31 ? 4   DT  B "C5'" 1 
ATOM   1234 C "C4'" . DT  B 2 4   ? -2.768  10.919  12.907  1.00 52.03 ? 4   DT  B "C4'" 1 
ATOM   1235 O "O4'" . DT  B 2 4   ? -3.398  11.223  11.638  1.00 52.87 ? 4   DT  B "O4'" 1 
ATOM   1236 C "C3'" . DT  B 2 4   ? -1.534  11.815  13.003  1.00 48.24 ? 4   DT  B "C3'" 1 
ATOM   1237 O "O3'" . DT  B 2 4   ? -0.363  10.993  12.906  1.00 50.03 ? 4   DT  B "O3'" 1 
ATOM   1238 C "C2'" . DT  B 2 4   ? -1.685  12.759  11.802  1.00 46.39 ? 4   DT  B "C2'" 1 
ATOM   1239 C "C1'" . DT  B 2 4   ? -2.470  11.902  10.813  1.00 51.33 ? 4   DT  B "C1'" 1 
ATOM   1240 N N1    . DT  B 2 4   ? -3.197  12.661  9.714   1.00 51.02 ? 4   DT  B N1    1 
ATOM   1241 C C2    . DT  B 2 4   ? -2.796  12.563  8.385   1.00 53.47 ? 4   DT  B C2    1 
ATOM   1242 O O2    . DT  B 2 4   ? -1.860  11.894  7.963   1.00 54.86 ? 4   DT  B O2    1 
ATOM   1243 N N3    . DT  B 2 4   ? -3.546  13.307  7.511   1.00 49.43 ? 4   DT  B N3    1 
ATOM   1244 C C4    . DT  B 2 4   ? -4.629  14.121  7.792   1.00 53.07 ? 4   DT  B C4    1 
ATOM   1245 O O4    . DT  B 2 4   ? -5.235  14.743  6.922   1.00 55.62 ? 4   DT  B O4    1 
ATOM   1246 C C5    . DT  B 2 4   ? -4.998  14.182  9.178   1.00 53.82 ? 4   DT  B C5    1 
ATOM   1247 C C7    . DT  B 2 4   ? -6.161  15.037  9.585   1.00 58.26 ? 4   DT  B C7    1 
ATOM   1248 C C6    . DT  B 2 4   ? -4.278  13.462  10.056  1.00 56.55 ? 4   DT  B C6    1 
ATOM   1249 P P     . DT  B 2 5   ? 0.813   11.104  14.002  1.00 54.45 ? 5   DT  B P     1 
ATOM   1250 O OP1   . DT  B 2 5   ? 0.229   10.820  15.332  1.00 60.07 ? 5   DT  B OP1   1 
ATOM   1251 O OP2   . DT  B 2 5   ? 1.572   12.348  13.748  1.00 48.27 ? 5   DT  B OP2   1 
ATOM   1252 O "O5'" . DT  B 2 5   ? 1.779   9.892   13.628  1.00 50.89 ? 5   DT  B "O5'" 1 
ATOM   1253 C "C5'" . DT  B 2 5   ? 1.819   8.725   14.410  1.00 49.11 ? 5   DT  B "C5'" 1 
ATOM   1254 C "C4'" . DT  B 2 5   ? 2.557   7.713   13.574  1.00 48.60 ? 5   DT  B "C4'" 1 
ATOM   1255 O "O4'" . DT  B 2 5   ? 1.804   7.586   12.341  1.00 49.38 ? 5   DT  B "O4'" 1 
ATOM   1256 C "C3'" . DT  B 2 5   ? 3.926   8.229   13.159  1.00 47.35 ? 5   DT  B "C3'" 1 
ATOM   1257 O "O3'" . DT  B 2 5   ? 4.997   7.828   14.064  1.00 56.93 ? 5   DT  B "O3'" 1 
ATOM   1258 C "C2'" . DT  B 2 5   ? 4.096   7.820   11.693  1.00 49.21 ? 5   DT  B "C2'" 1 
ATOM   1259 C "C1'" . DT  B 2 5   ? 2.688   7.437   11.237  1.00 49.22 ? 5   DT  B "C1'" 1 
ATOM   1260 N N1    . DT  B 2 5   ? 2.139   8.182   10.038  1.00 47.32 ? 5   DT  B N1    1 
ATOM   1261 C C2    . DT  B 2 5   ? 2.087   7.515   8.840   1.00 36.93 ? 5   DT  B C2    1 
ATOM   1262 O O2    . DT  B 2 5   ? 2.483   6.372   8.720   1.00 42.17 ? 5   DT  B O2    1 
ATOM   1263 N N3    . DT  B 2 5   ? 1.571   8.226   7.788   1.00 37.81 ? 5   DT  B N3    1 
ATOM   1264 C C4    . DT  B 2 5   ? 1.093   9.518   7.813   1.00 40.99 ? 5   DT  B C4    1 
ATOM   1265 O O4    . DT  B 2 5   ? 0.642   10.066  6.809   1.00 39.74 ? 5   DT  B O4    1 
ATOM   1266 C C5    . DT  B 2 5   ? 1.170   10.161  9.108   1.00 43.61 ? 5   DT  B C5    1 
ATOM   1267 C C7    . DT  B 2 5   ? 0.688   11.571  9.288   1.00 45.30 ? 5   DT  B C7    1 
ATOM   1268 C C6    . DT  B 2 5   ? 1.673   9.476   10.140  1.00 43.89 ? 5   DT  B C6    1 
ATOM   1269 P P     . DC  B 2 6   ? 5.431   6.284   14.208  1.00 48.11 ? 6   DC  B P     1 
ATOM   1270 O OP1   . DC  B 2 6   ? 6.904   6.214   14.105  1.00 53.97 ? 6   DC  B OP1   1 
ATOM   1271 O OP2   . DC  B 2 6   ? 4.609   5.494   13.276  1.00 56.61 ? 6   DC  B OP2   1 
ATOM   1272 O "O5'" . DC  B 2 6   ? 5.011   5.915   15.715  1.00 48.61 ? 6   DC  B "O5'" 1 
ATOM   1273 C "C5'" . DC  B 2 6   ? 3.901   5.061   16.002  1.00 44.07 ? 6   DC  B "C5'" 1 
ATOM   1274 C "C4'" . DC  B 2 6   ? 3.218   5.486   17.288  1.00 42.77 ? 6   DC  B "C4'" 1 
ATOM   1275 O "O4'" . DC  B 2 6   ? 2.063   6.309   16.987  1.00 46.74 ? 6   DC  B "O4'" 1 
ATOM   1276 C "C3'" . DC  B 2 6   ? 2.670   4.339   18.126  1.00 48.14 ? 6   DC  B "C3'" 1 
ATOM   1277 O "O3'" . DC  B 2 6   ? 2.693   4.714   19.482  1.00 41.36 ? 6   DC  B "O3'" 1 
ATOM   1278 C "C2'" . DC  B 2 6   ? 1.233   4.172   17.631  1.00 42.74 ? 6   DC  B "C2'" 1 
ATOM   1279 C "C1'" . DC  B 2 6   ? 0.864   5.598   17.252  1.00 42.97 ? 6   DC  B "C1'" 1 
ATOM   1280 N N1    . DC  B 2 6   ? 0.098   5.674   16.016  1.00 44.68 ? 6   DC  B N1    1 
ATOM   1281 C C2    . DC  B 2 6   ? -1.113  6.360   16.012  1.00 43.98 ? 6   DC  B C2    1 
ATOM   1282 O O2    . DC  B 2 6   ? -1.503  6.863   17.073  1.00 46.88 ? 6   DC  B O2    1 
ATOM   1283 N N3    . DC  B 2 6   ? -1.811  6.445   14.851  1.00 34.72 ? 6   DC  B N3    1 
ATOM   1284 C C4    . DC  B 2 6   ? -1.318  5.883   13.745  1.00 41.53 ? 6   DC  B C4    1 
ATOM   1285 N N4    . DC  B 2 6   ? -2.032  5.976   12.617  1.00 51.81 ? 6   DC  B N4    1 
ATOM   1286 C C5    . DC  B 2 6   ? -0.073  5.187   13.733  1.00 46.07 ? 6   DC  B C5    1 
ATOM   1287 C C6    . DC  B 2 6   ? 0.602   5.109   14.884  1.00 47.29 ? 6   DC  B C6    1 
ATOM   1288 P P     . DG  B 2 7   ? 2.764   3.594   20.622  1.00 49.77 ? 7   DG  B P     1 
ATOM   1289 O OP1   . DG  B 2 7   ? 2.875   4.286   21.932  1.00 47.48 ? 7   DG  B OP1   1 
ATOM   1290 O OP2   . DG  B 2 7   ? 3.787   2.605   20.226  1.00 43.10 ? 7   DG  B OP2   1 
ATOM   1291 O "O5'" . DG  B 2 7   ? 1.334   2.874   20.529  1.00 42.88 ? 7   DG  B "O5'" 1 
ATOM   1292 C "C5'" . DG  B 2 7   ? 0.209   3.566   21.046  1.00 43.52 ? 7   DG  B "C5'" 1 
ATOM   1293 C "C4'" . DG  B 2 7   ? -1.078  2.816   20.767  1.00 40.45 ? 7   DG  B "C4'" 1 
ATOM   1294 O "O4'" . DG  B 2 7   ? -1.476  3.056   19.398  1.00 35.72 ? 7   DG  B "O4'" 1 
ATOM   1295 C "C3'" . DG  B 2 7   ? -1.024  1.296   20.949  1.00 44.58 ? 7   DG  B "C3'" 1 
ATOM   1296 O "O3'" . DG  B 2 7   ? -2.172  0.880   21.693  1.00 47.38 ? 7   DG  B "O3'" 1 
ATOM   1297 C "C2'" . DG  B 2 7   ? -1.085  0.766   19.514  1.00 45.34 ? 7   DG  B "C2'" 1 
ATOM   1298 C "C1'" . DG  B 2 7   ? -1.919  1.845   18.827  1.00 38.57 ? 7   DG  B "C1'" 1 
ATOM   1299 N N9    . DG  B 2 7   ? -1.762  1.903   17.371  1.00 35.99 ? 7   DG  B N9    1 
ATOM   1300 C C8    . DG  B 2 7   ? -0.760  1.333   16.609  1.00 39.40 ? 7   DG  B C8    1 
ATOM   1301 N N7    . DG  B 2 7   ? -0.882  1.551   15.330  1.00 34.31 ? 7   DG  B N7    1 
ATOM   1302 C C5    . DG  B 2 7   ? -2.039  2.300   15.231  1.00 32.47 ? 7   DG  B C5    1 
ATOM   1303 C C6    . DG  B 2 7   ? -2.670  2.841   14.090  1.00 39.21 ? 7   DG  B C6    1 
ATOM   1304 O O6    . DG  B 2 7   ? -2.319  2.743   12.895  1.00 33.81 ? 7   DG  B O6    1 
ATOM   1305 N N1    . DG  B 2 7   ? -3.825  3.548   14.443  1.00 38.80 ? 7   DG  B N1    1 
ATOM   1306 C C2    . DG  B 2 7   ? -4.290  3.721   15.724  1.00 36.14 ? 7   DG  B C2    1 
ATOM   1307 N N2    . DG  B 2 7   ? -5.414  4.435   15.871  1.00 38.27 ? 7   DG  B N2    1 
ATOM   1308 N N3    . DG  B 2 7   ? -3.706  3.222   16.794  1.00 37.91 ? 7   DG  B N3    1 
ATOM   1309 C C4    . DG  B 2 7   ? -2.590  2.529   16.474  1.00 35.83 ? 7   DG  B C4    1 
ATOM   1310 P P     . DG  B 2 8   ? -2.131  -0.475  22.555  1.00 50.78 ? 8   DG  B P     1 
ATOM   1311 O OP1   . DG  B 2 8   ? -3.440  -0.627  23.224  1.00 51.65 ? 8   DG  B OP1   1 
ATOM   1312 O OP2   . DG  B 2 8   ? -0.887  -0.472  23.357  1.00 47.35 ? 8   DG  B OP2   1 
ATOM   1313 O "O5'" . DG  B 2 8   ? -1.967  -1.622  21.445  1.00 48.28 ? 8   DG  B "O5'" 1 
ATOM   1314 C "C5'" . DG  B 2 8   ? -3.080  -2.061  20.664  1.00 45.58 ? 8   DG  B "C5'" 1 
ATOM   1315 C "C4'" . DG  B 2 8   ? -2.650  -3.080  19.611  1.00 44.46 ? 8   DG  B "C4'" 1 
ATOM   1316 O "O4'" . DG  B 2 8   ? -1.867  -2.426  18.582  1.00 43.47 ? 8   DG  B "O4'" 1 
ATOM   1317 C "C3'" . DG  B 2 8   ? -1.801  -4.260  20.084  1.00 45.28 ? 8   DG  B "C3'" 1 
ATOM   1318 O "O3'" . DG  B 2 8   ? -2.250  -5.453  19.442  1.00 53.57 ? 8   DG  B "O3'" 1 
ATOM   1319 C "C2'" . DG  B 2 8   ? -0.403  -3.903  19.595  1.00 45.95 ? 8   DG  B "C2'" 1 
ATOM   1320 C "C1'" . DG  B 2 8   ? -0.756  -3.234  18.274  1.00 45.09 ? 8   DG  B "C1'" 1 
ATOM   1321 N N9    . DG  B 2 8   ? 0.240   -2.344  17.689  1.00 45.01 ? 8   DG  B N9    1 
ATOM   1322 C C8    . DG  B 2 8   ? 0.446   -2.130  16.343  1.00 40.90 ? 8   DG  B C8    1 
ATOM   1323 N N7    . DG  B 2 8   ? 1.388   -1.274  16.087  1.00 43.53 ? 8   DG  B N7    1 
ATOM   1324 C C5    . DG  B 2 8   ? 1.836   -0.881  17.344  1.00 42.19 ? 8   DG  B C5    1 
ATOM   1325 C C6    . DG  B 2 8   ? 2.848   0.041   17.701  1.00 42.97 ? 8   DG  B C6    1 
ATOM   1326 O O6    . DG  B 2 8   ? 3.566   0.700   16.942  1.00 41.83 ? 8   DG  B O6    1 
ATOM   1327 N N1    . DG  B 2 8   ? 2.988   0.159   19.083  1.00 46.61 ? 8   DG  B N1    1 
ATOM   1328 C C2    . DG  B 2 8   ? 2.230   -0.533  20.005  1.00 45.97 ? 8   DG  B C2    1 
ATOM   1329 N N2    . DG  B 2 8   ? 2.481   -0.308  21.303  1.00 48.21 ? 8   DG  B N2    1 
ATOM   1330 N N3    . DG  B 2 8   ? 1.276   -1.394  19.681  1.00 47.54 ? 8   DG  B N3    1 
ATOM   1331 C C4    . DG  B 2 8   ? 1.136   -1.523  18.339  1.00 43.94 ? 8   DG  B C4    1 
ATOM   1332 P P     . DT  B 2 9   ? -3.419  -6.344  20.098  1.00 55.63 ? 9   DT  B P     1 
ATOM   1333 O OP1   . DT  B 2 9   ? -3.040  -6.639  21.501  1.00 51.24 ? 9   DT  B OP1   1 
ATOM   1334 O OP2   . DT  B 2 9   ? -3.713  -7.454  19.170  1.00 53.29 ? 9   DT  B OP2   1 
ATOM   1335 O "O5'" . DT  B 2 9   ? -4.680  -5.359  20.117  1.00 50.34 ? 9   DT  B "O5'" 1 
ATOM   1336 C "C5'" . DT  B 2 9   ? -5.443  -5.168  21.305  1.00 46.79 ? 9   DT  B "C5'" 1 
ATOM   1337 C "C4'" . DT  B 2 9   ? -6.644  -4.299  20.991  1.00 51.77 ? 9   DT  B "C4'" 1 
ATOM   1338 O "O4'" . DT  B 2 9   ? -6.226  -3.283  20.045  1.00 46.05 ? 9   DT  B "O4'" 1 
ATOM   1339 C "C3'" . DT  B 2 9   ? -7.794  -5.032  20.310  1.00 50.38 ? 9   DT  B "C3'" 1 
ATOM   1340 O "O3'" . DT  B 2 9   ? -8.764  -5.449  21.256  1.00 61.70 ? 9   DT  B "O3'" 1 
ATOM   1341 C "C2'" . DT  B 2 9   ? -8.410  -3.988  19.389  1.00 49.44 ? 9   DT  B "C2'" 1 
ATOM   1342 C "C1'" . DT  B 2 9   ? -7.248  -3.049  19.085  1.00 43.72 ? 9   DT  B "C1'" 1 
ATOM   1343 N N1    . DT  B 2 9   ? -6.728  -3.182  17.680  1.00 42.07 ? 9   DT  B N1    1 
ATOM   1344 C C2    . DT  B 2 9   ? -7.362  -2.456  16.702  1.00 39.33 ? 9   DT  B C2    1 
ATOM   1345 O O2    . DT  B 2 9   ? -8.314  -1.731  16.922  1.00 40.89 ? 9   DT  B O2    1 
ATOM   1346 N N3    . DT  B 2 9   ? -6.851  -2.600  15.446  1.00 36.12 ? 9   DT  B N3    1 
ATOM   1347 C C4    . DT  B 2 9   ? -5.779  -3.378  15.075  1.00 32.86 ? 9   DT  B C4    1 
ATOM   1348 O O4    . DT  B 2 9   ? -5.405  -3.432  13.911  1.00 32.39 ? 9   DT  B O4    1 
ATOM   1349 C C5    . DT  B 2 9   ? -5.149  -4.116  16.135  1.00 42.38 ? 9   DT  B C5    1 
ATOM   1350 C C7    . DT  B 2 9   ? -3.980  -5.002  15.824  1.00 38.33 ? 9   DT  B C7    1 
ATOM   1351 C C6    . DT  B 2 9   ? -5.647  -3.986  17.379  1.00 42.27 ? 9   DT  B C6    1 
HETATM 1352 O O     . HOH C 3 .   ? 8.160   4.057   4.509   1.00 20.93 ? 201 HOH A O     1 
HETATM 1353 O O     . HOH C 3 .   ? 2.761   7.601   3.104   1.00 27.96 ? 202 HOH A O     1 
HETATM 1354 O O     . HOH C 3 .   ? -11.763 -2.889  9.800   1.00 30.17 ? 203 HOH A O     1 
HETATM 1355 O O     . HOH C 3 .   ? -5.867  -7.552  -7.591  1.00 32.93 ? 204 HOH A O     1 
HETATM 1356 O O     . HOH C 3 .   ? -10.873 -10.998 6.173   1.00 33.54 ? 205 HOH A O     1 
HETATM 1357 O O     . HOH C 3 .   ? 4.564   -2.463  -9.297  1.00 28.92 ? 206 HOH A O     1 
HETATM 1358 O O     . HOH C 3 .   ? 6.006   -2.814  -6.943  1.00 25.93 ? 207 HOH A O     1 
HETATM 1359 O O     . HOH C 3 .   ? 7.261   2.038   -1.825  1.00 32.33 ? 208 HOH A O     1 
HETATM 1360 O O     . HOH C 3 .   ? 10.400  -8.084  0.248   1.00 32.25 ? 209 HOH A O     1 
HETATM 1361 O O     . HOH C 3 .   ? -0.062  7.472   2.622   1.00 22.63 ? 210 HOH A O     1 
HETATM 1362 O O     . HOH C 3 .   ? -10.021 -15.002 -1.624  1.00 22.95 ? 211 HOH A O     1 
HETATM 1363 O O     . HOH C 3 .   ? -15.601 0.005   6.205   1.00 29.49 ? 212 HOH A O     1 
HETATM 1364 O O     . HOH C 3 .   ? 15.119  -10.719 -5.991  1.00 44.66 ? 213 HOH A O     1 
HETATM 1365 O O     . HOH C 3 .   ? 6.340   6.071   4.297   1.00 25.62 ? 214 HOH A O     1 
HETATM 1366 O O     . HOH C 3 .   ? -6.025  -13.204 -2.563  1.00 31.15 ? 215 HOH A O     1 
HETATM 1367 O O     . HOH C 3 .   ? -4.774  10.312  5.634   1.00 49.30 ? 216 HOH A O     1 
HETATM 1368 O O     . HOH C 3 .   ? 12.651  -1.070  10.463  1.00 33.75 ? 217 HOH A O     1 
HETATM 1369 O O     . HOH C 3 .   ? -14.252 -2.285  -9.036  1.00 37.85 ? 218 HOH A O     1 
HETATM 1370 O O     . HOH C 3 .   ? 2.681   -16.843 0.644   1.00 39.76 ? 219 HOH A O     1 
HETATM 1371 O O     . HOH C 3 .   ? -5.706  -8.997  8.762   1.00 33.26 ? 220 HOH A O     1 
HETATM 1372 O O     . HOH C 3 .   ? 3.282   1.223   14.082  1.00 32.87 ? 221 HOH A O     1 
HETATM 1373 O O     . HOH C 3 .   ? -6.035  4.325   9.841   1.00 40.42 ? 222 HOH A O     1 
HETATM 1374 O O     . HOH C 3 .   ? 8.738   -7.052  -7.393  1.00 31.57 ? 223 HOH A O     1 
HETATM 1375 O O     . HOH C 3 .   ? 7.917   -4.181  -7.844  1.00 30.32 ? 224 HOH A O     1 
HETATM 1376 O O     . HOH C 3 .   ? -14.839 -1.929  10.366  1.00 35.81 ? 225 HOH A O     1 
HETATM 1377 O O     . HOH C 3 .   ? -10.926 -16.049 -3.670  1.00 34.51 ? 226 HOH A O     1 
HETATM 1378 O O     . HOH C 3 .   ? 12.723  9.445   1.875   1.00 33.08 ? 227 HOH A O     1 
HETATM 1379 O O     . HOH C 3 .   ? 15.182  -9.205  0.578   1.00 47.97 ? 228 HOH A O     1 
HETATM 1380 O O     . HOH C 3 .   ? -15.857 -5.368  -6.491  1.00 37.20 ? 229 HOH A O     1 
HETATM 1381 O O     . HOH C 3 .   ? -0.296  2.067   -12.778 1.00 36.44 ? 230 HOH A O     1 
HETATM 1382 O O     . HOH C 3 .   ? -3.599  12.774  -12.272 1.00 38.18 ? 231 HOH A O     1 
HETATM 1383 O O     . HOH C 3 .   ? -13.631 -15.707 -3.145  1.00 39.49 ? 232 HOH A O     1 
HETATM 1384 O O     . HOH C 3 .   ? 8.045   10.440  15.992  1.00 39.99 ? 233 HOH A O     1 
HETATM 1385 O O     . HOH C 3 .   ? 2.286   -13.077 0.828   1.00 39.15 ? 234 HOH A O     1 
HETATM 1386 O O     . HOH C 3 .   ? -20.338 2.772   0.677   1.00 57.99 ? 235 HOH A O     1 
HETATM 1387 O O     . HOH C 3 .   ? 5.670   -3.535  -11.546 1.00 42.69 ? 236 HOH A O     1 
HETATM 1388 O O     . HOH C 3 .   ? -17.077 3.526   8.018   1.00 43.64 ? 237 HOH A O     1 
HETATM 1389 O O     . HOH C 3 .   ? 4.259   -2.536  -19.395 1.00 46.92 ? 238 HOH A O     1 
HETATM 1390 O O     . HOH C 3 .   ? -2.586  -15.995 2.924   1.00 40.14 ? 239 HOH A O     1 
HETATM 1391 O O     . HOH C 3 .   ? -3.682  0.714   -13.449 1.00 45.18 ? 240 HOH A O     1 
HETATM 1392 O O     . HOH C 3 .   ? -5.711  17.777  0.722   1.00 42.97 ? 241 HOH A O     1 
HETATM 1393 O O     . HOH C 3 .   ? 5.989   10.408  -9.595  1.00 46.25 ? 242 HOH A O     1 
HETATM 1394 O O     . HOH C 3 .   ? 6.540   16.731  4.244   1.00 44.50 ? 243 HOH A O     1 
HETATM 1395 O O     . HOH C 3 .   ? -3.962  15.339  -12.726 1.00 44.95 ? 244 HOH A O     1 
HETATM 1396 O O     . HOH C 3 .   ? -1.688  4.037   -13.958 1.00 43.24 ? 245 HOH A O     1 
HETATM 1397 O O     . HOH C 3 .   ? 9.926   -22.549 -2.641  1.00 45.93 ? 246 HOH A O     1 
HETATM 1398 O O     . HOH C 3 .   ? 10.293  -9.051  -9.665  1.00 40.77 ? 247 HOH A O     1 
HETATM 1399 O O     . HOH C 3 .   ? -18.610 -0.351  5.904   1.00 42.38 ? 248 HOH A O     1 
HETATM 1400 O O     . HOH C 3 .   ? -6.118  -8.080  17.167  1.00 52.45 ? 249 HOH A O     1 
HETATM 1401 O O     . HOH C 3 .   ? -7.075  -4.145  -15.396 1.00 43.67 ? 250 HOH A O     1 
HETATM 1402 O O     . HOH C 3 .   ? 13.536  5.036   -5.320  1.00 38.78 ? 251 HOH A O     1 
HETATM 1403 O O     . HOH C 3 .   ? 5.378   6.874   20.070  1.00 38.78 ? 252 HOH A O     1 
HETATM 1404 O O     . HOH C 3 .   ? -0.359  -4.671  15.241  1.00 38.78 ? 253 HOH A O     1 
HETATM 1405 O O     . HOH C 3 .   ? 9.528   -14.459 -5.367  1.00 38.78 ? 254 HOH A O     1 
HETATM 1406 O O     . HOH C 3 .   ? -8.989  -5.656  -11.338 1.00 38.78 ? 255 HOH A O     1 
HETATM 1407 O O     . HOH C 3 .   ? -5.395  1.972   -12.684 1.00 38.78 ? 256 HOH A O     1 
HETATM 1408 O O     . HOH C 3 .   ? -0.982  -7.843  10.158  1.00 38.78 ? 257 HOH A O     1 
HETATM 1409 O O     . HOH C 3 .   ? -0.021  -2.490  13.676  1.00 38.78 ? 258 HOH A O     1 
HETATM 1410 O O     . HOH C 3 .   ? -12.253 0.576   16.223  1.00 38.78 ? 259 HOH A O     1 
HETATM 1411 O O     . HOH C 3 .   ? 23.354  -2.672  3.224   1.00 38.78 ? 260 HOH A O     1 
HETATM 1412 O O     . HOH C 3 .   ? -11.891 3.629   -4.471  1.00 38.78 ? 261 HOH A O     1 
HETATM 1413 O O     . HOH C 3 .   ? -0.977  -5.226  13.387  1.00 38.78 ? 262 HOH A O     1 
HETATM 1414 O O     . HOH C 3 .   ? 4.774   -18.687 -0.754  1.00 38.78 ? 263 HOH A O     1 
HETATM 1415 O O     . HOH C 3 .   ? 15.241  6.683   -3.138  1.00 38.78 ? 264 HOH A O     1 
HETATM 1416 O O     . HOH C 3 .   ? -6.584  17.392  -2.093  1.00 38.78 ? 265 HOH A O     1 
HETATM 1417 O O     . HOH C 3 .   ? -8.809  -2.512  -16.405 1.00 38.78 ? 266 HOH A O     1 
HETATM 1418 O O     . HOH C 3 .   ? -12.655 -8.570  -12.663 1.00 38.78 ? 267 HOH A O     1 
HETATM 1419 O O     . HOH C 3 .   ? -0.977  -9.074  12.895  1.00 38.78 ? 268 HOH A O     1 
HETATM 1420 O O     . HOH C 3 .   ? 9.062   15.586  -1.590  1.00 38.78 ? 269 HOH A O     1 
HETATM 1421 O O     . HOH C 3 .   ? 10.094  -6.952  -11.126 1.00 38.78 ? 270 HOH A O     1 
HETATM 1422 O O     . HOH C 3 .   ? -9.495  -8.735  13.492  1.00 38.78 ? 271 HOH A O     1 
HETATM 1423 O O     . HOH C 3 .   ? -13.774 7.051   -10.790 1.00 38.78 ? 272 HOH A O     1 
HETATM 1424 O O     . HOH C 3 .   ? -5.605  -10.173 -8.926  1.00 38.78 ? 273 HOH A O     1 
HETATM 1425 O O     . HOH C 3 .   ? -13.358 3.032   -6.762  1.00 38.78 ? 274 HOH A O     1 
HETATM 1426 O O     . HOH C 3 .   ? 2.582   -3.566  -21.019 1.00 38.78 ? 275 HOH A O     1 
HETATM 1427 O O     . HOH C 3 .   ? -0.567  -10.737 -10.592 1.00 38.78 ? 276 HOH A O     1 
HETATM 1428 O O     . HOH C 3 .   ? -22.889 4.295   -5.177  1.00 38.78 ? 277 HOH A O     1 
HETATM 1429 O O     . HOH C 3 .   ? -20.329 4.404   -3.209  1.00 38.78 ? 278 HOH A O     1 
HETATM 1430 O O     . HOH D 3 .   ? 3.693   2.988   12.953  1.00 30.93 ? 101 HOH B O     1 
HETATM 1431 O O     . HOH D 3 .   ? -5.753  4.770   13.077  1.00 38.65 ? 102 HOH B O     1 
HETATM 1432 O O     . HOH D 3 .   ? 8.619   4.897   13.749  1.00 40.98 ? 103 HOH B O     1 
HETATM 1433 O O     . HOH D 3 .   ? -0.727  9.643   4.554   1.00 36.49 ? 104 HOH B O     1 
HETATM 1434 O O     . HOH D 3 .   ? -3.949  -5.035  12.400  1.00 34.69 ? 105 HOH B O     1 
HETATM 1435 O O     . HOH D 3 .   ? -3.996  9.240   10.374  1.00 53.00 ? 106 HOH B O     1 
HETATM 1436 O O     . HOH D 3 .   ? 5.821   9.774   15.946  1.00 43.94 ? 107 HOH B O     1 
HETATM 1437 O O     . HOH D 3 .   ? -5.378  -7.671  12.740  1.00 36.01 ? 108 HOH B O     1 
HETATM 1438 O O     . HOH D 3 .   ? -15.024 11.803  12.863  1.00 57.19 ? 109 HOH B O     1 
HETATM 1439 O O     . HOH D 3 .   ? -21.274 3.579   5.783   1.00 38.78 ? 110 HOH B O     1 
HETATM 1440 O O     . HOH D 3 .   ? -1.909  12.157  17.062  1.00 38.78 ? 111 HOH B O     1 
HETATM 1441 O O     . HOH D 3 .   ? 4.190   2.650   17.790  1.00 38.78 ? 112 HOH B O     1 
HETATM 1442 O O     . HOH D 3 .   ? -19.376 8.205   2.827   1.00 38.78 ? 113 HOH B O     1 
HETATM 1443 O O     . HOH D 3 .   ? -1.608  9.808   16.118  1.00 38.78 ? 114 HOH B O     1 
HETATM 1444 O O     . HOH D 3 .   ? -20.359 1.476   7.092   1.00 38.78 ? 115 HOH B O     1 
# 
loop_
_pdbx_poly_seq_scheme.asym_id 
_pdbx_poly_seq_scheme.entity_id 
_pdbx_poly_seq_scheme.seq_id 
_pdbx_poly_seq_scheme.mon_id 
_pdbx_poly_seq_scheme.ndb_seq_num 
_pdbx_poly_seq_scheme.pdb_seq_num 
_pdbx_poly_seq_scheme.auth_seq_num 
_pdbx_poly_seq_scheme.pdb_mon_id 
_pdbx_poly_seq_scheme.auth_mon_id 
_pdbx_poly_seq_scheme.pdb_strand_id 
_pdbx_poly_seq_scheme.pdb_ins_code 
_pdbx_poly_seq_scheme.hetero 
A 1 1   MET 1   1   ?   ?   ?   A . n 
A 1 2   SER 2   2   ?   ?   ?   A . n 
A 1 3   ASP 3   3   ?   ?   ?   A . n 
A 1 4   SER 4   4   4   SER SER A . n 
A 1 5   PHE 5   5   5   PHE PHE A . n 
A 1 6   SER 6   6   6   SER SER A . n 
A 1 7   LEU 7   7   7   LEU LEU A . n 
A 1 8   LEU 8   8   8   LEU LEU A . n 
A 1 9   SER 9   9   9   SER SER A . n 
A 1 10  GLN 10  10  10  GLN GLN A . n 
A 1 11  ILE 11  11  11  ILE ILE A . n 
A 1 12  THR 12  12  12  THR THR A . n 
A 1 13  PRO 13  13  13  PRO PRO A . n 
A 1 14  HIS 14  14  14  HIS HIS A . n 
A 1 15  GLN 15  15  15  GLN GLN A . n 
A 1 16  ARG 16  16  16  ARG ARG A . n 
A 1 17  CYS 17  17  17  CYS CYS A . n 
A 1 18  SER 18  18  18  SER SER A . n 
A 1 19  PHE 19  19  19  PHE PHE A . n 
A 1 20  TYR 20  20  20  TYR TYR A . n 
A 1 21  ALA 21  21  21  ALA ALA A . n 
A 1 22  GLN 22  22  22  GLN GLN A . n 
A 1 23  VAL 23  23  23  VAL VAL A . n 
A 1 24  ILE 24  24  24  ILE ILE A . n 
A 1 25  LYS 25  25  25  LYS LYS A . n 
A 1 26  THR 26  26  26  THR THR A . n 
A 1 27  TRP 27  27  27  TRP TRP A . n 
A 1 28  TYR 28  28  28  TYR TYR A . n 
A 1 29  SER 29  29  29  SER SER A . n 
A 1 30  ASP 30  30  30  ASP ASP A . n 
A 1 31  LYS 31  31  31  LYS LYS A . n 
A 1 32  ASN 32  32  32  ASN ASN A . n 
A 1 33  PHE 33  33  33  PHE PHE A . n 
A 1 34  THR 34  34  34  THR THR A . n 
A 1 35  LEU 35  35  35  LEU LEU A . n 
A 1 36  TYR 36  36  36  TYR TYR A . n 
A 1 37  VAL 37  37  37  VAL VAL A . n 
A 1 38  THR 38  38  38  THR THR A . n 
A 1 39  ASP 39  39  39  ASP ASP A . n 
A 1 40  TYR 40  40  40  TYR TYR A . n 
A 1 41  THR 41  41  41  THR THR A . n 
A 1 42  GLU 42  42  42  GLU GLU A . n 
A 1 43  ASN 43  43  43  ASN ASN A . n 
A 1 44  GLU 44  44  44  GLU GLU A . n 
A 1 45  LEU 45  45  45  LEU LEU A . n 
A 1 46  PHE 46  46  46  PHE PHE A . n 
A 1 47  PHE 47  47  47  PHE PHE A . n 
A 1 48  PRO 48  48  48  PRO PRO A . n 
A 1 49  MET 49  49  49  MET MET A . n 
A 1 50  SER 50  50  50  SER SER A . n 
A 1 51  PRO 51  51  51  PRO PRO A . n 
A 1 52  TYR 52  52  52  TYR TYR A . n 
A 1 53  THR 53  53  53  THR THR A . n 
A 1 54  SER 54  54  54  SER SER A . n 
A 1 55  SER 55  55  55  SER SER A . n 
A 1 56  SER 56  56  56  SER SER A . n 
A 1 57  ARG 57  57  57  ARG ARG A . n 
A 1 58  TRP 58  58  58  TRP TRP A . n 
A 1 59  ARG 59  59  59  ARG ARG A . n 
A 1 60  GLY 60  60  60  GLY GLY A . n 
A 1 61  PRO 61  61  61  PRO PRO A . n 
A 1 62  PHE 62  62  62  PHE PHE A . n 
A 1 63  GLY 63  63  63  GLY GLY A . n 
A 1 64  ARG 64  64  64  ARG ARG A . n 
A 1 65  PHE 65  65  65  PHE PHE A . n 
A 1 66  SER 66  66  66  SER SER A . n 
A 1 67  ILE 67  67  67  ILE ILE A . n 
A 1 68  ARG 68  68  68  ARG ARG A . n 
A 1 69  CYS 69  69  69  CYS CYS A . n 
A 1 70  ILE 70  70  70  ILE ILE A . n 
A 1 71  LEU 71  71  71  LEU LEU A . n 
A 1 72  TRP 72  72  72  TRP TRP A . n 
A 1 73  ASP 73  73  73  ASP ASP A . n 
A 1 74  GLU 74  74  74  GLU GLU A . n 
A 1 75  HIS 75  75  75  HIS HIS A . n 
A 1 76  ASP 76  76  76  ASP ASP A . n 
A 1 77  PHE 77  77  77  PHE PHE A . n 
A 1 78  TYR 78  78  78  TYR TYR A . n 
A 1 79  CYS 79  79  79  CYS CYS A . n 
A 1 80  ARG 80  80  80  ARG ARG A . n 
A 1 81  ASN 81  81  81  ASN ASN A . n 
A 1 82  TYR 82  82  82  TYR TYR A . n 
A 1 83  ILE 83  83  83  ILE ILE A . n 
A 1 84  LYS 84  84  84  LYS LYS A . n 
A 1 85  GLU 85  85  85  GLU GLU A . n 
A 1 86  GLY 86  86  86  GLY GLY A . n 
A 1 87  ASP 87  87  87  ASP ASP A . n 
A 1 88  TYR 88  88  88  TYR TYR A . n 
A 1 89  VAL 89  89  89  VAL VAL A . n 
A 1 90  VAL 90  90  90  VAL VAL A . n 
A 1 91  MET 91  91  91  MET MET A . n 
A 1 92  LYS 92  92  92  LYS LYS A . n 
A 1 93  ASN 93  93  93  ASN ASN A . n 
A 1 94  VAL 94  94  94  VAL VAL A . n 
A 1 95  ARG 95  95  95  ARG ARG A . n 
A 1 96  THR 96  96  96  THR THR A . n 
A 1 97  LYS 97  97  97  LYS LYS A . n 
A 1 98  ILE 98  98  98  ILE ILE A . n 
A 1 99  ASP 99  99  99  ASP ASP A . n 
A 1 100 HIS 100 100 100 HIS HIS A . n 
A 1 101 LEU 101 101 101 LEU LEU A . n 
A 1 102 GLY 102 102 102 GLY GLY A . n 
A 1 103 TYR 103 103 103 TYR TYR A . n 
A 1 104 LEU 104 104 104 LEU LEU A . n 
A 1 105 GLU 105 105 105 GLU GLU A . n 
A 1 106 CYS 106 106 106 CYS CYS A . n 
A 1 107 ILE 107 107 107 ILE ILE A . n 
A 1 108 LEU 108 108 108 LEU LEU A . n 
A 1 109 HIS 109 109 109 HIS HIS A . n 
A 1 110 GLY 110 110 110 GLY GLY A . n 
A 1 111 ASP 111 111 111 ASP ASP A . n 
A 1 112 SER 112 112 112 SER SER A . n 
A 1 113 ALA 113 113 113 ALA ALA A . n 
A 1 114 LYS 114 114 114 LYS LYS A . n 
A 1 115 ARG 115 115 115 ARG ARG A . n 
A 1 116 TYR 116 116 116 TYR TYR A . n 
A 1 117 ASN 117 117 117 ASN ASN A . n 
A 1 118 MET 118 118 118 MET MET A . n 
A 1 119 SER 119 119 119 SER SER A . n 
A 1 120 ILE 120 120 120 ILE ILE A . n 
A 1 121 GLU 121 121 121 GLU GLU A . n 
A 1 122 LYS 122 122 122 LYS LYS A . n 
A 1 123 VAL 123 123 123 VAL VAL A . n 
A 1 124 ASP 124 124 124 ASP ASP A . n 
A 1 125 SER 125 125 125 SER SER A . n 
A 1 126 GLU 126 126 126 GLU GLU A . n 
A 1 127 GLU 127 127 127 GLU GLU A . n 
A 1 128 PRO 128 128 128 PRO PRO A . n 
A 1 129 GLU 129 129 129 GLU GLU A . n 
A 1 130 LEU 130 130 130 LEU LEU A . n 
A 1 131 ASN 131 131 131 ASN ASN A . n 
A 1 132 GLU 132 132 132 GLU GLU A . n 
A 1 133 ILE 133 133 133 ILE ILE A . n 
A 1 134 LYS 134 134 134 LYS LYS A . n 
A 1 135 SER 135 135 135 SER SER A . n 
A 1 136 ARG 136 136 136 ARG ARG A . n 
A 1 137 LYS 137 137 137 LYS LYS A . n 
A 1 138 ARG 138 138 138 ARG ARG A . n 
A 1 139 LEU 139 139 139 LEU LEU A . n 
A 1 140 TYR 140 140 140 TYR TYR A . n 
A 1 141 VAL 141 141 141 VAL VAL A . n 
A 1 142 GLN 142 142 ?   ?   ?   A . n 
A 1 143 ASN 143 143 ?   ?   ?   A . n 
B 2 1   DG  1   1   1   DG  G   B . n 
B 2 2   DG  2   2   2   DG  G   B . n 
B 2 3   DT  3   3   3   DT  T   B . n 
B 2 4   DT  4   4   4   DT  T   B . n 
B 2 5   DT  5   5   5   DT  T   B . n 
B 2 6   DC  6   6   6   DC  C   B . n 
B 2 7   DG  7   7   7   DG  G   B . n 
B 2 8   DG  8   8   8   DG  G   B . n 
B 2 9   DT  9   9   9   DT  T   B . n 
# 
loop_
_pdbx_nonpoly_scheme.asym_id 
_pdbx_nonpoly_scheme.entity_id 
_pdbx_nonpoly_scheme.mon_id 
_pdbx_nonpoly_scheme.ndb_seq_num 
_pdbx_nonpoly_scheme.pdb_seq_num 
_pdbx_nonpoly_scheme.auth_seq_num 
_pdbx_nonpoly_scheme.pdb_mon_id 
_pdbx_nonpoly_scheme.auth_mon_id 
_pdbx_nonpoly_scheme.pdb_strand_id 
_pdbx_nonpoly_scheme.pdb_ins_code 
C 3 HOH 1  201 1  HOH HOH A . 
C 3 HOH 2  202 2  HOH HOH A . 
C 3 HOH 3  203 3  HOH HOH A . 
C 3 HOH 4  204 4  HOH HOH A . 
C 3 HOH 5  205 5  HOH HOH A . 
C 3 HOH 6  206 6  HOH HOH A . 
C 3 HOH 7  207 7  HOH HOH A . 
C 3 HOH 8  208 10 HOH HOH A . 
C 3 HOH 9  209 13 HOH HOH A . 
C 3 HOH 10 210 14 HOH HOH A . 
C 3 HOH 11 211 15 HOH HOH A . 
C 3 HOH 12 212 16 HOH HOH A . 
C 3 HOH 13 213 17 HOH HOH A . 
C 3 HOH 14 214 18 HOH HOH A . 
C 3 HOH 15 215 20 HOH HOH A . 
C 3 HOH 16 216 21 HOH HOH A . 
C 3 HOH 17 217 22 HOH HOH A . 
C 3 HOH 18 218 23 HOH HOH A . 
C 3 HOH 19 219 24 HOH HOH A . 
C 3 HOH 20 220 25 HOH HOH A . 
C 3 HOH 21 221 26 HOH HOH A . 
C 3 HOH 22 222 27 HOH HOH A . 
C 3 HOH 23 223 28 HOH HOH A . 
C 3 HOH 24 224 29 HOH HOH A . 
C 3 HOH 25 225 30 HOH HOH A . 
C 3 HOH 26 226 31 HOH HOH A . 
C 3 HOH 27 227 32 HOH HOH A . 
C 3 HOH 28 228 33 HOH HOH A . 
C 3 HOH 29 229 35 HOH HOH A . 
C 3 HOH 30 230 37 HOH HOH A . 
C 3 HOH 31 231 38 HOH HOH A . 
C 3 HOH 32 232 40 HOH HOH A . 
C 3 HOH 33 233 42 HOH HOH A . 
C 3 HOH 34 234 43 HOH HOH A . 
C 3 HOH 35 235 44 HOH HOH A . 
C 3 HOH 36 236 45 HOH HOH A . 
C 3 HOH 37 237 46 HOH HOH A . 
C 3 HOH 38 238 47 HOH HOH A . 
C 3 HOH 39 239 49 HOH HOH A . 
C 3 HOH 40 240 50 HOH HOH A . 
C 3 HOH 41 241 51 HOH HOH A . 
C 3 HOH 42 242 52 HOH HOH A . 
C 3 HOH 43 243 53 HOH HOH A . 
C 3 HOH 44 244 54 HOH HOH A . 
C 3 HOH 45 245 55 HOH HOH A . 
C 3 HOH 46 246 56 HOH HOH A . 
C 3 HOH 47 247 57 HOH HOH A . 
C 3 HOH 48 248 58 HOH HOH A . 
C 3 HOH 49 249 60 HOH HOH A . 
C 3 HOH 50 250 61 HOH HOH A . 
C 3 HOH 51 251 62 HOH HOH A . 
C 3 HOH 52 252 63 HOH HOH A . 
C 3 HOH 53 253 64 HOH HOH A . 
C 3 HOH 54 254 65 HOH HOH A . 
C 3 HOH 55 255 66 HOH HOH A . 
C 3 HOH 56 256 68 HOH HOH A . 
C 3 HOH 57 257 69 HOH HOH A . 
C 3 HOH 58 258 73 HOH HOH A . 
C 3 HOH 59 259 74 HOH HOH A . 
C 3 HOH 60 260 75 HOH HOH A . 
C 3 HOH 61 261 76 HOH HOH A . 
C 3 HOH 62 262 77 HOH HOH A . 
C 3 HOH 63 263 78 HOH HOH A . 
C 3 HOH 64 264 79 HOH HOH A . 
C 3 HOH 65 265 80 HOH HOH A . 
C 3 HOH 66 266 81 HOH HOH A . 
C 3 HOH 67 267 84 HOH HOH A . 
C 3 HOH 68 268 85 HOH HOH A . 
C 3 HOH 69 269 87 HOH HOH A . 
C 3 HOH 70 270 88 HOH HOH A . 
C 3 HOH 71 271 89 HOH HOH A . 
C 3 HOH 72 272 90 HOH HOH A . 
C 3 HOH 73 273 91 HOH HOH A . 
C 3 HOH 74 274 92 HOH HOH A . 
C 3 HOH 75 275 93 HOH HOH A . 
C 3 HOH 76 276 94 HOH HOH A . 
C 3 HOH 77 277 95 HOH HOH A . 
C 3 HOH 78 278 96 HOH HOH A . 
D 3 HOH 1  101 8  HOH HOH B . 
D 3 HOH 2  102 9  HOH HOH B . 
D 3 HOH 3  103 11 HOH HOH B . 
D 3 HOH 4  104 12 HOH HOH B . 
D 3 HOH 5  105 34 HOH HOH B . 
D 3 HOH 6  106 36 HOH HOH B . 
D 3 HOH 7  107 39 HOH HOH B . 
D 3 HOH 8  108 41 HOH HOH B . 
D 3 HOH 9  109 59 HOH HOH B . 
D 3 HOH 10 110 70 HOH HOH B . 
D 3 HOH 11 111 71 HOH HOH B . 
D 3 HOH 12 112 72 HOH HOH B . 
D 3 HOH 13 113 82 HOH HOH B . 
D 3 HOH 14 114 83 HOH HOH B . 
D 3 HOH 15 115 86 HOH HOH B . 
# 
_pdbx_struct_assembly.id                   1 
_pdbx_struct_assembly.details              author_and_software_defined_assembly 
_pdbx_struct_assembly.method_details       PISA 
_pdbx_struct_assembly.oligomeric_details   dimeric 
_pdbx_struct_assembly.oligomeric_count     2 
# 
_pdbx_struct_assembly_gen.assembly_id       1 
_pdbx_struct_assembly_gen.oper_expression   1 
_pdbx_struct_assembly_gen.asym_id_list      A,B,C,D 
# 
loop_
_pdbx_struct_assembly_prop.biol_id 
_pdbx_struct_assembly_prop.type 
_pdbx_struct_assembly_prop.value 
_pdbx_struct_assembly_prop.details 
1 'ABSA (A^2)' 2080 ? 
1 MORE         -12  ? 
1 'SSA (A^2)'  8630 ? 
# 
_pdbx_struct_oper_list.id                   1 
_pdbx_struct_oper_list.type                 'identity operation' 
_pdbx_struct_oper_list.name                 1_555 
_pdbx_struct_oper_list.symmetry_operation   x,y,z 
_pdbx_struct_oper_list.matrix[1][1]         1.0000000000 
_pdbx_struct_oper_list.matrix[1][2]         0.0000000000 
_pdbx_struct_oper_list.matrix[1][3]         0.0000000000 
_pdbx_struct_oper_list.vector[1]            0.0000000000 
_pdbx_struct_oper_list.matrix[2][1]         0.0000000000 
_pdbx_struct_oper_list.matrix[2][2]         1.0000000000 
_pdbx_struct_oper_list.matrix[2][3]         0.0000000000 
_pdbx_struct_oper_list.vector[2]            0.0000000000 
_pdbx_struct_oper_list.matrix[3][1]         0.0000000000 
_pdbx_struct_oper_list.matrix[3][2]         0.0000000000 
_pdbx_struct_oper_list.matrix[3][3]         1.0000000000 
_pdbx_struct_oper_list.vector[3]            0.0000000000 
# 
loop_
_pdbx_audit_revision_history.ordinal 
_pdbx_audit_revision_history.data_content_type 
_pdbx_audit_revision_history.major_revision 
_pdbx_audit_revision_history.minor_revision 
_pdbx_audit_revision_history.revision_date 
1 'Structure model' 1 0 2012-12-12 
2 'Structure model' 1 1 2013-02-27 
3 'Structure model' 1 2 2017-11-15 
4 'Structure model' 1 3 2023-09-20 
# 
_pdbx_audit_revision_details.ordinal             1 
_pdbx_audit_revision_details.revision_ordinal    1 
_pdbx_audit_revision_details.data_content_type   'Structure model' 
_pdbx_audit_revision_details.provider            repository 
_pdbx_audit_revision_details.type                'Initial release' 
_pdbx_audit_revision_details.description         ? 
_pdbx_audit_revision_details.details             ? 
# 
loop_
_pdbx_audit_revision_group.ordinal 
_pdbx_audit_revision_group.revision_ordinal 
_pdbx_audit_revision_group.data_content_type 
_pdbx_audit_revision_group.group 
1 2 'Structure model' 'Database references'    
2 3 'Structure model' Advisory                 
3 3 'Structure model' 'Refinement description' 
4 4 'Structure model' Advisory                 
5 4 'Structure model' 'Data collection'        
6 4 'Structure model' 'Database references'    
7 4 'Structure model' 'Refinement description' 
# 
loop_
_pdbx_audit_revision_category.ordinal 
_pdbx_audit_revision_category.revision_ordinal 
_pdbx_audit_revision_category.data_content_type 
_pdbx_audit_revision_category.category 
1 3 'Structure model' pdbx_unobs_or_zero_occ_atoms  
2 3 'Structure model' software                      
3 4 'Structure model' chem_comp_atom                
4 4 'Structure model' chem_comp_bond                
5 4 'Structure model' database_2                    
6 4 'Structure model' pdbx_initial_refinement_model 
7 4 'Structure model' pdbx_unobs_or_zero_occ_atoms  
8 4 'Structure model' struct_ref_seq_dif            
# 
loop_
_pdbx_audit_revision_item.ordinal 
_pdbx_audit_revision_item.revision_ordinal 
_pdbx_audit_revision_item.data_content_type 
_pdbx_audit_revision_item.item 
1 4 'Structure model' '_database_2.pdbx_DOI'                
2 4 'Structure model' '_database_2.pdbx_database_accession' 
3 4 'Structure model' '_struct_ref_seq_dif.details'         
# 
loop_
_software.pdbx_ordinal 
_software.name 
_software.version 
_software.date 
_software.type 
_software.contact_author 
_software.contact_author_email 
_software.classification 
_software.location 
_software.language 
_software.citation_id 
1 DENZO       .       ?                package 'Zbyszek Otwinowski' hkl@hkl-xray.com         'data reduction'  
http://www.hkl-xray.com/                  ?   ? 
2 SCALEPACK   .       ?                package 'Zbyszek Otwinowski' hkl@hkl-xray.com         'data scaling'    
http://www.hkl-xray.com/                  ?   ? 
3 PHENIX      1.7_650 ?                package 'Paul D. Adams'      PDAdams@lbl.gov          refinement        
http://www.phenix-online.org/             C++ ? 
4 PDB_EXTRACT 3.11    'April 22, 2011' package PDB                  deposit@deposit.rcsb.org 'data extraction' 
http://sw-tools.pdb.org/apps/PDB_EXTRACT/ C++ ? 
5 HKL-2000    .       ?                ?       ?                    ?                        'data collection' ? ?   ? 
6 HKL-2000    .       ?                ?       ?                    ?                        'data reduction'  ? ?   ? 
7 HKL-2000    .       ?                ?       ?                    ?                        'data scaling'    ? ?   ? 
8 PHENIX      1.7_650 ?                ?       ?                    ?                        phasing           ? ?   ? 
# 
loop_
_pdbx_validate_close_contact.id 
_pdbx_validate_close_contact.PDB_model_num 
_pdbx_validate_close_contact.auth_atom_id_1 
_pdbx_validate_close_contact.auth_asym_id_1 
_pdbx_validate_close_contact.auth_comp_id_1 
_pdbx_validate_close_contact.auth_seq_id_1 
_pdbx_validate_close_contact.PDB_ins_code_1 
_pdbx_validate_close_contact.label_alt_id_1 
_pdbx_validate_close_contact.auth_atom_id_2 
_pdbx_validate_close_contact.auth_asym_id_2 
_pdbx_validate_close_contact.auth_comp_id_2 
_pdbx_validate_close_contact.auth_seq_id_2 
_pdbx_validate_close_contact.PDB_ins_code_2 
_pdbx_validate_close_contact.label_alt_id_2 
_pdbx_validate_close_contact.dist 
1 1 O   A ASN 117 ? ? O A HOH 255 ? ? 1.94 
2 1 O   A HOH 253 ? ? O A HOH 262 ? ? 2.03 
3 1 O   A HOH 221 ? ? O B HOH 101 ? ? 2.13 
4 1 OE1 A GLU 42  ? ? O A HOH 264 ? ? 2.16 
5 1 OP1 B DC  6   ? ? O B HOH 103 ? ? 2.19 
# 
loop_
_pdbx_validate_rmsd_angle.id 
_pdbx_validate_rmsd_angle.PDB_model_num 
_pdbx_validate_rmsd_angle.auth_atom_id_1 
_pdbx_validate_rmsd_angle.auth_asym_id_1 
_pdbx_validate_rmsd_angle.auth_comp_id_1 
_pdbx_validate_rmsd_angle.auth_seq_id_1 
_pdbx_validate_rmsd_angle.PDB_ins_code_1 
_pdbx_validate_rmsd_angle.label_alt_id_1 
_pdbx_validate_rmsd_angle.auth_atom_id_2 
_pdbx_validate_rmsd_angle.auth_asym_id_2 
_pdbx_validate_rmsd_angle.auth_comp_id_2 
_pdbx_validate_rmsd_angle.auth_seq_id_2 
_pdbx_validate_rmsd_angle.PDB_ins_code_2 
_pdbx_validate_rmsd_angle.label_alt_id_2 
_pdbx_validate_rmsd_angle.auth_atom_id_3 
_pdbx_validate_rmsd_angle.auth_asym_id_3 
_pdbx_validate_rmsd_angle.auth_comp_id_3 
_pdbx_validate_rmsd_angle.auth_seq_id_3 
_pdbx_validate_rmsd_angle.PDB_ins_code_3 
_pdbx_validate_rmsd_angle.label_alt_id_3 
_pdbx_validate_rmsd_angle.angle_value 
_pdbx_validate_rmsd_angle.angle_target_value 
_pdbx_validate_rmsd_angle.angle_deviation 
_pdbx_validate_rmsd_angle.angle_standard_deviation 
_pdbx_validate_rmsd_angle.linker_flag 
1 1 "O4'" B DT 4 ? ? "C1'" B DT 4 ? ? N1 B DT 4 ? ? 110.27 108.30 1.97 0.30 N 
2 1 "O4'" B DT 9 ? ? "C1'" B DT 9 ? ? N1 B DT 9 ? ? 111.52 108.30 3.22 0.30 N 
# 
loop_
_pdbx_validate_torsion.id 
_pdbx_validate_torsion.PDB_model_num 
_pdbx_validate_torsion.auth_comp_id 
_pdbx_validate_torsion.auth_asym_id 
_pdbx_validate_torsion.auth_seq_id 
_pdbx_validate_torsion.PDB_ins_code 
_pdbx_validate_torsion.label_alt_id 
_pdbx_validate_torsion.phi 
_pdbx_validate_torsion.psi 
1 1 SER A 55  ? ? 75.75   91.90   
2 1 ASP A 73  ? ? 53.30   -123.31 
3 1 TYR A 82  ? ? -132.31 -55.98  
4 1 SER A 112 ? ? 58.92   -121.32 
# 
loop_
_pdbx_unobs_or_zero_occ_atoms.id 
_pdbx_unobs_or_zero_occ_atoms.PDB_model_num 
_pdbx_unobs_or_zero_occ_atoms.polymer_flag 
_pdbx_unobs_or_zero_occ_atoms.occupancy_flag 
_pdbx_unobs_or_zero_occ_atoms.auth_asym_id 
_pdbx_unobs_or_zero_occ_atoms.auth_comp_id 
_pdbx_unobs_or_zero_occ_atoms.auth_seq_id 
_pdbx_unobs_or_zero_occ_atoms.PDB_ins_code 
_pdbx_unobs_or_zero_occ_atoms.auth_atom_id 
_pdbx_unobs_or_zero_occ_atoms.label_alt_id 
_pdbx_unobs_or_zero_occ_atoms.label_asym_id 
_pdbx_unobs_or_zero_occ_atoms.label_comp_id 
_pdbx_unobs_or_zero_occ_atoms.label_seq_id 
_pdbx_unobs_or_zero_occ_atoms.label_atom_id 
1 1 Y 0 A CYS 106 ? CA B A CYS 106 CA 
2 1 Y 0 A CYS 106 ? CB B A CYS 106 CB 
3 1 Y 0 A CYS 106 ? SG B A CYS 106 SG 
4 1 Y 1 A SER 112 ? OG ? A SER 112 OG 
5 1 Y 1 A LYS 114 ? CG ? A LYS 114 CG 
6 1 Y 1 A LYS 114 ? CD ? A LYS 114 CD 
7 1 Y 1 A LYS 114 ? CE ? A LYS 114 CE 
8 1 Y 1 A LYS 114 ? NZ ? A LYS 114 NZ 
# 
loop_
_pdbx_unobs_or_zero_occ_residues.id 
_pdbx_unobs_or_zero_occ_residues.PDB_model_num 
_pdbx_unobs_or_zero_occ_residues.polymer_flag 
_pdbx_unobs_or_zero_occ_residues.occupancy_flag 
_pdbx_unobs_or_zero_occ_residues.auth_asym_id 
_pdbx_unobs_or_zero_occ_residues.auth_comp_id 
_pdbx_unobs_or_zero_occ_residues.auth_seq_id 
_pdbx_unobs_or_zero_occ_residues.PDB_ins_code 
_pdbx_unobs_or_zero_occ_residues.label_asym_id 
_pdbx_unobs_or_zero_occ_residues.label_comp_id 
_pdbx_unobs_or_zero_occ_residues.label_seq_id 
1 1 Y 1 A MET 1   ? A MET 1   
2 1 Y 1 A SER 2   ? A SER 2   
3 1 Y 1 A ASP 3   ? A ASP 3   
4 1 Y 1 A GLN 142 ? A GLN 142 
5 1 Y 1 A ASN 143 ? A ASN 143 
# 
loop_
_chem_comp_atom.comp_id 
_chem_comp_atom.atom_id 
_chem_comp_atom.type_symbol 
_chem_comp_atom.pdbx_aromatic_flag 
_chem_comp_atom.pdbx_stereo_config 
_chem_comp_atom.pdbx_ordinal 
ALA N      N N N 1   
ALA CA     C N S 2   
ALA C      C N N 3   
ALA O      O N N 4   
ALA CB     C N N 5   
ALA OXT    O N N 6   
ALA H      H N N 7   
ALA H2     H N N 8   
ALA HA     H N N 9   
ALA HB1    H N N 10  
ALA HB2    H N N 11  
ALA HB3    H N N 12  
ALA HXT    H N N 13  
ARG N      N N N 14  
ARG CA     C N S 15  
ARG C      C N N 16  
ARG O      O N N 17  
ARG CB     C N N 18  
ARG CG     C N N 19  
ARG CD     C N N 20  
ARG NE     N N N 21  
ARG CZ     C N N 22  
ARG NH1    N N N 23  
ARG NH2    N N N 24  
ARG OXT    O N N 25  
ARG H      H N N 26  
ARG H2     H N N 27  
ARG HA     H N N 28  
ARG HB2    H N N 29  
ARG HB3    H N N 30  
ARG HG2    H N N 31  
ARG HG3    H N N 32  
ARG HD2    H N N 33  
ARG HD3    H N N 34  
ARG HE     H N N 35  
ARG HH11   H N N 36  
ARG HH12   H N N 37  
ARG HH21   H N N 38  
ARG HH22   H N N 39  
ARG HXT    H N N 40  
ASN N      N N N 41  
ASN CA     C N S 42  
ASN C      C N N 43  
ASN O      O N N 44  
ASN CB     C N N 45  
ASN CG     C N N 46  
ASN OD1    O N N 47  
ASN ND2    N N N 48  
ASN OXT    O N N 49  
ASN H      H N N 50  
ASN H2     H N N 51  
ASN HA     H N N 52  
ASN HB2    H N N 53  
ASN HB3    H N N 54  
ASN HD21   H N N 55  
ASN HD22   H N N 56  
ASN HXT    H N N 57  
ASP N      N N N 58  
ASP CA     C N S 59  
ASP C      C N N 60  
ASP O      O N N 61  
ASP CB     C N N 62  
ASP CG     C N N 63  
ASP OD1    O N N 64  
ASP OD2    O N N 65  
ASP OXT    O N N 66  
ASP H      H N N 67  
ASP H2     H N N 68  
ASP HA     H N N 69  
ASP HB2    H N N 70  
ASP HB3    H N N 71  
ASP HD2    H N N 72  
ASP HXT    H N N 73  
CYS N      N N N 74  
CYS CA     C N R 75  
CYS C      C N N 76  
CYS O      O N N 77  
CYS CB     C N N 78  
CYS SG     S N N 79  
CYS OXT    O N N 80  
CYS H      H N N 81  
CYS H2     H N N 82  
CYS HA     H N N 83  
CYS HB2    H N N 84  
CYS HB3    H N N 85  
CYS HG     H N N 86  
CYS HXT    H N N 87  
DC  OP3    O N N 88  
DC  P      P N N 89  
DC  OP1    O N N 90  
DC  OP2    O N N 91  
DC  "O5'"  O N N 92  
DC  "C5'"  C N N 93  
DC  "C4'"  C N R 94  
DC  "O4'"  O N N 95  
DC  "C3'"  C N S 96  
DC  "O3'"  O N N 97  
DC  "C2'"  C N N 98  
DC  "C1'"  C N R 99  
DC  N1     N N N 100 
DC  C2     C N N 101 
DC  O2     O N N 102 
DC  N3     N N N 103 
DC  C4     C N N 104 
DC  N4     N N N 105 
DC  C5     C N N 106 
DC  C6     C N N 107 
DC  HOP3   H N N 108 
DC  HOP2   H N N 109 
DC  "H5'"  H N N 110 
DC  "H5''" H N N 111 
DC  "H4'"  H N N 112 
DC  "H3'"  H N N 113 
DC  "HO3'" H N N 114 
DC  "H2'"  H N N 115 
DC  "H2''" H N N 116 
DC  "H1'"  H N N 117 
DC  H41    H N N 118 
DC  H42    H N N 119 
DC  H5     H N N 120 
DC  H6     H N N 121 
DG  OP3    O N N 122 
DG  P      P N N 123 
DG  OP1    O N N 124 
DG  OP2    O N N 125 
DG  "O5'"  O N N 126 
DG  "C5'"  C N N 127 
DG  "C4'"  C N R 128 
DG  "O4'"  O N N 129 
DG  "C3'"  C N S 130 
DG  "O3'"  O N N 131 
DG  "C2'"  C N N 132 
DG  "C1'"  C N R 133 
DG  N9     N Y N 134 
DG  C8     C Y N 135 
DG  N7     N Y N 136 
DG  C5     C Y N 137 
DG  C6     C N N 138 
DG  O6     O N N 139 
DG  N1     N N N 140 
DG  C2     C N N 141 
DG  N2     N N N 142 
DG  N3     N N N 143 
DG  C4     C Y N 144 
DG  HOP3   H N N 145 
DG  HOP2   H N N 146 
DG  "H5'"  H N N 147 
DG  "H5''" H N N 148 
DG  "H4'"  H N N 149 
DG  "H3'"  H N N 150 
DG  "HO3'" H N N 151 
DG  "H2'"  H N N 152 
DG  "H2''" H N N 153 
DG  "H1'"  H N N 154 
DG  H8     H N N 155 
DG  H1     H N N 156 
DG  H21    H N N 157 
DG  H22    H N N 158 
DT  OP3    O N N 159 
DT  P      P N N 160 
DT  OP1    O N N 161 
DT  OP2    O N N 162 
DT  "O5'"  O N N 163 
DT  "C5'"  C N N 164 
DT  "C4'"  C N R 165 
DT  "O4'"  O N N 166 
DT  "C3'"  C N S 167 
DT  "O3'"  O N N 168 
DT  "C2'"  C N N 169 
DT  "C1'"  C N R 170 
DT  N1     N N N 171 
DT  C2     C N N 172 
DT  O2     O N N 173 
DT  N3     N N N 174 
DT  C4     C N N 175 
DT  O4     O N N 176 
DT  C5     C N N 177 
DT  C7     C N N 178 
DT  C6     C N N 179 
DT  HOP3   H N N 180 
DT  HOP2   H N N 181 
DT  "H5'"  H N N 182 
DT  "H5''" H N N 183 
DT  "H4'"  H N N 184 
DT  "H3'"  H N N 185 
DT  "HO3'" H N N 186 
DT  "H2'"  H N N 187 
DT  "H2''" H N N 188 
DT  "H1'"  H N N 189 
DT  H3     H N N 190 
DT  H71    H N N 191 
DT  H72    H N N 192 
DT  H73    H N N 193 
DT  H6     H N N 194 
GLN N      N N N 195 
GLN CA     C N S 196 
GLN C      C N N 197 
GLN O      O N N 198 
GLN CB     C N N 199 
GLN CG     C N N 200 
GLN CD     C N N 201 
GLN OE1    O N N 202 
GLN NE2    N N N 203 
GLN OXT    O N N 204 
GLN H      H N N 205 
GLN H2     H N N 206 
GLN HA     H N N 207 
GLN HB2    H N N 208 
GLN HB3    H N N 209 
GLN HG2    H N N 210 
GLN HG3    H N N 211 
GLN HE21   H N N 212 
GLN HE22   H N N 213 
GLN HXT    H N N 214 
GLU N      N N N 215 
GLU CA     C N S 216 
GLU C      C N N 217 
GLU O      O N N 218 
GLU CB     C N N 219 
GLU CG     C N N 220 
GLU CD     C N N 221 
GLU OE1    O N N 222 
GLU OE2    O N N 223 
GLU OXT    O N N 224 
GLU H      H N N 225 
GLU H2     H N N 226 
GLU HA     H N N 227 
GLU HB2    H N N 228 
GLU HB3    H N N 229 
GLU HG2    H N N 230 
GLU HG3    H N N 231 
GLU HE2    H N N 232 
GLU HXT    H N N 233 
GLY N      N N N 234 
GLY CA     C N N 235 
GLY C      C N N 236 
GLY O      O N N 237 
GLY OXT    O N N 238 
GLY H      H N N 239 
GLY H2     H N N 240 
GLY HA2    H N N 241 
GLY HA3    H N N 242 
GLY HXT    H N N 243 
HIS N      N N N 244 
HIS CA     C N S 245 
HIS C      C N N 246 
HIS O      O N N 247 
HIS CB     C N N 248 
HIS CG     C Y N 249 
HIS ND1    N Y N 250 
HIS CD2    C Y N 251 
HIS CE1    C Y N 252 
HIS NE2    N Y N 253 
HIS OXT    O N N 254 
HIS H      H N N 255 
HIS H2     H N N 256 
HIS HA     H N N 257 
HIS HB2    H N N 258 
HIS HB3    H N N 259 
HIS HD1    H N N 260 
HIS HD2    H N N 261 
HIS HE1    H N N 262 
HIS HE2    H N N 263 
HIS HXT    H N N 264 
HOH O      O N N 265 
HOH H1     H N N 266 
HOH H2     H N N 267 
ILE N      N N N 268 
ILE CA     C N S 269 
ILE C      C N N 270 
ILE O      O N N 271 
ILE CB     C N S 272 
ILE CG1    C N N 273 
ILE CG2    C N N 274 
ILE CD1    C N N 275 
ILE OXT    O N N 276 
ILE H      H N N 277 
ILE H2     H N N 278 
ILE HA     H N N 279 
ILE HB     H N N 280 
ILE HG12   H N N 281 
ILE HG13   H N N 282 
ILE HG21   H N N 283 
ILE HG22   H N N 284 
ILE HG23   H N N 285 
ILE HD11   H N N 286 
ILE HD12   H N N 287 
ILE HD13   H N N 288 
ILE HXT    H N N 289 
LEU N      N N N 290 
LEU CA     C N S 291 
LEU C      C N N 292 
LEU O      O N N 293 
LEU CB     C N N 294 
LEU CG     C N N 295 
LEU CD1    C N N 296 
LEU CD2    C N N 297 
LEU OXT    O N N 298 
LEU H      H N N 299 
LEU H2     H N N 300 
LEU HA     H N N 301 
LEU HB2    H N N 302 
LEU HB3    H N N 303 
LEU HG     H N N 304 
LEU HD11   H N N 305 
LEU HD12   H N N 306 
LEU HD13   H N N 307 
LEU HD21   H N N 308 
LEU HD22   H N N 309 
LEU HD23   H N N 310 
LEU HXT    H N N 311 
LYS N      N N N 312 
LYS CA     C N S 313 
LYS C      C N N 314 
LYS O      O N N 315 
LYS CB     C N N 316 
LYS CG     C N N 317 
LYS CD     C N N 318 
LYS CE     C N N 319 
LYS NZ     N N N 320 
LYS OXT    O N N 321 
LYS H      H N N 322 
LYS H2     H N N 323 
LYS HA     H N N 324 
LYS HB2    H N N 325 
LYS HB3    H N N 326 
LYS HG2    H N N 327 
LYS HG3    H N N 328 
LYS HD2    H N N 329 
LYS HD3    H N N 330 
LYS HE2    H N N 331 
LYS HE3    H N N 332 
LYS HZ1    H N N 333 
LYS HZ2    H N N 334 
LYS HZ3    H N N 335 
LYS HXT    H N N 336 
MET N      N N N 337 
MET CA     C N S 338 
MET C      C N N 339 
MET O      O N N 340 
MET CB     C N N 341 
MET CG     C N N 342 
MET SD     S N N 343 
MET CE     C N N 344 
MET OXT    O N N 345 
MET H      H N N 346 
MET H2     H N N 347 
MET HA     H N N 348 
MET HB2    H N N 349 
MET HB3    H N N 350 
MET HG2    H N N 351 
MET HG3    H N N 352 
MET HE1    H N N 353 
MET HE2    H N N 354 
MET HE3    H N N 355 
MET HXT    H N N 356 
PHE N      N N N 357 
PHE CA     C N S 358 
PHE C      C N N 359 
PHE O      O N N 360 
PHE CB     C N N 361 
PHE CG     C Y N 362 
PHE CD1    C Y N 363 
PHE CD2    C Y N 364 
PHE CE1    C Y N 365 
PHE CE2    C Y N 366 
PHE CZ     C Y N 367 
PHE OXT    O N N 368 
PHE H      H N N 369 
PHE H2     H N N 370 
PHE HA     H N N 371 
PHE HB2    H N N 372 
PHE HB3    H N N 373 
PHE HD1    H N N 374 
PHE HD2    H N N 375 
PHE HE1    H N N 376 
PHE HE2    H N N 377 
PHE HZ     H N N 378 
PHE HXT    H N N 379 
PRO N      N N N 380 
PRO CA     C N S 381 
PRO C      C N N 382 
PRO O      O N N 383 
PRO CB     C N N 384 
PRO CG     C N N 385 
PRO CD     C N N 386 
PRO OXT    O N N 387 
PRO H      H N N 388 
PRO HA     H N N 389 
PRO HB2    H N N 390 
PRO HB3    H N N 391 
PRO HG2    H N N 392 
PRO HG3    H N N 393 
PRO HD2    H N N 394 
PRO HD3    H N N 395 
PRO HXT    H N N 396 
SER N      N N N 397 
SER CA     C N S 398 
SER C      C N N 399 
SER O      O N N 400 
SER CB     C N N 401 
SER OG     O N N 402 
SER OXT    O N N 403 
SER H      H N N 404 
SER H2     H N N 405 
SER HA     H N N 406 
SER HB2    H N N 407 
SER HB3    H N N 408 
SER HG     H N N 409 
SER HXT    H N N 410 
THR N      N N N 411 
THR CA     C N S 412 
THR C      C N N 413 
THR O      O N N 414 
THR CB     C N R 415 
THR OG1    O N N 416 
THR CG2    C N N 417 
THR OXT    O N N 418 
THR H      H N N 419 
THR H2     H N N 420 
THR HA     H N N 421 
THR HB     H N N 422 
THR HG1    H N N 423 
THR HG21   H N N 424 
THR HG22   H N N 425 
THR HG23   H N N 426 
THR HXT    H N N 427 
TRP N      N N N 428 
TRP CA     C N S 429 
TRP C      C N N 430 
TRP O      O N N 431 
TRP CB     C N N 432 
TRP CG     C Y N 433 
TRP CD1    C Y N 434 
TRP CD2    C Y N 435 
TRP NE1    N Y N 436 
TRP CE2    C Y N 437 
TRP CE3    C Y N 438 
TRP CZ2    C Y N 439 
TRP CZ3    C Y N 440 
TRP CH2    C Y N 441 
TRP OXT    O N N 442 
TRP H      H N N 443 
TRP H2     H N N 444 
TRP HA     H N N 445 
TRP HB2    H N N 446 
TRP HB3    H N N 447 
TRP HD1    H N N 448 
TRP HE1    H N N 449 
TRP HE3    H N N 450 
TRP HZ2    H N N 451 
TRP HZ3    H N N 452 
TRP HH2    H N N 453 
TRP HXT    H N N 454 
TYR N      N N N 455 
TYR CA     C N S 456 
TYR C      C N N 457 
TYR O      O N N 458 
TYR CB     C N N 459 
TYR CG     C Y N 460 
TYR CD1    C Y N 461 
TYR CD2    C Y N 462 
TYR CE1    C Y N 463 
TYR CE2    C Y N 464 
TYR CZ     C Y N 465 
TYR OH     O N N 466 
TYR OXT    O N N 467 
TYR H      H N N 468 
TYR H2     H N N 469 
TYR HA     H N N 470 
TYR HB2    H N N 471 
TYR HB3    H N N 472 
TYR HD1    H N N 473 
TYR HD2    H N N 474 
TYR HE1    H N N 475 
TYR HE2    H N N 476 
TYR HH     H N N 477 
TYR HXT    H N N 478 
VAL N      N N N 479 
VAL CA     C N S 480 
VAL C      C N N 481 
VAL O      O N N 482 
VAL CB     C N N 483 
VAL CG1    C N N 484 
VAL CG2    C N N 485 
VAL OXT    O N N 486 
VAL H      H N N 487 
VAL H2     H N N 488 
VAL HA     H N N 489 
VAL HB     H N N 490 
VAL HG11   H N N 491 
VAL HG12   H N N 492 
VAL HG13   H N N 493 
VAL HG21   H N N 494 
VAL HG22   H N N 495 
VAL HG23   H N N 496 
VAL HXT    H N N 497 
# 
loop_
_chem_comp_bond.comp_id 
_chem_comp_bond.atom_id_1 
_chem_comp_bond.atom_id_2 
_chem_comp_bond.value_order 
_chem_comp_bond.pdbx_aromatic_flag 
_chem_comp_bond.pdbx_stereo_config 
_chem_comp_bond.pdbx_ordinal 
ALA N     CA     sing N N 1   
ALA N     H      sing N N 2   
ALA N     H2     sing N N 3   
ALA CA    C      sing N N 4   
ALA CA    CB     sing N N 5   
ALA CA    HA     sing N N 6   
ALA C     O      doub N N 7   
ALA C     OXT    sing N N 8   
ALA CB    HB1    sing N N 9   
ALA CB    HB2    sing N N 10  
ALA CB    HB3    sing N N 11  
ALA OXT   HXT    sing N N 12  
ARG N     CA     sing N N 13  
ARG N     H      sing N N 14  
ARG N     H2     sing N N 15  
ARG CA    C      sing N N 16  
ARG CA    CB     sing N N 17  
ARG CA    HA     sing N N 18  
ARG C     O      doub N N 19  
ARG C     OXT    sing N N 20  
ARG CB    CG     sing N N 21  
ARG CB    HB2    sing N N 22  
ARG CB    HB3    sing N N 23  
ARG CG    CD     sing N N 24  
ARG CG    HG2    sing N N 25  
ARG CG    HG3    sing N N 26  
ARG CD    NE     sing N N 27  
ARG CD    HD2    sing N N 28  
ARG CD    HD3    sing N N 29  
ARG NE    CZ     sing N N 30  
ARG NE    HE     sing N N 31  
ARG CZ    NH1    sing N N 32  
ARG CZ    NH2    doub N N 33  
ARG NH1   HH11   sing N N 34  
ARG NH1   HH12   sing N N 35  
ARG NH2   HH21   sing N N 36  
ARG NH2   HH22   sing N N 37  
ARG OXT   HXT    sing N N 38  
ASN N     CA     sing N N 39  
ASN N     H      sing N N 40  
ASN N     H2     sing N N 41  
ASN CA    C      sing N N 42  
ASN CA    CB     sing N N 43  
ASN CA    HA     sing N N 44  
ASN C     O      doub N N 45  
ASN C     OXT    sing N N 46  
ASN CB    CG     sing N N 47  
ASN CB    HB2    sing N N 48  
ASN CB    HB3    sing N N 49  
ASN CG    OD1    doub N N 50  
ASN CG    ND2    sing N N 51  
ASN ND2   HD21   sing N N 52  
ASN ND2   HD22   sing N N 53  
ASN OXT   HXT    sing N N 54  
ASP N     CA     sing N N 55  
ASP N     H      sing N N 56  
ASP N     H2     sing N N 57  
ASP CA    C      sing N N 58  
ASP CA    CB     sing N N 59  
ASP CA    HA     sing N N 60  
ASP C     O      doub N N 61  
ASP C     OXT    sing N N 62  
ASP CB    CG     sing N N 63  
ASP CB    HB2    sing N N 64  
ASP CB    HB3    sing N N 65  
ASP CG    OD1    doub N N 66  
ASP CG    OD2    sing N N 67  
ASP OD2   HD2    sing N N 68  
ASP OXT   HXT    sing N N 69  
CYS N     CA     sing N N 70  
CYS N     H      sing N N 71  
CYS N     H2     sing N N 72  
CYS CA    C      sing N N 73  
CYS CA    CB     sing N N 74  
CYS CA    HA     sing N N 75  
CYS C     O      doub N N 76  
CYS C     OXT    sing N N 77  
CYS CB    SG     sing N N 78  
CYS CB    HB2    sing N N 79  
CYS CB    HB3    sing N N 80  
CYS SG    HG     sing N N 81  
CYS OXT   HXT    sing N N 82  
DC  OP3   P      sing N N 83  
DC  OP3   HOP3   sing N N 84  
DC  P     OP1    doub N N 85  
DC  P     OP2    sing N N 86  
DC  P     "O5'"  sing N N 87  
DC  OP2   HOP2   sing N N 88  
DC  "O5'" "C5'"  sing N N 89  
DC  "C5'" "C4'"  sing N N 90  
DC  "C5'" "H5'"  sing N N 91  
DC  "C5'" "H5''" sing N N 92  
DC  "C4'" "O4'"  sing N N 93  
DC  "C4'" "C3'"  sing N N 94  
DC  "C4'" "H4'"  sing N N 95  
DC  "O4'" "C1'"  sing N N 96  
DC  "C3'" "O3'"  sing N N 97  
DC  "C3'" "C2'"  sing N N 98  
DC  "C3'" "H3'"  sing N N 99  
DC  "O3'" "HO3'" sing N N 100 
DC  "C2'" "C1'"  sing N N 101 
DC  "C2'" "H2'"  sing N N 102 
DC  "C2'" "H2''" sing N N 103 
DC  "C1'" N1     sing N N 104 
DC  "C1'" "H1'"  sing N N 105 
DC  N1    C2     sing N N 106 
DC  N1    C6     sing N N 107 
DC  C2    O2     doub N N 108 
DC  C2    N3     sing N N 109 
DC  N3    C4     doub N N 110 
DC  C4    N4     sing N N 111 
DC  C4    C5     sing N N 112 
DC  N4    H41    sing N N 113 
DC  N4    H42    sing N N 114 
DC  C5    C6     doub N N 115 
DC  C5    H5     sing N N 116 
DC  C6    H6     sing N N 117 
DG  OP3   P      sing N N 118 
DG  OP3   HOP3   sing N N 119 
DG  P     OP1    doub N N 120 
DG  P     OP2    sing N N 121 
DG  P     "O5'"  sing N N 122 
DG  OP2   HOP2   sing N N 123 
DG  "O5'" "C5'"  sing N N 124 
DG  "C5'" "C4'"  sing N N 125 
DG  "C5'" "H5'"  sing N N 126 
DG  "C5'" "H5''" sing N N 127 
DG  "C4'" "O4'"  sing N N 128 
DG  "C4'" "C3'"  sing N N 129 
DG  "C4'" "H4'"  sing N N 130 
DG  "O4'" "C1'"  sing N N 131 
DG  "C3'" "O3'"  sing N N 132 
DG  "C3'" "C2'"  sing N N 133 
DG  "C3'" "H3'"  sing N N 134 
DG  "O3'" "HO3'" sing N N 135 
DG  "C2'" "C1'"  sing N N 136 
DG  "C2'" "H2'"  sing N N 137 
DG  "C2'" "H2''" sing N N 138 
DG  "C1'" N9     sing N N 139 
DG  "C1'" "H1'"  sing N N 140 
DG  N9    C8     sing Y N 141 
DG  N9    C4     sing Y N 142 
DG  C8    N7     doub Y N 143 
DG  C8    H8     sing N N 144 
DG  N7    C5     sing Y N 145 
DG  C5    C6     sing N N 146 
DG  C5    C4     doub Y N 147 
DG  C6    O6     doub N N 148 
DG  C6    N1     sing N N 149 
DG  N1    C2     sing N N 150 
DG  N1    H1     sing N N 151 
DG  C2    N2     sing N N 152 
DG  C2    N3     doub N N 153 
DG  N2    H21    sing N N 154 
DG  N2    H22    sing N N 155 
DG  N3    C4     sing N N 156 
DT  OP3   P      sing N N 157 
DT  OP3   HOP3   sing N N 158 
DT  P     OP1    doub N N 159 
DT  P     OP2    sing N N 160 
DT  P     "O5'"  sing N N 161 
DT  OP2   HOP2   sing N N 162 
DT  "O5'" "C5'"  sing N N 163 
DT  "C5'" "C4'"  sing N N 164 
DT  "C5'" "H5'"  sing N N 165 
DT  "C5'" "H5''" sing N N 166 
DT  "C4'" "O4'"  sing N N 167 
DT  "C4'" "C3'"  sing N N 168 
DT  "C4'" "H4'"  sing N N 169 
DT  "O4'" "C1'"  sing N N 170 
DT  "C3'" "O3'"  sing N N 171 
DT  "C3'" "C2'"  sing N N 172 
DT  "C3'" "H3'"  sing N N 173 
DT  "O3'" "HO3'" sing N N 174 
DT  "C2'" "C1'"  sing N N 175 
DT  "C2'" "H2'"  sing N N 176 
DT  "C2'" "H2''" sing N N 177 
DT  "C1'" N1     sing N N 178 
DT  "C1'" "H1'"  sing N N 179 
DT  N1    C2     sing N N 180 
DT  N1    C6     sing N N 181 
DT  C2    O2     doub N N 182 
DT  C2    N3     sing N N 183 
DT  N3    C4     sing N N 184 
DT  N3    H3     sing N N 185 
DT  C4    O4     doub N N 186 
DT  C4    C5     sing N N 187 
DT  C5    C7     sing N N 188 
DT  C5    C6     doub N N 189 
DT  C7    H71    sing N N 190 
DT  C7    H72    sing N N 191 
DT  C7    H73    sing N N 192 
DT  C6    H6     sing N N 193 
GLN N     CA     sing N N 194 
GLN N     H      sing N N 195 
GLN N     H2     sing N N 196 
GLN CA    C      sing N N 197 
GLN CA    CB     sing N N 198 
GLN CA    HA     sing N N 199 
GLN C     O      doub N N 200 
GLN C     OXT    sing N N 201 
GLN CB    CG     sing N N 202 
GLN CB    HB2    sing N N 203 
GLN CB    HB3    sing N N 204 
GLN CG    CD     sing N N 205 
GLN CG    HG2    sing N N 206 
GLN CG    HG3    sing N N 207 
GLN CD    OE1    doub N N 208 
GLN CD    NE2    sing N N 209 
GLN NE2   HE21   sing N N 210 
GLN NE2   HE22   sing N N 211 
GLN OXT   HXT    sing N N 212 
GLU N     CA     sing N N 213 
GLU N     H      sing N N 214 
GLU N     H2     sing N N 215 
GLU CA    C      sing N N 216 
GLU CA    CB     sing N N 217 
GLU CA    HA     sing N N 218 
GLU C     O      doub N N 219 
GLU C     OXT    sing N N 220 
GLU CB    CG     sing N N 221 
GLU CB    HB2    sing N N 222 
GLU CB    HB3    sing N N 223 
GLU CG    CD     sing N N 224 
GLU CG    HG2    sing N N 225 
GLU CG    HG3    sing N N 226 
GLU CD    OE1    doub N N 227 
GLU CD    OE2    sing N N 228 
GLU OE2   HE2    sing N N 229 
GLU OXT   HXT    sing N N 230 
GLY N     CA     sing N N 231 
GLY N     H      sing N N 232 
GLY N     H2     sing N N 233 
GLY CA    C      sing N N 234 
GLY CA    HA2    sing N N 235 
GLY CA    HA3    sing N N 236 
GLY C     O      doub N N 237 
GLY C     OXT    sing N N 238 
GLY OXT   HXT    sing N N 239 
HIS N     CA     sing N N 240 
HIS N     H      sing N N 241 
HIS N     H2     sing N N 242 
HIS CA    C      sing N N 243 
HIS CA    CB     sing N N 244 
HIS CA    HA     sing N N 245 
HIS C     O      doub N N 246 
HIS C     OXT    sing N N 247 
HIS CB    CG     sing N N 248 
HIS CB    HB2    sing N N 249 
HIS CB    HB3    sing N N 250 
HIS CG    ND1    sing Y N 251 
HIS CG    CD2    doub Y N 252 
HIS ND1   CE1    doub Y N 253 
HIS ND1   HD1    sing N N 254 
HIS CD2   NE2    sing Y N 255 
HIS CD2   HD2    sing N N 256 
HIS CE1   NE2    sing Y N 257 
HIS CE1   HE1    sing N N 258 
HIS NE2   HE2    sing N N 259 
HIS OXT   HXT    sing N N 260 
HOH O     H1     sing N N 261 
HOH O     H2     sing N N 262 
ILE N     CA     sing N N 263 
ILE N     H      sing N N 264 
ILE N     H2     sing N N 265 
ILE CA    C      sing N N 266 
ILE CA    CB     sing N N 267 
ILE CA    HA     sing N N 268 
ILE C     O      doub N N 269 
ILE C     OXT    sing N N 270 
ILE CB    CG1    sing N N 271 
ILE CB    CG2    sing N N 272 
ILE CB    HB     sing N N 273 
ILE CG1   CD1    sing N N 274 
ILE CG1   HG12   sing N N 275 
ILE CG1   HG13   sing N N 276 
ILE CG2   HG21   sing N N 277 
ILE CG2   HG22   sing N N 278 
ILE CG2   HG23   sing N N 279 
ILE CD1   HD11   sing N N 280 
ILE CD1   HD12   sing N N 281 
ILE CD1   HD13   sing N N 282 
ILE OXT   HXT    sing N N 283 
LEU N     CA     sing N N 284 
LEU N     H      sing N N 285 
LEU N     H2     sing N N 286 
LEU CA    C      sing N N 287 
LEU CA    CB     sing N N 288 
LEU CA    HA     sing N N 289 
LEU C     O      doub N N 290 
LEU C     OXT    sing N N 291 
LEU CB    CG     sing N N 292 
LEU CB    HB2    sing N N 293 
LEU CB    HB3    sing N N 294 
LEU CG    CD1    sing N N 295 
LEU CG    CD2    sing N N 296 
LEU CG    HG     sing N N 297 
LEU CD1   HD11   sing N N 298 
LEU CD1   HD12   sing N N 299 
LEU CD1   HD13   sing N N 300 
LEU CD2   HD21   sing N N 301 
LEU CD2   HD22   sing N N 302 
LEU CD2   HD23   sing N N 303 
LEU OXT   HXT    sing N N 304 
LYS N     CA     sing N N 305 
LYS N     H      sing N N 306 
LYS N     H2     sing N N 307 
LYS CA    C      sing N N 308 
LYS CA    CB     sing N N 309 
LYS CA    HA     sing N N 310 
LYS C     O      doub N N 311 
LYS C     OXT    sing N N 312 
LYS CB    CG     sing N N 313 
LYS CB    HB2    sing N N 314 
LYS CB    HB3    sing N N 315 
LYS CG    CD     sing N N 316 
LYS CG    HG2    sing N N 317 
LYS CG    HG3    sing N N 318 
LYS CD    CE     sing N N 319 
LYS CD    HD2    sing N N 320 
LYS CD    HD3    sing N N 321 
LYS CE    NZ     sing N N 322 
LYS CE    HE2    sing N N 323 
LYS CE    HE3    sing N N 324 
LYS NZ    HZ1    sing N N 325 
LYS NZ    HZ2    sing N N 326 
LYS NZ    HZ3    sing N N 327 
LYS OXT   HXT    sing N N 328 
MET N     CA     sing N N 329 
MET N     H      sing N N 330 
MET N     H2     sing N N 331 
MET CA    C      sing N N 332 
MET CA    CB     sing N N 333 
MET CA    HA     sing N N 334 
MET C     O      doub N N 335 
MET C     OXT    sing N N 336 
MET CB    CG     sing N N 337 
MET CB    HB2    sing N N 338 
MET CB    HB3    sing N N 339 
MET CG    SD     sing N N 340 
MET CG    HG2    sing N N 341 
MET CG    HG3    sing N N 342 
MET SD    CE     sing N N 343 
MET CE    HE1    sing N N 344 
MET CE    HE2    sing N N 345 
MET CE    HE3    sing N N 346 
MET OXT   HXT    sing N N 347 
PHE N     CA     sing N N 348 
PHE N     H      sing N N 349 
PHE N     H2     sing N N 350 
PHE CA    C      sing N N 351 
PHE CA    CB     sing N N 352 
PHE CA    HA     sing N N 353 
PHE C     O      doub N N 354 
PHE C     OXT    sing N N 355 
PHE CB    CG     sing N N 356 
PHE CB    HB2    sing N N 357 
PHE CB    HB3    sing N N 358 
PHE CG    CD1    doub Y N 359 
PHE CG    CD2    sing Y N 360 
PHE CD1   CE1    sing Y N 361 
PHE CD1   HD1    sing N N 362 
PHE CD2   CE2    doub Y N 363 
PHE CD2   HD2    sing N N 364 
PHE CE1   CZ     doub Y N 365 
PHE CE1   HE1    sing N N 366 
PHE CE2   CZ     sing Y N 367 
PHE CE2   HE2    sing N N 368 
PHE CZ    HZ     sing N N 369 
PHE OXT   HXT    sing N N 370 
PRO N     CA     sing N N 371 
PRO N     CD     sing N N 372 
PRO N     H      sing N N 373 
PRO CA    C      sing N N 374 
PRO CA    CB     sing N N 375 
PRO CA    HA     sing N N 376 
PRO C     O      doub N N 377 
PRO C     OXT    sing N N 378 
PRO CB    CG     sing N N 379 
PRO CB    HB2    sing N N 380 
PRO CB    HB3    sing N N 381 
PRO CG    CD     sing N N 382 
PRO CG    HG2    sing N N 383 
PRO CG    HG3    sing N N 384 
PRO CD    HD2    sing N N 385 
PRO CD    HD3    sing N N 386 
PRO OXT   HXT    sing N N 387 
SER N     CA     sing N N 388 
SER N     H      sing N N 389 
SER N     H2     sing N N 390 
SER CA    C      sing N N 391 
SER CA    CB     sing N N 392 
SER CA    HA     sing N N 393 
SER C     O      doub N N 394 
SER C     OXT    sing N N 395 
SER CB    OG     sing N N 396 
SER CB    HB2    sing N N 397 
SER CB    HB3    sing N N 398 
SER OG    HG     sing N N 399 
SER OXT   HXT    sing N N 400 
THR N     CA     sing N N 401 
THR N     H      sing N N 402 
THR N     H2     sing N N 403 
THR CA    C      sing N N 404 
THR CA    CB     sing N N 405 
THR CA    HA     sing N N 406 
THR C     O      doub N N 407 
THR C     OXT    sing N N 408 
THR CB    OG1    sing N N 409 
THR CB    CG2    sing N N 410 
THR CB    HB     sing N N 411 
THR OG1   HG1    sing N N 412 
THR CG2   HG21   sing N N 413 
THR CG2   HG22   sing N N 414 
THR CG2   HG23   sing N N 415 
THR OXT   HXT    sing N N 416 
TRP N     CA     sing N N 417 
TRP N     H      sing N N 418 
TRP N     H2     sing N N 419 
TRP CA    C      sing N N 420 
TRP CA    CB     sing N N 421 
TRP CA    HA     sing N N 422 
TRP C     O      doub N N 423 
TRP C     OXT    sing N N 424 
TRP CB    CG     sing N N 425 
TRP CB    HB2    sing N N 426 
TRP CB    HB3    sing N N 427 
TRP CG    CD1    doub Y N 428 
TRP CG    CD2    sing Y N 429 
TRP CD1   NE1    sing Y N 430 
TRP CD1   HD1    sing N N 431 
TRP CD2   CE2    doub Y N 432 
TRP CD2   CE3    sing Y N 433 
TRP NE1   CE2    sing Y N 434 
TRP NE1   HE1    sing N N 435 
TRP CE2   CZ2    sing Y N 436 
TRP CE3   CZ3    doub Y N 437 
TRP CE3   HE3    sing N N 438 
TRP CZ2   CH2    doub Y N 439 
TRP CZ2   HZ2    sing N N 440 
TRP CZ3   CH2    sing Y N 441 
TRP CZ3   HZ3    sing N N 442 
TRP CH2   HH2    sing N N 443 
TRP OXT   HXT    sing N N 444 
TYR N     CA     sing N N 445 
TYR N     H      sing N N 446 
TYR N     H2     sing N N 447 
TYR CA    C      sing N N 448 
TYR CA    CB     sing N N 449 
TYR CA    HA     sing N N 450 
TYR C     O      doub N N 451 
TYR C     OXT    sing N N 452 
TYR CB    CG     sing N N 453 
TYR CB    HB2    sing N N 454 
TYR CB    HB3    sing N N 455 
TYR CG    CD1    doub Y N 456 
TYR CG    CD2    sing Y N 457 
TYR CD1   CE1    sing Y N 458 
TYR CD1   HD1    sing N N 459 
TYR CD2   CE2    doub Y N 460 
TYR CD2   HD2    sing N N 461 
TYR CE1   CZ     doub Y N 462 
TYR CE1   HE1    sing N N 463 
TYR CE2   CZ     sing Y N 464 
TYR CE2   HE2    sing N N 465 
TYR CZ    OH     sing N N 466 
TYR OH    HH     sing N N 467 
TYR OXT   HXT    sing N N 468 
VAL N     CA     sing N N 469 
VAL N     H      sing N N 470 
VAL N     H2     sing N N 471 
VAL CA    C      sing N N 472 
VAL CA    CB     sing N N 473 
VAL CA    HA     sing N N 474 
VAL C     O      doub N N 475 
VAL C     OXT    sing N N 476 
VAL CB    CG1    sing N N 477 
VAL CB    CG2    sing N N 478 
VAL CB    HB     sing N N 479 
VAL CG1   HG11   sing N N 480 
VAL CG1   HG12   sing N N 481 
VAL CG1   HG13   sing N N 482 
VAL CG2   HG21   sing N N 483 
VAL CG2   HG22   sing N N 484 
VAL CG2   HG23   sing N N 485 
VAL OXT   HXT    sing N N 486 
# 
_pdbx_entity_nonpoly.entity_id   3 
_pdbx_entity_nonpoly.name        water 
_pdbx_entity_nonpoly.comp_id     HOH 
# 
_pdbx_initial_refinement_model.id               1 
_pdbx_initial_refinement_model.entity_id_list   ? 
_pdbx_initial_refinement_model.type             'experimental model' 
_pdbx_initial_refinement_model.source_name      PDB 
_pdbx_initial_refinement_model.accession_code   4HIK 
_pdbx_initial_refinement_model.details          ? 
# 
